data_7KOX
#
_entry.id   7KOX
#
_cell.length_a   1.00
_cell.length_b   1.00
_cell.length_c   1.00
_cell.angle_alpha   90.00
_cell.angle_beta   90.00
_cell.angle_gamma   90.00
#
_symmetry.space_group_name_H-M   'P 1'
#
loop_
_entity.id
_entity.type
_entity.pdbx_description
1 polymer 'Neuronal acetylcholine receptor subunit alpha-7,Soluble cytochrome b562 fusion'
2 branched 2-acetamido-2-deoxy-beta-D-glucopyranose-(1-4)-2-acetamido-2-deoxy-beta-D-glucopyranose
3 non-polymer 2-acetamido-2-deoxy-beta-D-glucopyranose
4 non-polymer EPIBATIDINE
5 non-polymer 'CALCIUM ION'
6 water water
#
_entity_poly.entity_id   1
_entity_poly.type   'polypeptide(L)'
_entity_poly.pdbx_seq_one_letter_code
;EFQRKLYKELVKNYNPLERPVANDSQPLTVYFSLSLLQIMDVDEKNQVLTTNIWLQMSWTDHYLQWNVSEYPGVKTVRFP
DGQIWKPDILLYNSADERFDATFHTNVLVNSSGHCQYLPPGIFKSSCYIDVRWFPFDVQHCKLKFGSWSYGGWSLDLQMQ
EADISGYIPNGEWDLVGIPGKRSERFYECCKEPYPDVTFTVTMRRRTLYYGLNLLIPCVLISALALLVFLLPADSGEKIS
LGITVLLSLTVFMLLVAEIMPATSDSVPLIAQYFASTMIIVGLSVVVTVIVLQYHHHDPDGGKMPKWTRVILLNWCAWFL
RMKRPGEDKVRPACQHKQRRCSLASVEMAGAMADLEDNWETLNDNLKVIEKADNAAQVKDALTKMRAAALDAQKATPPKL
EDKSPDSPEMKDFRHGFDILVGQIDDALKLANEGKVKEAQAAAEQLKTTRNAYIQKYLCGRMACSPTHDEHLLHGGQPPE
GDPDLAKILEEVRYIANRFRCQDESEAVCSEWKFAACVVDRLCLMAFSVFTIICTIGILMSAPNFVEAVSKDFAWSHPQF
EK
;
_entity_poly.pdbx_strand_id   A,B,C,D,E
#
loop_
_chem_comp.id
_chem_comp.type
_chem_comp.name
_chem_comp.formula
CA non-polymer 'CALCIUM ION' 'Ca 2'
EPJ non-polymer EPIBATIDINE 'C11 H13 Cl N2'
NAG D-saccharide, beta linking 2-acetamido-2-deoxy-beta-D-glucopyranose 'C8 H15 N O6'
#
# COMPACT_ATOMS: atom_id res chain seq x y z
N GLU A 1 53.29 -3.18 -19.09
CA GLU A 1 54.57 -2.42 -19.09
C GLU A 1 54.36 -0.99 -19.57
N PHE A 2 54.19 -0.85 -20.88
CA PHE A 2 53.98 0.48 -21.44
C PHE A 2 52.73 1.13 -20.89
N GLN A 3 51.74 0.31 -20.53
CA GLN A 3 50.54 0.85 -19.90
C GLN A 3 50.86 1.51 -18.57
N ARG A 4 51.71 0.88 -17.76
CA ARG A 4 52.11 1.46 -16.49
C ARG A 4 52.86 2.77 -16.69
N LYS A 5 53.80 2.77 -17.64
CA LYS A 5 54.57 3.97 -17.93
C LYS A 5 53.69 5.09 -18.44
N LEU A 6 52.66 4.76 -19.22
CA LEU A 6 51.74 5.76 -19.74
C LEU A 6 50.87 6.33 -18.63
N TYR A 7 50.32 5.47 -17.78
CA TYR A 7 49.50 5.93 -16.68
C TYR A 7 50.29 6.82 -15.74
N LYS A 8 51.56 6.48 -15.49
CA LYS A 8 52.39 7.34 -14.67
C LYS A 8 52.65 8.67 -15.35
N GLU A 9 52.88 8.64 -16.67
CA GLU A 9 53.21 9.87 -17.39
C GLU A 9 52.02 10.83 -17.43
N LEU A 10 50.80 10.32 -17.59
CA LEU A 10 49.67 11.20 -17.83
C LEU A 10 49.27 11.99 -16.59
N VAL A 11 49.44 11.42 -15.41
CA VAL A 11 48.96 12.02 -14.18
C VAL A 11 50.05 12.80 -13.45
N LYS A 12 51.10 13.20 -14.18
CA LYS A 12 52.20 13.92 -13.54
C LYS A 12 51.69 15.19 -12.87
N ASN A 13 51.13 16.11 -13.67
CA ASN A 13 50.63 17.38 -13.16
C ASN A 13 49.16 17.58 -13.48
N TYR A 14 48.43 16.51 -13.75
CA TYR A 14 47.03 16.62 -14.11
C TYR A 14 46.21 17.11 -12.92
N ASN A 15 45.28 18.01 -13.20
CA ASN A 15 44.36 18.52 -12.18
C ASN A 15 42.94 18.25 -12.62
N PRO A 16 42.19 17.38 -11.94
CA PRO A 16 40.81 17.12 -12.37
C PRO A 16 39.92 18.33 -12.35
N LEU A 17 40.27 19.36 -11.58
CA LEU A 17 39.48 20.57 -11.56
C LEU A 17 39.68 21.41 -12.81
N GLU A 18 40.79 21.22 -13.51
CA GLU A 18 41.12 22.03 -14.66
C GLU A 18 40.26 21.63 -15.85
N ARG A 19 39.67 22.63 -16.50
CA ARG A 19 38.97 22.39 -17.74
C ARG A 19 40.00 22.09 -18.82
N PRO A 20 39.96 20.94 -19.47
CA PRO A 20 41.05 20.54 -20.37
C PRO A 20 40.99 21.17 -21.75
N VAL A 21 41.50 22.39 -21.85
CA VAL A 21 41.58 23.12 -23.11
C VAL A 21 42.93 23.80 -23.18
N ALA A 22 43.52 23.78 -24.38
CA ALA A 22 44.78 24.48 -24.57
C ALA A 22 44.61 25.99 -24.41
N ASN A 23 43.50 26.52 -24.90
CA ASN A 23 43.17 27.94 -24.81
C ASN A 23 42.09 28.09 -23.75
N ASP A 24 42.47 28.62 -22.59
CA ASP A 24 41.53 28.76 -21.50
C ASP A 24 40.41 29.73 -21.84
N SER A 25 40.64 30.65 -22.78
CA SER A 25 39.60 31.58 -23.19
C SER A 25 38.55 30.95 -24.07
N GLN A 26 38.87 29.86 -24.72
CA GLN A 26 37.90 29.21 -25.58
C GLN A 26 37.04 28.23 -24.79
N PRO A 27 35.81 28.00 -25.22
CA PRO A 27 34.97 27.00 -24.57
C PRO A 27 35.36 25.60 -24.99
N LEU A 28 34.87 24.63 -24.23
CA LEU A 28 35.11 23.22 -24.48
C LEU A 28 33.86 22.61 -25.10
N THR A 29 34.03 21.95 -26.23
CA THR A 29 32.91 21.35 -26.93
C THR A 29 32.63 19.97 -26.36
N VAL A 30 31.40 19.76 -25.91
CA VAL A 30 30.97 18.48 -25.34
C VAL A 30 29.75 18.02 -26.13
N TYR A 31 29.87 16.87 -26.78
CA TYR A 31 28.77 16.29 -27.53
C TYR A 31 28.03 15.35 -26.58
N PHE A 32 26.82 15.76 -26.18
CA PHE A 32 25.99 14.98 -25.26
C PHE A 32 24.84 14.35 -26.02
N SER A 33 24.68 13.05 -25.83
CA SER A 33 23.67 12.24 -26.49
C SER A 33 23.11 11.25 -25.48
N LEU A 34 22.17 10.43 -25.93
CA LEU A 34 21.43 9.55 -25.03
C LEU A 34 21.08 8.27 -25.74
N SER A 35 20.97 7.19 -24.97
CA SER A 35 20.59 5.88 -25.48
C SER A 35 19.53 5.31 -24.55
N LEU A 36 18.31 5.20 -25.05
CA LEU A 36 17.18 4.73 -24.25
C LEU A 36 17.07 3.22 -24.37
N LEU A 37 17.08 2.53 -23.24
CA LEU A 37 17.04 1.07 -23.24
C LEU A 37 15.68 0.51 -22.90
N GLN A 38 14.96 1.17 -21.98
CA GLN A 38 13.70 0.62 -21.50
C GLN A 38 12.97 1.68 -20.70
N ILE A 39 11.68 1.81 -20.94
CA ILE A 39 10.81 2.62 -20.11
C ILE A 39 10.31 1.73 -18.98
N MET A 40 10.79 1.99 -17.77
CA MET A 40 10.54 1.09 -16.66
C MET A 40 9.22 1.35 -15.97
N ASP A 41 8.78 2.60 -15.90
CA ASP A 41 7.51 2.86 -15.24
C ASP A 41 7.02 4.26 -15.57
N VAL A 42 5.71 4.43 -15.51
CA VAL A 42 5.06 5.73 -15.64
C VAL A 42 4.05 5.82 -14.51
N ASP A 43 4.46 6.43 -13.40
CA ASP A 43 3.57 6.64 -12.26
C ASP A 43 2.76 7.90 -12.55
N GLU A 44 1.58 7.70 -13.11
CA GLU A 44 0.68 8.81 -13.39
C GLU A 44 0.21 9.46 -12.10
N LYS A 45 0.17 8.71 -11.01
CA LYS A 45 -0.27 9.26 -9.74
C LYS A 45 0.67 10.36 -9.27
N ASN A 46 1.97 10.09 -9.28
CA ASN A 46 2.97 11.07 -8.88
C ASN A 46 3.58 11.80 -10.07
N GLN A 47 3.14 11.50 -11.28
CA GLN A 47 3.65 12.17 -12.48
C GLN A 47 5.16 11.98 -12.59
N VAL A 48 5.58 10.71 -12.54
CA VAL A 48 6.99 10.36 -12.58
C VAL A 48 7.23 9.36 -13.71
N LEU A 49 8.35 9.52 -14.39
CA LEU A 49 8.76 8.62 -15.47
C LEU A 49 10.08 7.98 -15.07
N THR A 50 10.09 6.66 -14.99
CA THR A 50 11.28 5.91 -14.61
C THR A 50 11.82 5.20 -15.85
N THR A 51 13.02 5.59 -16.26
CA THR A 51 13.62 5.13 -17.49
C THR A 51 15.00 4.56 -17.21
N ASN A 52 15.45 3.70 -18.12
CA ASN A 52 16.82 3.21 -18.13
C ASN A 52 17.53 3.81 -19.34
N ILE A 53 18.58 4.57 -19.10
CA ILE A 53 19.26 5.26 -20.18
C ILE A 53 20.76 5.26 -19.95
N TRP A 54 21.50 5.22 -21.04
CA TRP A 54 22.95 5.42 -21.06
C TRP A 54 23.22 6.79 -21.65
N LEU A 55 23.82 7.68 -20.87
CA LEU A 55 24.26 8.94 -21.41
C LEU A 55 25.45 8.72 -22.33
N GLN A 56 25.79 9.75 -23.11
CA GLN A 56 26.93 9.71 -24.00
C GLN A 56 27.56 11.08 -24.04
N MET A 57 28.63 11.27 -23.27
CA MET A 57 29.41 12.49 -23.30
C MET A 57 30.69 12.21 -24.06
N SER A 58 30.96 13.02 -25.09
CA SER A 58 32.19 12.90 -25.86
C SER A 58 32.86 14.27 -25.87
N TRP A 59 34.13 14.31 -25.50
CA TRP A 59 34.85 15.58 -25.51
C TRP A 59 36.32 15.30 -25.79
N THR A 60 37.14 16.33 -25.60
CA THR A 60 38.55 16.26 -25.93
C THR A 60 39.38 16.76 -24.76
N ASP A 61 40.39 16.00 -24.38
CA ASP A 61 41.32 16.37 -23.31
C ASP A 61 42.67 16.65 -23.93
N HIS A 62 43.11 17.90 -23.87
CA HIS A 62 44.36 18.30 -24.49
C HIS A 62 45.58 17.67 -23.83
N TYR A 63 45.45 17.26 -22.58
CA TYR A 63 46.60 16.75 -21.84
C TYR A 63 46.75 15.24 -21.93
N LEU A 64 45.68 14.52 -22.22
CA LEU A 64 45.72 13.06 -22.36
C LEU A 64 45.95 12.70 -23.82
N GLN A 65 47.20 12.92 -24.26
CA GLN A 65 47.59 12.63 -25.63
C GLN A 65 48.94 11.94 -25.60
N TRP A 66 49.01 10.74 -26.18
CA TRP A 66 50.24 9.98 -26.29
C TRP A 66 50.43 9.53 -27.73
N ASN A 67 51.59 8.95 -27.98
CA ASN A 67 51.98 8.48 -29.31
C ASN A 67 52.06 6.95 -29.25
N VAL A 68 51.28 6.27 -30.10
CA VAL A 68 51.15 4.82 -29.98
C VAL A 68 52.51 4.15 -30.18
N SER A 69 53.34 4.72 -31.06
CA SER A 69 54.67 4.15 -31.26
C SER A 69 55.49 4.21 -29.97
N GLU A 70 55.37 5.30 -29.22
CA GLU A 70 56.09 5.42 -27.96
C GLU A 70 55.59 4.41 -26.94
N TYR A 71 54.29 4.09 -26.98
CA TYR A 71 53.66 3.15 -26.06
C TYR A 71 52.91 2.10 -26.88
N PRO A 72 53.64 1.14 -27.46
CA PRO A 72 52.97 0.16 -28.32
C PRO A 72 52.00 -0.73 -27.55
N GLY A 73 50.91 -1.08 -28.22
CA GLY A 73 49.95 -2.02 -27.67
C GLY A 73 48.89 -1.41 -26.78
N VAL A 74 48.94 -0.11 -26.52
CA VAL A 74 47.96 0.56 -25.69
C VAL A 74 47.37 1.71 -26.50
N LYS A 75 46.15 1.52 -26.97
CA LYS A 75 45.42 2.53 -27.71
C LYS A 75 44.34 3.20 -26.87
N THR A 76 44.16 2.78 -25.63
CA THR A 76 43.11 3.32 -24.79
C THR A 76 43.54 3.28 -23.34
N VAL A 77 42.93 4.15 -22.55
CA VAL A 77 43.09 4.14 -21.10
C VAL A 77 41.75 4.48 -20.47
N ARG A 78 41.62 4.09 -19.20
CA ARG A 78 40.40 4.29 -18.43
C ARG A 78 40.73 5.07 -17.17
N PHE A 79 39.89 6.04 -16.85
CA PHE A 79 40.09 6.91 -15.69
C PHE A 79 38.78 7.02 -14.92
N PRO A 80 38.73 6.64 -13.65
CA PRO A 80 37.47 6.71 -12.90
C PRO A 80 37.08 8.13 -12.51
N ASP A 81 36.03 8.22 -11.70
CA ASP A 81 35.35 9.49 -11.43
C ASP A 81 36.33 10.60 -11.10
N GLY A 82 37.06 10.45 -10.01
CA GLY A 82 37.82 11.55 -9.44
C GLY A 82 39.24 11.72 -9.94
N GLN A 83 39.66 10.93 -10.92
CA GLN A 83 41.05 11.01 -11.38
C GLN A 83 41.24 11.98 -12.52
N ILE A 84 40.19 12.33 -13.26
CA ILE A 84 40.28 13.30 -14.34
C ILE A 84 38.99 14.12 -14.38
N TRP A 85 38.95 15.05 -15.32
CA TRP A 85 37.86 16.00 -15.43
C TRP A 85 36.69 15.39 -16.19
N LYS A 86 35.51 15.48 -15.60
CA LYS A 86 34.27 15.12 -16.26
C LYS A 86 33.30 16.28 -16.15
N PRO A 87 32.48 16.52 -17.17
CA PRO A 87 31.48 17.58 -17.06
C PRO A 87 30.45 17.25 -16.00
N ASP A 88 29.98 18.29 -15.33
CA ASP A 88 28.98 18.15 -14.27
C ASP A 88 27.57 18.16 -14.86
N ILE A 89 27.36 17.31 -15.85
CA ILE A 89 26.07 17.24 -16.52
C ILE A 89 25.11 16.40 -15.70
N LEU A 90 23.89 16.88 -15.54
CA LEU A 90 22.90 16.19 -14.74
C LEU A 90 21.51 16.54 -15.25
N LEU A 91 20.51 15.91 -14.65
CA LEU A 91 19.12 16.02 -15.05
C LEU A 91 18.44 17.06 -14.16
N TYR A 92 18.01 18.16 -14.78
CA TYR A 92 17.38 19.23 -14.01
C TYR A 92 16.09 18.77 -13.36
N ASN A 93 15.20 18.19 -14.16
CA ASN A 93 13.87 17.80 -13.69
C ASN A 93 13.89 16.36 -13.15
N SER A 94 14.76 16.15 -12.18
CA SER A 94 14.91 14.85 -11.55
C SER A 94 13.99 14.73 -10.35
N ALA A 95 13.58 13.51 -10.07
CA ALA A 95 12.72 13.18 -8.93
C ALA A 95 13.28 12.02 -8.13
N ASP A 96 14.60 11.81 -8.18
CA ASP A 96 15.20 10.58 -7.68
C ASP A 96 15.32 10.55 -6.17
N GLU A 97 15.30 11.72 -5.53
CA GLU A 97 15.50 12.06 -4.12
C GLU A 97 16.97 11.87 -3.73
N ARG A 98 17.82 11.44 -4.66
CA ARG A 98 19.25 11.73 -4.60
C ARG A 98 19.65 12.79 -5.62
N PHE A 99 18.79 13.06 -6.60
CA PHE A 99 18.97 14.06 -7.64
C PHE A 99 20.10 13.73 -8.61
N ASP A 100 20.69 12.53 -8.50
CA ASP A 100 21.64 12.07 -9.51
C ASP A 100 21.65 10.55 -9.45
N ALA A 101 21.11 9.92 -10.49
CA ALA A 101 21.00 8.48 -10.54
C ALA A 101 22.11 7.82 -11.35
N THR A 102 23.05 8.61 -11.89
CA THR A 102 24.11 8.04 -12.69
C THR A 102 24.99 7.14 -11.84
N PHE A 103 25.31 5.97 -12.38
CA PHE A 103 26.34 5.11 -11.81
C PHE A 103 27.66 5.51 -12.45
N HIS A 104 28.53 6.12 -11.66
CA HIS A 104 29.78 6.64 -12.20
C HIS A 104 30.67 5.50 -12.67
N THR A 105 31.02 5.52 -13.94
CA THR A 105 31.84 4.50 -14.56
C THR A 105 33.14 5.12 -15.03
N ASN A 106 33.93 4.32 -15.74
CA ASN A 106 35.22 4.75 -16.21
C ASN A 106 35.08 5.64 -17.44
N VAL A 107 36.00 6.57 -17.59
CA VAL A 107 36.11 7.42 -18.76
C VAL A 107 37.17 6.84 -19.68
N LEU A 108 36.80 6.61 -20.93
CA LEU A 108 37.65 5.98 -21.91
C LEU A 108 38.32 7.05 -22.77
N VAL A 109 39.63 6.93 -22.96
CA VAL A 109 40.43 7.95 -23.61
C VAL A 109 41.36 7.28 -24.62
N ASN A 110 41.56 7.93 -25.76
CA ASN A 110 42.42 7.42 -26.82
C ASN A 110 43.50 8.43 -27.17
N SER A 111 44.49 8.06 -27.99
CA SER A 111 45.69 8.92 -28.13
C SER A 111 45.38 10.35 -28.52
N SER A 112 44.39 10.56 -29.37
CA SER A 112 44.05 11.91 -29.79
C SER A 112 43.46 12.74 -28.67
N GLY A 113 43.12 12.12 -27.54
CA GLY A 113 42.53 12.81 -26.43
C GLY A 113 41.03 12.78 -26.39
N HIS A 114 40.38 12.04 -27.29
CA HIS A 114 38.94 11.97 -27.30
C HIS A 114 38.44 11.11 -26.16
N CYS A 115 37.70 11.71 -25.25
CA CYS A 115 37.22 11.05 -24.05
C CYS A 115 35.74 10.73 -24.20
N GLN A 116 35.38 9.49 -23.89
CA GLN A 116 34.02 9.00 -23.90
C GLN A 116 33.58 8.73 -22.47
N TYR A 117 32.31 8.99 -22.18
CA TYR A 117 31.75 8.72 -20.86
C TYR A 117 30.30 8.33 -21.05
N LEU A 118 29.97 7.10 -20.71
CA LEU A 118 28.64 6.53 -20.92
C LEU A 118 28.09 6.01 -19.61
N PRO A 119 27.74 6.90 -18.69
CA PRO A 119 27.20 6.48 -17.42
C PRO A 119 25.78 6.02 -17.56
N PRO A 120 25.46 4.81 -17.11
CA PRO A 120 24.08 4.34 -17.13
C PRO A 120 23.29 4.89 -15.96
N GLY A 121 21.97 4.76 -16.06
CA GLY A 121 21.12 5.26 -15.01
C GLY A 121 19.67 4.86 -15.07
N ILE A 122 19.12 4.63 -13.88
CA ILE A 122 17.68 4.52 -13.66
C ILE A 122 17.22 5.93 -13.30
N PHE A 123 16.86 6.69 -14.31
CA PHE A 123 16.49 8.08 -14.13
C PHE A 123 15.00 8.21 -13.84
N LYS A 124 14.68 8.91 -12.76
CA LYS A 124 13.31 9.25 -12.40
C LYS A 124 13.13 10.73 -12.68
N SER A 125 12.28 11.04 -13.64
CA SER A 125 12.04 12.41 -14.08
C SER A 125 10.61 12.80 -13.79
N SER A 126 10.39 14.10 -13.65
CA SER A 126 9.06 14.66 -13.43
C SER A 126 8.51 15.13 -14.76
N CYS A 127 7.43 14.51 -15.21
CA CYS A 127 6.79 14.87 -16.47
C CYS A 127 5.29 15.01 -16.27
N TYR A 128 4.72 16.04 -16.86
CA TYR A 128 3.30 16.31 -16.69
C TYR A 128 2.48 15.31 -17.48
N ILE A 129 1.53 14.67 -16.81
CA ILE A 129 0.72 13.62 -17.39
C ILE A 129 -0.62 14.21 -17.78
N ASP A 130 -0.99 14.07 -19.04
CA ASP A 130 -2.27 14.55 -19.55
C ASP A 130 -3.23 13.38 -19.66
N VAL A 131 -4.32 13.46 -18.91
CA VAL A 131 -5.34 12.41 -18.88
C VAL A 131 -6.65 12.88 -19.50
N ARG A 132 -6.63 14.03 -20.18
CA ARG A 132 -7.84 14.53 -20.82
C ARG A 132 -8.44 13.49 -21.76
N TRP A 133 -7.60 12.89 -22.62
CA TRP A 133 -8.04 11.91 -23.59
C TRP A 133 -7.77 10.49 -23.15
N PHE A 134 -7.88 10.23 -21.85
CA PHE A 134 -7.66 8.90 -21.32
C PHE A 134 -8.70 7.92 -21.89
N PRO A 135 -8.32 6.66 -22.13
CA PRO A 135 -6.97 6.08 -22.05
C PRO A 135 -6.21 6.12 -23.36
N PHE A 136 -6.80 6.74 -24.38
CA PHE A 136 -6.14 6.90 -25.69
C PHE A 136 -5.34 8.20 -25.68
N ASP A 137 -4.29 8.20 -24.86
CA ASP A 137 -3.51 9.39 -24.60
C ASP A 137 -2.05 9.17 -24.98
N VAL A 138 -1.41 10.24 -25.45
CA VAL A 138 0.02 10.27 -25.73
C VAL A 138 0.66 11.24 -24.74
N GLN A 139 1.81 10.86 -24.21
CA GLN A 139 2.52 11.65 -23.23
C GLN A 139 3.85 12.11 -23.81
N HIS A 140 4.14 13.39 -23.64
CA HIS A 140 5.40 14.02 -24.03
C HIS A 140 6.13 14.33 -22.73
N CYS A 141 6.90 13.38 -22.24
CA CYS A 141 7.62 13.54 -20.98
C CYS A 141 9.04 13.99 -21.28
N LYS A 142 9.48 15.05 -20.61
CA LYS A 142 10.72 15.73 -20.94
C LYS A 142 11.86 15.25 -20.05
N LEU A 143 13.06 15.26 -20.61
CA LEU A 143 14.30 15.00 -19.88
C LEU A 143 15.25 16.14 -20.20
N LYS A 144 15.49 17.01 -19.24
CA LYS A 144 16.31 18.20 -19.43
C LYS A 144 17.66 17.96 -18.80
N PHE A 145 18.69 17.85 -19.63
CA PHE A 145 20.05 17.61 -19.18
C PHE A 145 20.88 18.86 -19.41
N GLY A 146 21.78 19.12 -18.48
CA GLY A 146 22.63 20.28 -18.64
C GLY A 146 23.73 20.29 -17.61
N SER A 147 24.72 21.14 -17.88
CA SER A 147 25.81 21.35 -16.94
C SER A 147 25.37 22.33 -15.86
N TRP A 148 25.76 22.04 -14.62
CA TRP A 148 25.30 22.84 -13.51
C TRP A 148 26.13 24.11 -13.35
N SER A 149 27.44 24.00 -13.38
CA SER A 149 28.33 25.11 -13.08
C SER A 149 29.10 25.62 -14.29
N TYR A 150 29.05 24.93 -15.42
CA TYR A 150 29.77 25.34 -16.62
C TYR A 150 28.78 25.94 -17.61
N GLY A 151 29.06 27.17 -18.03
CA GLY A 151 28.20 27.88 -18.95
C GLY A 151 28.67 27.82 -20.39
N GLY A 152 27.96 28.54 -21.24
CA GLY A 152 28.26 28.53 -22.66
C GLY A 152 29.66 29.02 -22.97
N TRP A 153 30.12 30.02 -22.21
CA TRP A 153 31.47 30.53 -22.42
C TRP A 153 32.53 29.54 -22.02
N SER A 154 32.17 28.47 -21.31
CA SER A 154 33.11 27.46 -20.86
C SER A 154 32.79 26.06 -21.34
N LEU A 155 31.55 25.81 -21.78
CA LEU A 155 31.14 24.46 -22.16
C LEU A 155 30.09 24.57 -23.26
N ASP A 156 30.51 24.37 -24.50
CA ASP A 156 29.62 24.39 -25.66
C ASP A 156 28.98 23.03 -25.80
N LEU A 157 27.82 22.86 -25.16
CA LEU A 157 27.16 21.56 -25.07
C LEU A 157 26.34 21.32 -26.33
N GLN A 158 26.89 20.51 -27.24
CA GLN A 158 26.19 20.15 -28.46
C GLN A 158 25.34 18.91 -28.25
N MET A 159 24.41 18.70 -29.19
CA MET A 159 23.45 17.61 -29.12
C MET A 159 23.62 16.69 -30.32
N GLN A 160 23.65 15.40 -30.06
CA GLN A 160 23.57 14.35 -31.07
C GLN A 160 22.30 13.53 -30.85
N GLU A 161 21.67 13.10 -31.95
CA GLU A 161 20.36 12.48 -31.83
C GLU A 161 20.41 11.26 -30.92
N ALA A 162 19.30 11.04 -30.22
CA ALA A 162 19.20 9.93 -29.29
C ALA A 162 19.16 8.60 -30.03
N ASP A 163 19.57 7.56 -29.32
CA ASP A 163 19.73 6.23 -29.87
C ASP A 163 18.67 5.31 -29.27
N ILE A 164 17.86 4.69 -30.12
CA ILE A 164 16.83 3.75 -29.69
C ILE A 164 17.05 2.36 -30.30
N SER A 165 18.25 2.13 -30.82
CA SER A 165 18.54 0.84 -31.46
C SER A 165 18.42 -0.30 -30.47
N GLY A 166 18.84 -0.08 -29.23
CA GLY A 166 18.78 -1.07 -28.17
C GLY A 166 17.54 -1.01 -27.31
N TYR A 167 16.56 -0.20 -27.69
CA TYR A 167 15.36 -0.03 -26.88
C TYR A 167 14.52 -1.31 -26.86
N ILE A 168 13.95 -1.60 -25.71
CA ILE A 168 13.12 -2.78 -25.48
C ILE A 168 11.68 -2.31 -25.29
N PRO A 169 10.73 -2.73 -26.14
CA PRO A 169 9.34 -2.27 -25.96
C PRO A 169 8.82 -2.62 -24.58
N ASN A 170 8.15 -1.64 -23.96
CA ASN A 170 7.62 -1.86 -22.62
C ASN A 170 6.44 -2.82 -22.63
N GLY A 171 5.54 -2.66 -23.60
CA GLY A 171 4.36 -3.48 -23.71
C GLY A 171 3.10 -2.71 -23.36
N GLU A 172 3.16 -1.91 -22.31
CA GLU A 172 2.06 -1.02 -21.96
C GLU A 172 2.18 0.35 -22.63
N TRP A 173 3.36 0.68 -23.14
CA TRP A 173 3.60 1.95 -23.82
C TRP A 173 4.33 1.71 -25.12
N ASP A 174 4.08 2.58 -26.09
CA ASP A 174 4.68 2.50 -27.42
C ASP A 174 5.49 3.77 -27.64
N LEU A 175 6.76 3.61 -27.99
CA LEU A 175 7.70 4.73 -28.08
C LEU A 175 7.59 5.34 -29.47
N VAL A 176 6.81 6.42 -29.58
CA VAL A 176 6.67 7.12 -30.85
C VAL A 176 7.99 7.76 -31.25
N GLY A 177 8.66 8.41 -30.31
CA GLY A 177 9.92 9.06 -30.62
C GLY A 177 10.59 9.61 -29.39
N ILE A 178 11.80 10.12 -29.59
CA ILE A 178 12.57 10.75 -28.52
C ILE A 178 13.40 11.87 -29.12
N PRO A 179 12.78 12.89 -29.73
CA PRO A 179 13.55 13.96 -30.35
C PRO A 179 14.24 14.85 -29.34
N GLY A 180 15.35 15.44 -29.77
CA GLY A 180 16.13 16.30 -28.91
C GLY A 180 16.15 17.75 -29.36
N LYS A 181 16.39 18.66 -28.43
CA LYS A 181 16.42 20.08 -28.72
C LYS A 181 17.46 20.74 -27.83
N ARG A 182 18.41 21.43 -28.44
CA ARG A 182 19.44 22.16 -27.71
C ARG A 182 19.04 23.62 -27.64
N SER A 183 18.93 24.14 -26.42
CA SER A 183 18.46 25.51 -26.21
C SER A 183 19.40 26.26 -25.29
N GLU A 184 19.55 27.55 -25.57
CA GLU A 184 20.36 28.45 -24.76
C GLU A 184 19.43 29.30 -23.90
N ARG A 185 19.63 29.27 -22.59
CA ARG A 185 18.75 29.97 -21.67
C ARG A 185 19.56 30.76 -20.66
N PHE A 186 18.93 31.80 -20.06
CA PHE A 186 19.53 32.61 -18.97
C PHE A 186 18.63 32.39 -17.75
N TYR A 187 19.13 32.55 -16.52
CA TYR A 187 18.36 32.27 -15.27
C TYR A 187 18.42 33.53 -14.39
N GLU A 188 17.46 33.77 -13.47
CA GLU A 188 17.65 34.89 -12.50
C GLU A 188 18.69 34.47 -11.45
N CYS A 189 19.85 34.01 -11.90
CA CYS A 189 20.89 33.70 -10.92
C CYS A 189 22.26 34.20 -11.32
N CYS A 190 22.56 34.26 -12.61
CA CYS A 190 23.90 34.20 -13.14
C CYS A 190 23.99 34.99 -14.44
N LYS A 191 25.14 35.54 -14.81
CA LYS A 191 25.23 36.45 -15.99
C LYS A 191 25.52 35.68 -17.29
N GLU A 192 25.85 34.39 -17.19
CA GLU A 192 26.28 33.58 -18.35
C GLU A 192 25.12 32.72 -18.84
N PRO A 193 24.89 32.50 -20.15
CA PRO A 193 23.90 31.53 -20.63
C PRO A 193 24.33 30.12 -20.32
N TYR A 194 23.36 29.30 -19.93
CA TYR A 194 23.62 27.90 -19.59
C TYR A 194 22.84 27.01 -20.55
N PRO A 195 23.49 26.46 -21.58
CA PRO A 195 22.77 25.64 -22.54
C PRO A 195 22.28 24.35 -21.92
N ASP A 196 21.21 23.84 -22.53
CA ASP A 196 20.60 22.59 -22.10
C ASP A 196 20.21 21.77 -23.31
N VAL A 197 20.08 20.47 -23.09
CA VAL A 197 19.61 19.54 -24.09
C VAL A 197 18.38 18.85 -23.54
N THR A 198 17.26 19.00 -24.22
CA THR A 198 15.99 18.47 -23.75
C THR A 198 15.56 17.38 -24.72
N PHE A 199 15.44 16.16 -24.22
CA PHE A 199 14.95 15.02 -24.99
C PHE A 199 13.50 14.76 -24.60
N THR A 200 12.61 14.77 -25.56
CA THR A 200 11.17 14.70 -25.32
C THR A 200 10.67 13.31 -25.68
N VAL A 201 10.59 12.45 -24.66
CA VAL A 201 10.08 11.10 -24.87
C VAL A 201 8.60 11.21 -25.19
N THR A 202 8.24 10.97 -26.45
CA THR A 202 6.86 10.99 -26.89
C THR A 202 6.41 9.55 -27.06
N MET A 203 5.49 9.12 -26.21
CA MET A 203 5.05 7.74 -26.20
C MET A 203 3.54 7.66 -26.10
N ARG A 204 2.98 6.64 -26.75
CA ARG A 204 1.54 6.44 -26.84
C ARG A 204 1.15 5.21 -26.02
N ARG A 205 0.00 5.28 -25.37
CA ARG A 205 -0.46 4.20 -24.52
C ARG A 205 -1.12 3.11 -25.34
N ARG A 206 -0.98 1.88 -24.87
CA ARG A 206 -1.60 0.72 -25.47
C ARG A 206 -2.89 0.40 -24.75
N THR A 207 -3.93 0.09 -25.52
CA THR A 207 -5.29 0.07 -24.99
C THR A 207 -5.96 -1.29 -25.05
N LEU A 208 -5.31 -2.32 -25.59
CA LEU A 208 -5.91 -3.65 -25.58
C LEU A 208 -6.21 -4.10 -24.16
N TYR A 209 -5.21 -3.99 -23.28
CA TYR A 209 -5.43 -4.32 -21.89
C TYR A 209 -6.59 -3.53 -21.31
N TYR A 210 -6.57 -2.21 -21.47
CA TYR A 210 -7.66 -1.41 -20.92
C TYR A 210 -8.91 -1.55 -21.78
N GLY A 211 -8.77 -2.05 -23.01
CA GLY A 211 -9.94 -2.26 -23.84
C GLY A 211 -10.79 -3.43 -23.37
N LEU A 212 -10.15 -4.50 -22.91
CA LEU A 212 -10.89 -5.66 -22.41
C LEU A 212 -11.07 -5.69 -20.91
N ASN A 213 -10.17 -5.09 -20.16
CA ASN A 213 -10.35 -4.99 -18.72
C ASN A 213 -11.34 -3.91 -18.31
N LEU A 214 -11.23 -2.71 -18.89
CA LEU A 214 -11.96 -1.54 -18.42
C LEU A 214 -13.16 -1.20 -19.28
N LEU A 215 -12.99 -1.10 -20.61
CA LEU A 215 -14.04 -0.58 -21.46
C LEU A 215 -15.22 -1.55 -21.56
N ILE A 216 -14.94 -2.86 -21.59
CA ILE A 216 -16.04 -3.84 -21.58
C ILE A 216 -16.96 -3.65 -20.38
N PRO A 217 -16.45 -3.60 -19.15
CA PRO A 217 -17.33 -3.25 -18.01
C PRO A 217 -18.06 -1.95 -18.21
N CYS A 218 -17.42 -0.95 -18.81
CA CYS A 218 -18.06 0.35 -19.00
C CYS A 218 -19.27 0.24 -19.91
N VAL A 219 -19.12 -0.48 -21.02
CA VAL A 219 -20.25 -0.67 -21.94
C VAL A 219 -21.36 -1.45 -21.24
N LEU A 220 -20.97 -2.41 -20.40
CA LEU A 220 -21.96 -3.11 -19.59
C LEU A 220 -22.75 -2.14 -18.70
N ILE A 221 -22.03 -1.24 -18.04
CA ILE A 221 -22.69 -0.28 -17.15
C ILE A 221 -23.64 0.60 -17.95
N SER A 222 -23.20 1.06 -19.13
CA SER A 222 -24.04 1.89 -19.96
C SER A 222 -25.31 1.17 -20.38
N ALA A 223 -25.17 -0.10 -20.78
CA ALA A 223 -26.33 -0.87 -21.20
C ALA A 223 -27.28 -1.08 -20.02
N LEU A 224 -26.74 -1.36 -18.83
CA LEU A 224 -27.60 -1.53 -17.66
C LEU A 224 -28.33 -0.23 -17.33
N ALA A 225 -27.66 0.90 -17.48
CA ALA A 225 -28.30 2.18 -17.22
C ALA A 225 -29.44 2.43 -18.20
N LEU A 226 -29.21 2.13 -19.50
CA LEU A 226 -30.26 2.27 -20.54
C LEU A 226 -31.42 1.34 -20.17
N LEU A 227 -31.12 0.11 -19.71
CA LEU A 227 -32.17 -0.81 -19.29
C LEU A 227 -32.98 -0.21 -18.14
N VAL A 228 -32.30 0.36 -17.15
CA VAL A 228 -32.97 1.02 -16.04
C VAL A 228 -33.93 2.08 -16.56
N PHE A 229 -33.47 2.90 -17.52
CA PHE A 229 -34.27 4.03 -18.09
C PHE A 229 -35.42 3.50 -18.95
N LEU A 230 -35.36 2.23 -19.37
CA LEU A 230 -36.45 1.62 -20.19
C LEU A 230 -37.57 1.04 -19.31
N LEU A 231 -37.28 0.59 -18.07
CA LEU A 231 -38.28 -0.02 -17.21
C LEU A 231 -39.27 1.04 -16.70
N PRO A 232 -40.56 0.71 -16.61
CA PRO A 232 -41.53 1.69 -16.10
C PRO A 232 -41.43 1.86 -14.60
N ALA A 233 -42.08 2.90 -14.06
CA ALA A 233 -42.02 3.22 -12.61
C ALA A 233 -42.57 2.05 -11.79
N ASP A 234 -43.64 1.40 -12.27
CA ASP A 234 -44.24 0.28 -11.55
C ASP A 234 -43.37 -0.97 -11.57
N SER A 235 -42.31 -1.01 -12.37
CA SER A 235 -41.42 -2.16 -12.38
C SER A 235 -40.86 -2.40 -11.00
N GLY A 236 -40.89 -3.67 -10.57
CA GLY A 236 -40.44 -3.99 -9.23
C GLY A 236 -38.96 -3.77 -9.03
N GLU A 237 -38.15 -4.14 -10.02
CA GLU A 237 -36.70 -4.11 -9.88
C GLU A 237 -36.05 -2.91 -10.56
N LYS A 238 -36.83 -1.93 -11.02
CA LYS A 238 -36.28 -0.71 -11.70
C LYS A 238 -35.60 0.19 -10.67
N ILE A 239 -36.02 0.14 -9.41
CA ILE A 239 -35.46 1.03 -8.36
C ILE A 239 -34.23 0.30 -7.84
N SER A 240 -34.29 -1.03 -7.68
CA SER A 240 -33.16 -1.81 -7.21
C SER A 240 -32.04 -1.83 -8.23
N LEU A 241 -32.37 -2.01 -9.51
CA LEU A 241 -31.34 -2.03 -10.53
C LEU A 241 -30.66 -0.68 -10.66
N GLY A 242 -31.43 0.40 -10.58
CA GLY A 242 -30.82 1.72 -10.60
C GLY A 242 -29.83 1.90 -9.46
N ILE A 243 -30.22 1.50 -8.26
CA ILE A 243 -29.35 1.64 -7.09
C ILE A 243 -28.08 0.81 -7.27
N THR A 244 -28.24 -0.43 -7.70
CA THR A 244 -27.08 -1.31 -7.85
C THR A 244 -26.13 -0.81 -8.92
N VAL A 245 -26.68 -0.36 -10.05
CA VAL A 245 -25.87 0.19 -11.13
C VAL A 245 -25.15 1.43 -10.64
N LEU A 246 -25.83 2.28 -9.88
CA LEU A 246 -25.18 3.42 -9.23
C LEU A 246 -23.95 3.01 -8.43
N LEU A 247 -24.12 2.05 -7.53
CA LEU A 247 -23.00 1.69 -6.69
C LEU A 247 -21.85 1.12 -7.50
N SER A 248 -22.15 0.28 -8.49
CA SER A 248 -21.09 -0.27 -9.34
C SER A 248 -20.37 0.84 -10.08
N LEU A 249 -21.13 1.79 -10.66
CA LEU A 249 -20.52 2.87 -11.41
C LEU A 249 -19.60 3.66 -10.52
N THR A 250 -20.05 3.94 -9.28
CA THR A 250 -19.23 4.73 -8.35
C THR A 250 -17.94 4.00 -8.03
N VAL A 251 -18.04 2.70 -7.71
CA VAL A 251 -16.83 1.91 -7.45
C VAL A 251 -15.87 2.03 -8.61
N PHE A 252 -16.40 1.97 -9.83
CA PHE A 252 -15.54 1.92 -11.01
C PHE A 252 -14.93 3.29 -11.30
N MET A 253 -15.65 4.37 -10.94
CA MET A 253 -15.06 5.71 -10.95
C MET A 253 -13.90 5.81 -9.96
N LEU A 254 -14.09 5.28 -8.76
CA LEU A 254 -12.98 5.21 -7.80
C LEU A 254 -11.81 4.41 -8.34
N LEU A 255 -12.09 3.35 -9.09
CA LEU A 255 -11.00 2.61 -9.73
C LEU A 255 -10.24 3.52 -10.69
N VAL A 256 -10.96 4.29 -11.50
CA VAL A 256 -10.30 5.21 -12.42
C VAL A 256 -9.45 6.21 -11.63
N ALA A 257 -9.99 6.72 -10.52
CA ALA A 257 -9.27 7.72 -9.74
C ALA A 257 -8.04 7.13 -9.06
N GLU A 258 -8.04 5.83 -8.78
CA GLU A 258 -6.89 5.22 -8.13
C GLU A 258 -5.63 5.36 -8.98
N ILE A 259 -5.77 5.25 -10.31
CA ILE A 259 -4.61 5.25 -11.19
C ILE A 259 -4.38 6.59 -11.89
N MET A 260 -5.19 7.61 -11.60
CA MET A 260 -5.16 8.92 -12.24
C MET A 260 -4.76 10.00 -11.25
N PRO A 261 -4.00 11.00 -11.68
CA PRO A 261 -3.58 12.06 -10.75
C PRO A 261 -4.74 13.00 -10.41
N ALA A 262 -4.52 13.79 -9.35
CA ALA A 262 -5.51 14.74 -8.88
C ALA A 262 -5.36 16.10 -9.52
N THR A 263 -4.51 16.21 -10.54
CA THR A 263 -4.34 17.45 -11.28
C THR A 263 -5.67 17.94 -11.84
N SER A 264 -5.91 19.25 -11.70
CA SER A 264 -7.17 19.87 -12.09
C SER A 264 -7.11 20.57 -13.44
N ASP A 265 -6.00 20.42 -14.17
CA ASP A 265 -5.87 21.04 -15.49
C ASP A 265 -6.78 20.38 -16.53
N SER A 266 -7.31 19.20 -16.23
CA SER A 266 -8.19 18.50 -17.15
C SER A 266 -8.87 17.37 -16.38
N VAL A 267 -9.87 16.77 -17.01
CA VAL A 267 -10.62 15.69 -16.38
C VAL A 267 -10.68 14.51 -17.36
N PRO A 268 -10.47 13.28 -16.90
CA PRO A 268 -10.65 12.14 -17.79
C PRO A 268 -12.08 12.11 -18.35
N LEU A 269 -12.18 12.01 -19.67
CA LEU A 269 -13.51 11.90 -20.29
C LEU A 269 -14.27 10.70 -19.79
N ILE A 270 -13.58 9.59 -19.56
CA ILE A 270 -14.29 8.43 -19.04
C ILE A 270 -14.94 8.78 -17.70
N ALA A 271 -14.19 9.45 -16.82
CA ALA A 271 -14.76 9.82 -15.52
C ALA A 271 -15.86 10.85 -15.65
N GLN A 272 -15.71 11.79 -16.59
CA GLN A 272 -16.76 12.78 -16.80
C GLN A 272 -18.06 12.12 -17.26
N TYR A 273 -17.95 11.18 -18.19
CA TYR A 273 -19.12 10.42 -18.63
C TYR A 273 -19.72 9.63 -17.47
N PHE A 274 -18.85 9.04 -16.65
CA PHE A 274 -19.30 8.37 -15.44
C PHE A 274 -20.20 9.30 -14.62
N ALA A 275 -19.66 10.45 -14.25
CA ALA A 275 -20.39 11.36 -13.37
C ALA A 275 -21.67 11.83 -14.03
N SER A 276 -21.63 12.09 -15.33
CA SER A 276 -22.84 12.53 -16.03
C SER A 276 -23.93 11.47 -15.94
N THR A 277 -23.68 10.29 -16.50
CA THR A 277 -24.69 9.24 -16.44
C THR A 277 -25.05 8.90 -15.01
N MET A 278 -24.13 9.15 -14.07
CA MET A 278 -24.40 8.89 -12.66
C MET A 278 -25.48 9.81 -12.13
N ILE A 279 -25.32 11.12 -12.37
CA ILE A 279 -26.34 12.06 -11.93
C ILE A 279 -27.64 11.79 -12.65
N ILE A 280 -27.56 11.39 -13.93
CA ILE A 280 -28.77 11.16 -14.71
C ILE A 280 -29.57 9.99 -14.12
N VAL A 281 -28.89 8.86 -13.87
CA VAL A 281 -29.57 7.69 -13.34
C VAL A 281 -30.05 7.94 -11.91
N GLY A 282 -29.25 8.63 -11.10
CA GLY A 282 -29.67 8.95 -9.75
C GLY A 282 -30.87 9.85 -9.71
N LEU A 283 -30.90 10.86 -10.59
CA LEU A 283 -32.08 11.71 -10.73
C LEU A 283 -33.29 10.91 -11.14
N SER A 284 -33.10 9.94 -12.04
CA SER A 284 -34.22 9.08 -12.52
C SER A 284 -34.69 8.18 -11.39
N VAL A 285 -33.78 7.59 -10.61
CA VAL A 285 -34.17 6.70 -9.48
C VAL A 285 -34.93 7.56 -8.48
N VAL A 286 -34.42 8.76 -8.19
CA VAL A 286 -35.05 9.69 -7.21
C VAL A 286 -36.44 10.06 -7.72
N VAL A 287 -36.57 10.37 -9.02
CA VAL A 287 -37.88 10.85 -9.55
C VAL A 287 -38.86 9.69 -9.43
N THR A 288 -38.40 8.47 -9.77
CA THR A 288 -39.33 7.33 -9.73
C THR A 288 -39.77 7.15 -8.29
N VAL A 289 -38.86 7.27 -7.32
CA VAL A 289 -39.17 7.08 -5.88
C VAL A 289 -40.17 8.14 -5.41
N ILE A 290 -40.00 9.42 -5.77
CA ILE A 290 -40.95 10.51 -5.34
C ILE A 290 -42.30 10.24 -5.99
N VAL A 291 -42.35 9.77 -7.23
CA VAL A 291 -43.61 9.47 -7.95
C VAL A 291 -44.30 8.28 -7.27
N LEU A 292 -43.53 7.31 -6.78
CA LEU A 292 -44.10 6.04 -6.25
C LEU A 292 -44.61 6.17 -4.81
N GLN A 293 -44.12 7.14 -4.00
CA GLN A 293 -44.55 7.24 -2.60
C GLN A 293 -45.32 8.50 -2.24
N TYR A 294 -45.17 9.59 -2.99
CA TYR A 294 -45.92 10.82 -2.72
C TYR A 294 -47.13 10.99 -3.62
N HIS A 295 -47.01 10.62 -4.89
CA HIS A 295 -48.12 10.73 -5.85
C HIS A 295 -49.06 9.54 -5.81
N HIS A 296 -48.70 8.47 -5.09
CA HIS A 296 -49.48 7.23 -5.18
C HIS A 296 -50.90 7.42 -4.70
N HIS A 297 -51.08 8.07 -3.54
CA HIS A 297 -52.39 8.11 -2.91
C HIS A 297 -53.40 8.86 -3.77
N ASP A 298 -53.01 10.00 -4.34
CA ASP A 298 -53.93 10.85 -5.06
C ASP A 298 -53.64 10.80 -6.55
N PRO A 299 -54.66 10.68 -7.41
CA PRO A 299 -54.41 10.73 -8.86
C PRO A 299 -53.87 12.07 -9.31
N ASP A 300 -54.08 13.14 -8.54
CA ASP A 300 -53.54 14.46 -8.82
C ASP A 300 -52.82 15.00 -7.58
N GLY A 301 -52.02 14.17 -6.94
CA GLY A 301 -51.29 14.56 -5.75
C GLY A 301 -50.00 15.29 -6.08
N GLY A 302 -49.25 14.76 -7.04
CA GLY A 302 -48.06 15.43 -7.54
C GLY A 302 -48.36 16.59 -8.45
N LYS A 303 -49.61 16.71 -8.91
CA LYS A 303 -50.04 17.83 -9.73
C LYS A 303 -50.50 19.02 -8.92
N MET A 304 -50.60 18.92 -7.58
CA MET A 304 -50.94 20.13 -6.84
C MET A 304 -49.97 21.28 -7.00
N PRO A 305 -48.67 21.12 -6.84
CA PRO A 305 -47.80 22.26 -7.06
C PRO A 305 -48.05 22.82 -8.46
N LYS A 306 -48.24 24.14 -8.52
CA LYS A 306 -48.57 24.79 -9.78
C LYS A 306 -47.46 24.54 -10.82
N TRP A 307 -46.21 24.70 -10.41
CA TRP A 307 -45.07 24.67 -11.33
C TRP A 307 -44.86 23.27 -11.90
N THR A 308 -44.82 22.26 -11.02
CA THR A 308 -44.56 20.90 -11.47
C THR A 308 -45.57 20.48 -12.53
N ARG A 309 -46.85 20.73 -12.24
CA ARG A 309 -47.93 20.30 -13.12
C ARG A 309 -47.87 21.02 -14.46
N VAL A 310 -47.80 22.36 -14.45
CA VAL A 310 -47.84 23.07 -15.72
C VAL A 310 -46.66 22.65 -16.58
N ILE A 311 -45.47 22.57 -15.96
CA ILE A 311 -44.29 22.12 -16.71
C ILE A 311 -44.63 20.84 -17.46
N LEU A 312 -44.96 19.78 -16.71
CA LEU A 312 -45.13 18.48 -17.36
C LEU A 312 -46.22 18.54 -18.42
N LEU A 313 -47.39 19.09 -18.06
CA LEU A 313 -48.55 18.98 -18.93
C LEU A 313 -48.36 19.76 -20.22
N ASN A 314 -48.03 21.05 -20.12
CA ASN A 314 -47.92 21.84 -21.34
C ASN A 314 -46.72 21.41 -22.17
N TRP A 315 -45.60 21.05 -21.53
CA TRP A 315 -44.46 20.59 -22.29
C TRP A 315 -44.76 19.30 -23.03
N CYS A 316 -45.53 18.40 -22.40
CA CYS A 316 -45.92 17.17 -23.08
C CYS A 316 -46.85 17.46 -24.25
N ALA A 317 -47.80 18.37 -24.06
CA ALA A 317 -48.69 18.74 -25.16
C ALA A 317 -47.90 19.28 -26.34
N TRP A 318 -46.90 20.13 -26.07
CA TRP A 318 -46.06 20.65 -27.14
C TRP A 318 -45.21 19.55 -27.77
N PHE A 319 -44.70 18.63 -26.96
CA PHE A 319 -43.77 17.61 -27.41
C PHE A 319 -44.46 16.45 -28.13
N LEU A 320 -45.78 16.32 -28.01
CA LEU A 320 -46.51 15.24 -28.67
C LEU A 320 -47.62 15.80 -29.54
N ILE A 488 -81.51 -12.68 2.76
CA ILE A 488 -80.37 -13.28 2.07
C ILE A 488 -79.87 -12.33 0.99
N LEU A 489 -80.80 -11.68 0.30
CA LEU A 489 -80.43 -10.79 -0.79
C LEU A 489 -79.59 -9.61 -0.30
N GLU A 490 -79.96 -9.02 0.84
CA GLU A 490 -79.21 -7.89 1.36
C GLU A 490 -77.80 -8.29 1.80
N GLU A 491 -77.67 -9.50 2.32
CA GLU A 491 -76.35 -10.02 2.70
C GLU A 491 -75.42 -10.06 1.51
N VAL A 492 -75.87 -10.68 0.42
CA VAL A 492 -75.09 -10.74 -0.80
C VAL A 492 -74.87 -9.33 -1.33
N ARG A 493 -75.84 -8.43 -1.14
CA ARG A 493 -75.65 -7.04 -1.52
C ARG A 493 -74.41 -6.46 -0.85
N TYR A 494 -74.34 -6.58 0.47
CA TYR A 494 -73.21 -6.00 1.19
C TYR A 494 -71.89 -6.61 0.73
N ILE A 495 -71.81 -7.94 0.71
CA ILE A 495 -70.53 -8.57 0.42
C ILE A 495 -70.12 -8.30 -1.02
N ALA A 496 -71.06 -8.36 -1.96
CA ALA A 496 -70.75 -8.08 -3.36
C ALA A 496 -70.30 -6.63 -3.53
N ASN A 497 -70.94 -5.70 -2.83
CA ASN A 497 -70.53 -4.30 -2.93
C ASN A 497 -69.11 -4.11 -2.43
N ARG A 498 -68.75 -4.75 -1.30
CA ARG A 498 -67.39 -4.59 -0.81
C ARG A 498 -66.38 -5.25 -1.73
N PHE A 499 -66.75 -6.38 -2.35
CA PHE A 499 -65.84 -7.01 -3.31
C PHE A 499 -65.68 -6.14 -4.56
N ARG A 500 -66.75 -5.49 -5.00
CA ARG A 500 -66.64 -4.55 -6.11
C ARG A 500 -65.73 -3.39 -5.75
N CYS A 501 -65.81 -2.92 -4.50
CA CYS A 501 -64.89 -1.87 -4.05
C CYS A 501 -63.45 -2.35 -4.10
N GLN A 502 -63.20 -3.59 -3.68
CA GLN A 502 -61.86 -4.16 -3.79
C GLN A 502 -61.38 -4.14 -5.24
N ASP A 503 -62.23 -4.64 -6.15
CA ASP A 503 -61.87 -4.65 -7.57
C ASP A 503 -61.54 -3.25 -8.05
N GLU A 504 -62.34 -2.26 -7.64
CA GLU A 504 -62.07 -0.88 -8.03
C GLU A 504 -60.72 -0.42 -7.51
N SER A 505 -60.41 -0.73 -6.26
CA SER A 505 -59.18 -0.25 -5.64
C SER A 505 -57.94 -0.96 -6.17
N GLU A 506 -58.10 -2.07 -6.90
CA GLU A 506 -56.95 -2.89 -7.28
C GLU A 506 -56.42 -2.66 -8.69
N ALA A 507 -57.13 -1.91 -9.55
CA ALA A 507 -56.83 -1.93 -10.99
C ALA A 507 -56.84 -0.52 -11.59
N VAL A 508 -56.11 0.41 -10.99
CA VAL A 508 -56.09 1.80 -11.48
C VAL A 508 -54.66 2.30 -11.57
N CYS A 509 -54.38 3.02 -12.66
CA CYS A 509 -53.19 3.86 -12.81
C CYS A 509 -53.64 5.24 -13.25
N SER A 510 -52.82 6.25 -12.97
CA SER A 510 -53.21 7.64 -13.16
C SER A 510 -52.07 8.39 -13.85
N GLU A 511 -52.19 9.71 -13.87
CA GLU A 511 -51.22 10.56 -14.57
C GLU A 511 -49.81 10.43 -14.02
N TRP A 512 -49.62 9.77 -12.88
CA TRP A 512 -48.28 9.60 -12.35
C TRP A 512 -47.48 8.55 -13.11
N LYS A 513 -48.12 7.46 -13.55
CA LYS A 513 -47.40 6.50 -14.38
C LYS A 513 -46.95 7.16 -15.68
N PHE A 514 -47.85 7.93 -16.31
CA PHE A 514 -47.52 8.62 -17.54
C PHE A 514 -46.45 9.68 -17.30
N ALA A 515 -46.53 10.40 -16.18
CA ALA A 515 -45.54 11.42 -15.88
C ALA A 515 -44.16 10.80 -15.65
N ALA A 516 -44.10 9.69 -14.91
CA ALA A 516 -42.81 9.02 -14.63
C ALA A 516 -42.27 8.47 -15.95
N CYS A 517 -43.14 7.95 -16.85
CA CYS A 517 -42.69 7.50 -18.16
C CYS A 517 -42.13 8.66 -18.98
N VAL A 518 -42.79 9.81 -18.93
CA VAL A 518 -42.31 10.99 -19.65
C VAL A 518 -40.95 11.43 -19.11
N VAL A 519 -40.89 11.59 -17.78
CA VAL A 519 -39.69 12.10 -17.08
C VAL A 519 -38.55 11.12 -17.31
N ASP A 520 -38.79 9.83 -17.07
CA ASP A 520 -37.77 8.76 -17.25
C ASP A 520 -37.38 8.71 -18.73
N ARG A 521 -38.33 8.89 -19.66
CA ARG A 521 -38.02 8.95 -21.11
C ARG A 521 -37.09 10.13 -21.35
N LEU A 522 -37.35 11.28 -20.73
CA LEU A 522 -36.51 12.50 -20.87
C LEU A 522 -35.13 12.19 -20.29
N CYS A 523 -35.05 11.45 -19.18
CA CYS A 523 -33.75 11.07 -18.54
C CYS A 523 -33.00 10.19 -19.54
N LEU A 524 -33.68 9.25 -20.20
CA LEU A 524 -33.07 8.34 -21.18
C LEU A 524 -32.54 9.21 -22.32
N MET A 525 -33.31 10.22 -22.76
CA MET A 525 -32.90 11.11 -23.88
C MET A 525 -31.64 11.87 -23.47
N ALA A 526 -31.58 12.39 -22.24
CA ALA A 526 -30.42 13.15 -21.75
C ALA A 526 -29.21 12.22 -21.73
N PHE A 527 -29.41 10.98 -21.27
CA PHE A 527 -28.33 9.97 -21.17
C PHE A 527 -27.83 9.68 -22.59
N SER A 528 -28.72 9.55 -23.57
CA SER A 528 -28.39 9.25 -25.00
C SER A 528 -27.64 10.42 -25.63
N VAL A 529 -27.99 11.66 -25.27
CA VAL A 529 -27.32 12.87 -25.83
C VAL A 529 -25.86 12.83 -25.35
N PHE A 530 -25.60 12.35 -24.13
CA PHE A 530 -24.27 12.32 -23.56
C PHE A 530 -23.45 11.14 -24.10
N THR A 531 -24.09 9.98 -24.25
CA THR A 531 -23.36 8.81 -24.75
C THR A 531 -22.87 9.06 -26.17
N ILE A 532 -23.76 9.53 -27.05
CA ILE A 532 -23.37 9.78 -28.43
C ILE A 532 -22.27 10.84 -28.49
N ILE A 533 -22.45 11.94 -27.76
CA ILE A 533 -21.50 13.04 -27.84
C ILE A 533 -20.13 12.59 -27.36
N CYS A 534 -20.08 11.89 -26.23
CA CYS A 534 -18.80 11.45 -25.69
C CYS A 534 -18.16 10.39 -26.57
N THR A 535 -18.94 9.47 -27.11
CA THR A 535 -18.39 8.42 -27.96
C THR A 535 -17.77 9.01 -29.22
N ILE A 536 -18.49 9.93 -29.87
CA ILE A 536 -17.94 10.53 -31.08
C ILE A 536 -16.73 11.40 -30.74
N GLY A 537 -16.80 12.15 -29.63
CA GLY A 537 -15.69 13.00 -29.25
C GLY A 537 -14.42 12.20 -28.99
N ILE A 538 -14.54 11.10 -28.23
CA ILE A 538 -13.38 10.26 -27.98
C ILE A 538 -12.92 9.62 -29.29
N LEU A 539 -13.84 9.31 -30.19
CA LEU A 539 -13.45 8.85 -31.52
C LEU A 539 -12.60 9.91 -32.23
N MET A 540 -13.06 11.16 -32.23
CA MET A 540 -12.35 12.25 -32.90
C MET A 540 -11.51 13.02 -31.88
N SER A 541 -10.50 12.34 -31.36
CA SER A 541 -9.55 12.92 -30.42
C SER A 541 -8.23 13.19 -31.13
N ALA A 542 -7.48 14.15 -30.60
CA ALA A 542 -6.14 14.40 -31.14
C ALA A 542 -5.30 13.13 -31.17
N PRO A 543 -5.26 12.29 -30.13
CA PRO A 543 -4.72 10.94 -30.29
C PRO A 543 -5.74 10.03 -30.94
N ASN A 544 -5.78 10.03 -32.28
CA ASN A 544 -6.80 9.34 -33.04
C ASN A 544 -7.14 7.98 -32.44
N PHE A 545 -8.43 7.77 -32.20
CA PHE A 545 -8.92 6.53 -31.60
C PHE A 545 -9.22 5.47 -32.65
N VAL A 546 -9.76 5.87 -33.80
CA VAL A 546 -10.12 4.90 -34.84
C VAL A 546 -8.86 4.19 -35.34
N GLU A 547 -7.80 4.94 -35.63
CA GLU A 547 -6.56 4.34 -36.09
C GLU A 547 -5.95 3.48 -35.00
N ALA A 548 -6.00 3.93 -33.75
CA ALA A 548 -5.42 3.17 -32.66
C ALA A 548 -6.12 1.83 -32.50
N VAL A 549 -7.45 1.80 -32.56
CA VAL A 549 -8.17 0.54 -32.44
C VAL A 549 -7.91 -0.33 -33.67
N SER A 550 -7.81 0.28 -34.85
CA SER A 550 -7.44 -0.48 -36.03
C SER A 550 -6.11 -1.18 -35.81
N LYS A 551 -5.16 -0.51 -35.16
CA LYS A 551 -3.87 -1.11 -34.88
C LYS A 551 -3.99 -2.23 -33.84
N ASP A 552 -4.69 -1.96 -32.74
CA ASP A 552 -4.75 -2.88 -31.62
C ASP A 552 -5.86 -3.91 -31.73
N PHE A 553 -6.74 -3.79 -32.73
CA PHE A 553 -7.82 -4.75 -32.91
C PHE A 553 -7.93 -5.17 -34.37
N GLU B 1 46.50 25.92 -19.48
CA GLU B 1 47.83 26.40 -19.01
C GLU B 1 47.70 27.31 -17.80
N PHE B 2 47.24 28.54 -18.04
CA PHE B 2 47.08 29.49 -16.94
C PHE B 2 46.07 28.99 -15.92
N GLN B 3 45.10 28.18 -16.36
CA GLN B 3 44.16 27.58 -15.43
C GLN B 3 44.88 26.65 -14.46
N ARG B 4 45.80 25.84 -14.97
CA ARG B 4 46.56 24.93 -14.11
C ARG B 4 47.41 25.70 -13.10
N LYS B 5 48.09 26.74 -13.58
CA LYS B 5 48.92 27.57 -12.72
C LYS B 5 48.08 28.27 -11.66
N LEU B 6 46.88 28.69 -12.01
CA LEU B 6 45.99 29.35 -11.05
C LEU B 6 45.49 28.37 -10.00
N TYR B 7 45.06 27.19 -10.43
CA TYR B 7 44.57 26.20 -9.49
C TYR B 7 45.67 25.79 -8.52
N LYS B 8 46.90 25.66 -9.03
CA LYS B 8 48.02 25.35 -8.13
C LYS B 8 48.27 26.49 -7.16
N GLU B 9 48.18 27.73 -7.64
CA GLU B 9 48.48 28.88 -6.80
C GLU B 9 47.47 29.04 -5.68
N LEU B 10 46.19 28.80 -5.95
CA LEU B 10 45.14 29.12 -4.99
C LEU B 10 45.14 28.18 -3.79
N VAL B 11 45.52 26.91 -3.98
CA VAL B 11 45.42 25.91 -2.94
C VAL B 11 46.74 25.71 -2.21
N LYS B 12 47.64 26.71 -2.27
CA LYS B 12 48.93 26.56 -1.63
C LYS B 12 48.77 26.30 -0.13
N ASN B 13 48.15 27.25 0.58
CA ASN B 13 47.96 27.14 2.01
C ASN B 13 46.49 27.24 2.39
N TYR B 14 45.58 26.99 1.46
CA TYR B 14 44.16 27.10 1.73
C TYR B 14 43.72 26.04 2.71
N ASN B 15 42.87 26.44 3.65
CA ASN B 15 42.29 25.52 4.63
C ASN B 15 40.78 25.58 4.53
N PRO B 16 40.10 24.52 4.09
CA PRO B 16 38.64 24.58 3.97
C PRO B 16 37.94 24.82 5.29
N LEU B 17 38.59 24.53 6.42
CA LEU B 17 37.98 24.80 7.71
C LEU B 17 38.00 26.28 8.06
N GLU B 18 38.89 27.05 7.43
CA GLU B 18 39.03 28.45 7.76
C GLU B 18 37.86 29.25 7.19
N ARG B 19 37.27 30.09 8.03
CA ARG B 19 36.28 31.03 7.56
C ARG B 19 36.99 32.11 6.75
N PRO B 20 36.64 32.29 5.48
CA PRO B 20 37.43 33.17 4.61
C PRO B 20 37.13 34.65 4.77
N VAL B 21 37.76 35.25 5.77
CA VAL B 21 37.63 36.68 6.04
C VAL B 21 39.00 37.23 6.38
N ALA B 22 39.30 38.43 5.87
CA ALA B 22 40.56 39.07 6.21
C ALA B 22 40.61 39.42 7.69
N ASN B 23 39.50 39.87 8.25
CA ASN B 23 39.39 40.21 9.67
C ASN B 23 38.61 39.10 10.36
N ASP B 24 39.32 38.28 11.13
CA ASP B 24 38.68 37.16 11.80
C ASP B 24 37.65 37.61 12.81
N SER B 25 37.77 38.83 13.32
CA SER B 25 36.80 39.34 14.28
C SER B 25 35.50 39.76 13.62
N GLN B 26 35.51 40.03 12.33
CA GLN B 26 34.29 40.42 11.66
C GLN B 26 33.52 39.20 11.17
N PRO B 27 32.21 39.31 11.07
CA PRO B 27 31.42 38.21 10.51
C PRO B 27 31.52 38.17 8.99
N LEU B 28 31.10 37.04 8.44
CA LEU B 28 31.09 36.84 7.00
C LEU B 28 29.67 36.97 6.48
N THR B 29 29.48 37.81 5.49
CA THR B 29 28.16 38.05 4.93
C THR B 29 27.85 37.00 3.89
N VAL B 30 26.75 36.29 4.07
CA VAL B 30 26.30 35.25 3.15
C VAL B 30 24.87 35.60 2.72
N TYR B 31 24.69 35.81 1.43
CA TYR B 31 23.37 36.10 0.87
C TYR B 31 22.76 34.77 0.44
N PHE B 32 21.75 34.33 1.19
CA PHE B 32 21.07 33.07 0.92
C PHE B 32 19.70 33.35 0.32
N SER B 33 19.42 32.70 -0.80
CA SER B 33 18.18 32.83 -1.55
C SER B 33 17.77 31.46 -2.04
N LEU B 34 16.64 31.42 -2.75
CA LEU B 34 16.04 30.16 -3.14
C LEU B 34 15.36 30.31 -4.49
N SER B 35 15.30 29.21 -5.23
CA SER B 35 14.64 29.16 -6.53
C SER B 35 13.77 27.91 -6.55
N LEU B 36 12.46 28.11 -6.58
CA LEU B 36 11.50 27.01 -6.53
C LEU B 36 11.17 26.58 -7.95
N LEU B 37 11.35 25.29 -8.24
CA LEU B 37 11.13 24.79 -9.58
C LEU B 37 9.83 24.04 -9.72
N GLN B 38 9.43 23.29 -8.70
CA GLN B 38 8.27 22.43 -8.80
C GLN B 38 7.89 21.94 -7.42
N ILE B 39 6.60 21.97 -7.12
CA ILE B 39 6.06 21.34 -5.92
C ILE B 39 5.73 19.90 -6.30
N MET B 40 6.51 18.96 -5.78
CA MET B 40 6.41 17.59 -6.23
C MET B 40 5.33 16.80 -5.50
N ASP B 41 5.08 17.09 -4.23
CA ASP B 41 4.06 16.35 -3.52
C ASP B 41 3.68 17.07 -2.24
N VAL B 42 2.45 16.83 -1.80
CA VAL B 42 1.96 17.29 -0.50
C VAL B 42 1.27 16.10 0.14
N ASP B 43 1.99 15.36 0.97
CA ASP B 43 1.44 14.23 1.70
C ASP B 43 0.75 14.78 2.94
N GLU B 44 -0.55 15.03 2.81
CA GLU B 44 -1.33 15.50 3.93
C GLU B 44 -1.41 14.47 5.04
N LYS B 45 -1.28 13.18 4.68
CA LYS B 45 -1.34 12.13 5.69
C LYS B 45 -0.18 12.25 6.67
N ASN B 46 1.03 12.39 6.16
CA ASN B 46 2.22 12.54 6.99
C ASN B 46 2.62 13.99 7.17
N GLN B 47 1.87 14.94 6.61
CA GLN B 47 2.17 16.36 6.75
C GLN B 47 3.57 16.67 6.23
N VAL B 48 3.82 16.26 4.99
CA VAL B 48 5.13 16.42 4.37
C VAL B 48 4.96 17.15 3.05
N LEU B 49 5.91 18.04 2.75
CA LEU B 49 5.94 18.78 1.51
C LEU B 49 7.23 18.43 0.78
N THR B 50 7.09 17.91 -0.43
CA THR B 50 8.22 17.49 -1.26
C THR B 50 8.36 18.49 -2.40
N THR B 51 9.47 19.21 -2.41
CA THR B 51 9.70 20.29 -3.35
C THR B 51 11.03 20.09 -4.06
N ASN B 52 11.14 20.70 -5.22
CA ASN B 52 12.40 20.79 -5.96
C ASN B 52 12.86 22.24 -5.92
N ILE B 53 14.04 22.46 -5.36
CA ILE B 53 14.53 23.83 -5.18
C ILE B 53 16.03 23.87 -5.40
N TRP B 54 16.48 25.00 -5.94
CA TRP B 54 17.89 25.34 -6.03
C TRP B 54 18.20 26.41 -5.01
N LEU B 55 19.07 26.10 -4.07
CA LEU B 55 19.52 27.12 -3.14
C LEU B 55 20.43 28.10 -3.87
N GLN B 56 20.69 29.23 -3.22
CA GLN B 56 21.59 30.25 -3.78
C GLN B 56 22.37 30.86 -2.63
N MET B 57 23.60 30.42 -2.44
CA MET B 57 24.51 31.01 -1.47
C MET B 57 25.52 31.84 -2.22
N SER B 58 25.65 33.11 -1.84
CA SER B 58 26.63 34.01 -2.44
C SER B 58 27.44 34.60 -1.31
N TRP B 59 28.76 34.50 -1.39
CA TRP B 59 29.62 35.08 -0.36
C TRP B 59 30.93 35.50 -1.00
N THR B 60 31.91 35.83 -0.16
CA THR B 60 33.19 36.36 -0.61
C THR B 60 34.31 35.61 0.07
N ASP B 61 35.29 35.17 -0.73
CA ASP B 61 36.46 34.47 -0.23
C ASP B 61 37.66 35.38 -0.45
N HIS B 62 38.27 35.84 0.66
CA HIS B 62 39.37 36.78 0.58
C HIS B 62 40.61 36.16 -0.05
N TYR B 63 40.75 34.85 -0.01
CA TYR B 63 41.96 34.19 -0.48
C TYR B 63 41.89 33.78 -1.94
N LEU B 64 40.69 33.61 -2.48
CA LEU B 64 40.52 33.23 -3.89
C LEU B 64 40.35 34.50 -4.73
N GLN B 65 41.46 35.19 -4.92
CA GLN B 65 41.50 36.42 -5.68
C GLN B 65 42.71 36.40 -6.60
N TRP B 66 42.49 36.53 -7.89
CA TRP B 66 43.55 36.58 -8.88
C TRP B 66 43.35 37.78 -9.78
N ASN B 67 44.33 38.03 -10.64
CA ASN B 67 44.34 39.15 -11.57
C ASN B 67 44.24 38.59 -12.98
N VAL B 68 43.19 38.98 -13.72
CA VAL B 68 42.92 38.35 -15.00
C VAL B 68 44.08 38.54 -15.96
N SER B 69 44.76 39.69 -15.88
CA SER B 69 45.92 39.92 -16.72
C SER B 69 47.01 38.90 -16.44
N GLU B 70 47.21 38.57 -15.16
CA GLU B 70 48.22 37.57 -14.81
C GLU B 70 47.84 36.19 -15.33
N TYR B 71 46.55 35.89 -15.37
CA TYR B 71 46.03 34.60 -15.82
C TYR B 71 44.99 34.86 -16.91
N PRO B 72 45.42 35.19 -18.12
CA PRO B 72 44.45 35.53 -19.18
C PRO B 72 43.59 34.34 -19.57
N GLY B 73 42.33 34.63 -19.89
CA GLY B 73 41.41 33.63 -20.40
C GLY B 73 40.69 32.83 -19.35
N VAL B 74 40.95 33.07 -18.07
CA VAL B 74 40.30 32.35 -16.99
C VAL B 74 39.68 33.39 -16.07
N LYS B 75 38.36 33.54 -16.14
CA LYS B 75 37.61 34.46 -15.28
C LYS B 75 36.86 33.72 -14.19
N THR B 76 36.93 32.40 -14.16
CA THR B 76 36.18 31.62 -13.18
C THR B 76 36.94 30.36 -12.84
N VAL B 77 36.63 29.81 -11.67
CA VAL B 77 37.12 28.51 -11.26
C VAL B 77 36.04 27.80 -10.48
N ARG B 78 36.15 26.48 -10.42
CA ARG B 78 35.18 25.62 -9.75
C ARG B 78 35.90 24.79 -8.70
N PHE B 79 35.28 24.69 -7.52
CA PHE B 79 35.85 23.96 -6.40
C PHE B 79 34.79 23.06 -5.80
N PRO B 80 35.00 21.75 -5.74
CA PRO B 80 33.97 20.86 -5.19
C PRO B 80 33.86 20.92 -3.68
N ASP B 81 33.05 20.02 -3.13
CA ASP B 81 32.62 20.09 -1.73
C ASP B 81 33.78 20.34 -0.79
N GLY B 82 34.74 19.42 -0.73
CA GLY B 82 35.73 19.42 0.32
C GLY B 82 37.00 20.18 0.03
N GLN B 83 37.08 20.89 -1.09
CA GLN B 83 38.32 21.59 -1.44
C GLN B 83 38.37 23.01 -0.92
N ILE B 84 37.22 23.62 -0.63
CA ILE B 84 37.17 24.96 -0.08
C ILE B 84 36.03 25.06 0.92
N TRP B 85 35.89 26.24 1.50
CA TRP B 85 34.93 26.48 2.57
C TRP B 85 33.56 26.76 2.00
N LYS B 86 32.56 26.04 2.51
CA LYS B 86 31.17 26.31 2.21
C LYS B 86 30.41 26.44 3.52
N PRO B 87 29.41 27.31 3.58
CA PRO B 87 28.60 27.39 4.79
C PRO B 87 27.83 26.11 5.03
N ASP B 88 27.66 25.77 6.30
CA ASP B 88 26.92 24.59 6.71
C ASP B 88 25.43 24.88 6.81
N ILE B 89 24.88 25.45 5.75
CA ILE B 89 23.48 25.82 5.73
C ILE B 89 22.64 24.61 5.39
N LEU B 90 21.56 24.41 6.13
CA LEU B 90 20.70 23.25 5.95
C LEU B 90 19.29 23.61 6.38
N LEU B 91 18.39 22.65 6.18
CA LEU B 91 16.97 22.81 6.45
C LEU B 91 16.65 22.23 7.81
N TYR B 92 16.23 23.10 8.73
CA TYR B 92 15.96 22.66 10.10
C TYR B 92 14.79 21.67 10.13
N ASN B 93 13.67 22.04 9.52
CA ASN B 93 12.46 21.24 9.57
C ASN B 93 12.41 20.26 8.39
N SER B 94 13.45 19.44 8.32
CA SER B 94 13.58 18.44 7.29
C SER B 94 12.96 17.12 7.74
N ALA B 95 12.48 16.37 6.76
CA ALA B 95 11.87 15.05 6.99
C ALA B 95 12.45 14.01 6.04
N ASP B 96 13.68 14.22 5.58
CA ASP B 96 14.22 13.44 4.47
C ASP B 96 14.69 12.05 4.89
N GLU B 97 14.96 11.87 6.18
CA GLU B 97 15.53 10.72 6.90
C GLU B 97 17.02 10.56 6.55
N ARG B 98 17.57 11.43 5.70
CA ARG B 98 18.99 11.73 5.70
C ARG B 98 19.27 13.11 6.27
N PHE B 99 18.25 13.94 6.41
CA PHE B 99 18.30 15.28 6.97
C PHE B 99 19.12 16.26 6.12
N ASP B 100 19.57 15.85 4.94
CA ASP B 100 20.19 16.78 4.01
C ASP B 100 20.02 16.21 2.61
N ALA B 101 19.17 16.85 1.80
CA ALA B 101 18.87 16.38 0.46
C ALA B 101 19.66 17.09 -0.61
N THR B 102 20.54 18.01 -0.24
CA THR B 102 21.31 18.75 -1.23
C THR B 102 22.24 17.81 -1.98
N PHE B 103 22.27 17.95 -3.30
CA PHE B 103 23.29 17.32 -4.12
C PHE B 103 24.46 18.29 -4.21
N HIS B 104 25.56 17.92 -3.58
CA HIS B 104 26.71 18.82 -3.50
C HIS B 104 27.31 19.01 -4.88
N THR B 105 27.35 20.26 -5.34
CA THR B 105 27.86 20.62 -6.64
C THR B 105 29.09 21.50 -6.47
N ASN B 106 29.58 22.01 -7.59
CA ASN B 106 30.77 22.83 -7.59
C ASN B 106 30.46 24.24 -7.14
N VAL B 107 31.44 24.86 -6.50
CA VAL B 107 31.37 26.25 -6.09
C VAL B 107 32.10 27.08 -7.13
N LEU B 108 31.43 28.09 -7.66
CA LEU B 108 31.94 28.93 -8.73
C LEU B 108 32.51 30.21 -8.13
N VAL B 109 33.72 30.57 -8.56
CA VAL B 109 34.47 31.68 -7.98
C VAL B 109 35.05 32.52 -9.10
N ASN B 110 35.05 33.84 -8.89
CA ASN B 110 35.56 34.79 -9.86
C ASN B 110 36.66 35.65 -9.24
N SER B 111 37.37 36.46 -10.04
CA SER B 111 38.60 37.10 -9.52
C SER B 111 38.40 37.90 -8.27
N SER B 112 37.27 38.59 -8.14
CA SER B 112 37.02 39.39 -6.95
C SER B 112 36.82 38.53 -5.71
N GLY B 113 36.67 37.21 -5.87
CA GLY B 113 36.46 36.32 -4.76
C GLY B 113 35.01 36.01 -4.48
N HIS B 114 34.09 36.46 -5.32
CA HIS B 114 32.68 36.21 -5.10
C HIS B 114 32.36 34.76 -5.45
N CYS B 115 31.94 34.00 -4.45
CA CYS B 115 31.67 32.59 -4.59
C CYS B 115 30.16 32.35 -4.63
N GLN B 116 29.73 31.57 -5.62
CA GLN B 116 28.35 31.17 -5.80
C GLN B 116 28.23 29.67 -5.52
N TYR B 117 27.11 29.28 -4.94
CA TYR B 117 26.85 27.87 -4.67
C TYR B 117 25.35 27.65 -4.80
N LEU B 118 24.96 26.84 -5.78
CA LEU B 118 23.55 26.62 -6.10
C LEU B 118 23.26 25.12 -6.07
N PRO B 119 23.26 24.53 -4.88
CA PRO B 119 22.98 23.11 -4.77
C PRO B 119 21.51 22.83 -4.96
N PRO B 120 21.16 21.93 -5.87
CA PRO B 120 19.77 21.54 -6.05
C PRO B 120 19.34 20.52 -5.01
N GLY B 121 18.03 20.34 -4.90
CA GLY B 121 17.53 19.39 -3.94
C GLY B 121 16.07 19.05 -4.04
N ILE B 122 15.78 17.77 -3.78
CA ILE B 122 14.43 17.29 -3.52
C ILE B 122 14.25 17.35 -2.01
N PHE B 123 13.77 18.48 -1.54
CA PHE B 123 13.63 18.74 -0.11
C PHE B 123 12.28 18.25 0.39
N LYS B 124 12.31 17.44 1.43
CA LYS B 124 11.12 16.99 2.13
C LYS B 124 11.07 17.73 3.46
N SER B 125 10.07 18.58 3.62
CA SER B 125 9.91 19.40 4.80
C SER B 125 8.65 19.03 5.54
N SER B 126 8.63 19.30 6.84
CA SER B 126 7.47 19.06 7.68
C SER B 126 6.69 20.35 7.83
N CYS B 127 5.46 20.35 7.33
CA CYS B 127 4.61 21.53 7.39
C CYS B 127 3.22 21.12 7.87
N TYR B 128 2.67 21.93 8.77
CA TYR B 128 1.37 21.62 9.36
C TYR B 128 0.28 21.85 8.34
N ILE B 129 -0.56 20.84 8.14
CA ILE B 129 -1.63 20.86 7.15
C ILE B 129 -2.93 21.19 7.85
N ASP B 130 -3.60 22.24 7.40
CA ASP B 130 -4.88 22.65 7.94
C ASP B 130 -5.99 22.16 7.00
N VAL B 131 -6.86 21.31 7.53
CA VAL B 131 -7.97 20.74 6.77
C VAL B 131 -9.30 21.25 7.28
N ARG B 132 -9.31 22.27 8.13
CA ARG B 132 -10.56 22.82 8.63
C ARG B 132 -11.48 23.22 7.49
N TRP B 133 -10.96 23.95 6.51
CA TRP B 133 -11.74 24.44 5.37
C TRP B 133 -11.55 23.57 4.14
N PHE B 134 -11.39 22.26 4.32
CA PHE B 134 -11.23 21.36 3.20
C PHE B 134 -12.48 21.35 2.33
N PRO B 135 -12.33 21.20 1.00
CA PRO B 135 -11.09 21.17 0.22
C PRO B 135 -10.66 22.53 -0.31
N PHE B 136 -11.39 23.59 0.07
CA PHE B 136 -11.04 24.95 -0.32
C PHE B 136 -10.10 25.55 0.73
N ASP B 137 -8.90 24.97 0.78
CA ASP B 137 -7.92 25.29 1.81
C ASP B 137 -6.63 25.82 1.19
N VAL B 138 -5.99 26.73 1.92
CA VAL B 138 -4.67 27.25 1.58
C VAL B 138 -3.70 26.79 2.66
N GLN B 139 -2.51 26.38 2.23
CA GLN B 139 -1.49 25.87 3.14
C GLN B 139 -0.29 26.80 3.12
N HIS B 140 0.18 27.14 4.31
CA HIS B 140 1.39 27.94 4.51
C HIS B 140 2.45 26.99 5.07
N CYS B 141 3.18 26.34 4.18
CA CYS B 141 4.19 25.37 4.57
C CYS B 141 5.54 26.06 4.62
N LYS B 142 6.25 25.89 5.73
CA LYS B 142 7.46 26.64 5.99
C LYS B 142 8.70 25.85 5.61
N LEU B 143 9.74 26.60 5.21
CA LEU B 143 11.07 26.04 4.96
C LEU B 143 12.04 26.92 5.72
N LYS B 144 12.62 26.37 6.78
CA LYS B 144 13.51 27.10 7.66
C LYS B 144 14.94 26.67 7.36
N PHE B 145 15.72 27.59 6.80
CA PHE B 145 17.10 27.33 6.44
C PHE B 145 18.00 28.13 7.37
N GLY B 146 19.13 27.53 7.72
CA GLY B 146 20.07 28.23 8.58
C GLY B 146 21.37 27.48 8.69
N SER B 147 22.36 28.19 9.19
CA SER B 147 23.65 27.59 9.47
C SER B 147 23.60 26.86 10.80
N TRP B 148 24.24 25.69 10.85
CA TRP B 148 24.16 24.85 12.04
C TRP B 148 25.15 25.30 13.09
N SER B 149 26.41 25.52 12.71
CA SER B 149 27.47 25.80 13.66
C SER B 149 28.00 27.22 13.60
N TYR B 150 27.59 28.01 12.62
CA TYR B 150 28.05 29.38 12.48
C TYR B 150 26.95 30.32 12.93
N GLY B 151 27.27 31.21 13.88
CA GLY B 151 26.32 32.13 14.43
C GLY B 151 26.43 33.52 13.83
N GLY B 152 25.64 34.43 14.38
CA GLY B 152 25.59 35.79 13.86
C GLY B 152 26.93 36.50 13.95
N TRP B 153 27.69 36.22 15.01
CA TRP B 153 29.00 36.83 15.15
C TRP B 153 30.00 36.31 14.14
N SER B 154 29.67 35.21 13.45
CA SER B 154 30.56 34.63 12.47
C SER B 154 29.95 34.52 11.09
N LEU B 155 28.63 34.61 10.95
CA LEU B 155 27.97 34.43 9.66
C LEU B 155 26.71 35.29 9.64
N ASP B 156 26.80 36.43 8.97
CA ASP B 156 25.68 37.36 8.82
C ASP B 156 24.85 36.90 7.63
N LEU B 157 23.86 36.04 7.90
CA LEU B 157 23.08 35.38 6.86
C LEU B 157 21.97 36.32 6.40
N GLN B 158 22.17 36.97 5.26
CA GLN B 158 21.17 37.85 4.69
C GLN B 158 20.23 37.08 3.77
N MET B 159 19.10 37.70 3.47
CA MET B 159 18.05 37.09 2.66
C MET B 159 17.82 37.91 1.41
N GLN B 160 17.73 37.22 0.28
CA GLN B 160 17.29 37.77 -1.00
C GLN B 160 16.02 37.06 -1.44
N GLU B 161 15.10 37.81 -2.05
CA GLU B 161 13.79 37.25 -2.34
C GLU B 161 13.89 35.99 -3.19
N ALA B 162 12.96 35.08 -2.96
CA ALA B 162 12.93 33.82 -3.67
C ALA B 162 12.55 34.03 -5.13
N ASP B 163 12.98 33.09 -5.97
CA ASP B 163 12.84 33.16 -7.41
C ASP B 163 11.83 32.10 -7.85
N ILE B 164 10.77 32.53 -8.54
CA ILE B 164 9.77 31.63 -9.07
C ILE B 164 9.66 31.74 -10.59
N SER B 165 10.66 32.35 -11.22
CA SER B 165 10.62 32.55 -12.67
C SER B 165 10.60 31.20 -13.40
N GLY B 166 11.32 30.22 -12.88
CA GLY B 166 11.38 28.89 -13.46
C GLY B 166 10.39 27.91 -12.89
N TYR B 167 9.46 28.36 -12.05
CA TYR B 167 8.52 27.45 -11.41
C TYR B 167 7.55 26.85 -12.43
N ILE B 168 7.23 25.58 -12.21
CA ILE B 168 6.33 24.81 -13.08
C ILE B 168 5.05 24.55 -12.30
N PRO B 169 3.89 25.02 -12.76
CA PRO B 169 2.65 24.76 -12.01
C PRO B 169 2.42 23.28 -11.79
N ASN B 170 2.04 22.92 -10.56
CA ASN B 170 1.82 21.52 -10.24
C ASN B 170 0.55 21.00 -10.89
N GLY B 171 -0.51 21.78 -10.87
CA GLY B 171 -1.78 21.38 -11.43
C GLY B 171 -2.82 21.11 -10.37
N GLU B 172 -2.41 20.43 -9.29
CA GLU B 172 -3.26 20.22 -8.14
C GLU B 172 -3.14 21.34 -7.11
N TRP B 173 -2.08 22.14 -7.19
CA TRP B 173 -1.84 23.24 -6.27
C TRP B 173 -1.48 24.49 -7.05
N ASP B 174 -1.83 25.64 -6.49
CA ASP B 174 -1.58 26.94 -7.10
C ASP B 174 -0.68 27.72 -6.15
N LEU B 175 0.44 28.22 -6.67
CA LEU B 175 1.46 28.86 -5.85
C LEU B 175 1.11 30.34 -5.68
N VAL B 176 0.47 30.66 -4.55
CA VAL B 176 0.13 32.05 -4.28
C VAL B 176 1.39 32.88 -4.07
N GLY B 177 2.34 32.36 -3.31
CA GLY B 177 3.57 33.10 -3.05
C GLY B 177 4.58 32.27 -2.29
N ILE B 178 5.76 32.85 -2.12
CA ILE B 178 6.83 32.22 -1.36
C ILE B 178 7.64 33.31 -0.66
N PRO B 179 7.03 34.11 0.22
CA PRO B 179 7.76 35.19 0.87
C PRO B 179 8.78 34.69 1.87
N GLY B 180 9.82 35.49 2.07
CA GLY B 180 10.88 35.15 2.98
C GLY B 180 10.97 36.07 4.17
N LYS B 181 11.54 35.56 5.26
CA LYS B 181 11.68 36.34 6.49
C LYS B 181 12.99 35.93 7.16
N ARG B 182 13.85 36.90 7.43
CA ARG B 182 15.10 36.66 8.13
C ARG B 182 14.91 37.03 9.59
N SER B 183 15.16 36.07 10.48
CA SER B 183 14.94 36.27 11.90
C SER B 183 16.15 35.85 12.70
N GLU B 184 16.40 36.57 13.78
CA GLU B 184 17.48 36.29 14.71
C GLU B 184 16.89 35.63 15.95
N ARG B 185 17.40 34.45 16.30
CA ARG B 185 16.85 33.68 17.40
C ARG B 185 17.97 33.17 18.30
N PHE B 186 17.63 32.87 19.56
CA PHE B 186 18.56 32.26 20.54
C PHE B 186 17.95 30.90 20.89
N TYR B 187 18.74 29.92 21.33
CA TYR B 187 18.26 28.53 21.62
C TYR B 187 18.69 28.16 23.05
N GLU B 188 18.02 27.23 23.77
CA GLU B 188 18.57 26.77 25.06
C GLU B 188 19.75 25.84 24.78
N CYS B 189 20.72 26.29 23.99
CA CYS B 189 21.90 25.47 23.80
C CYS B 189 23.20 26.25 23.87
N CYS B 190 23.18 27.52 23.46
CA CYS B 190 24.35 28.23 22.97
C CYS B 190 24.22 29.71 23.28
N LYS B 191 25.33 30.45 23.45
CA LYS B 191 25.24 31.87 23.91
C LYS B 191 25.14 32.84 22.73
N GLU B 192 25.31 32.37 21.50
CA GLU B 192 25.35 33.23 20.29
C GLU B 192 24.00 33.16 19.57
N PRO B 193 23.45 34.26 19.01
CA PRO B 193 22.26 34.19 18.17
C PRO B 193 22.56 33.49 16.86
N TYR B 194 21.61 32.67 16.41
CA TYR B 194 21.76 31.92 15.16
C TYR B 194 20.68 32.35 14.18
N PRO B 195 20.99 33.22 13.24
CA PRO B 195 19.97 33.70 12.31
C PRO B 195 19.47 32.60 11.40
N ASP B 196 18.24 32.78 10.95
CA ASP B 196 17.59 31.84 10.05
C ASP B 196 16.82 32.61 8.99
N VAL B 197 16.58 31.93 7.88
CA VAL B 197 15.77 32.45 6.78
C VAL B 197 14.63 31.48 6.57
N THR B 198 13.41 31.96 6.72
CA THR B 198 12.23 31.12 6.62
C THR B 198 11.45 31.56 5.39
N PHE B 199 11.28 30.65 4.44
CA PHE B 199 10.49 30.88 3.25
C PHE B 199 9.17 30.16 3.41
N THR B 200 8.07 30.90 3.30
CA THR B 200 6.74 30.40 3.60
C THR B 200 6.00 30.16 2.29
N VAL B 201 6.05 28.92 1.82
CA VAL B 201 5.34 28.53 0.61
C VAL B 201 3.84 28.61 0.90
N THR B 202 3.18 29.62 0.36
CA THR B 202 1.74 29.79 0.52
C THR B 202 1.08 29.36 -0.78
N MET B 203 0.34 28.27 -0.73
CA MET B 203 -0.27 27.70 -1.92
C MET B 203 -1.71 27.31 -1.67
N ARG B 204 -2.52 27.46 -2.70
CA ARG B 204 -3.96 27.21 -2.64
C ARG B 204 -4.30 25.97 -3.45
N ARG B 205 -5.24 25.19 -2.94
CA ARG B 205 -5.63 23.95 -3.58
C ARG B 205 -6.60 24.21 -4.73
N ARG B 206 -6.51 23.37 -5.75
CA ARG B 206 -7.39 23.41 -6.90
C ARG B 206 -8.52 22.40 -6.71
N THR B 207 -9.75 22.82 -7.02
CA THR B 207 -10.93 22.09 -6.61
C THR B 207 -11.76 21.55 -7.76
N LEU B 208 -11.39 21.80 -9.02
CA LEU B 208 -12.14 21.23 -10.13
C LEU B 208 -12.16 19.71 -10.04
N TYR B 209 -10.97 19.12 -9.87
CA TYR B 209 -10.90 17.68 -9.69
C TYR B 209 -11.78 17.21 -8.55
N TYR B 210 -11.63 17.83 -7.38
CA TYR B 210 -12.44 17.40 -6.26
C TYR B 210 -13.87 17.92 -6.39
N GLY B 211 -14.08 18.90 -7.27
CA GLY B 211 -15.44 19.39 -7.49
C GLY B 211 -16.29 18.40 -8.26
N LEU B 212 -15.70 17.73 -9.24
CA LEU B 212 -16.45 16.73 -10.02
C LEU B 212 -16.28 15.30 -9.53
N ASN B 213 -15.15 14.98 -8.92
CA ASN B 213 -14.98 13.65 -8.35
C ASN B 213 -15.70 13.48 -7.01
N LEU B 214 -15.58 14.45 -6.11
CA LEU B 214 -16.02 14.29 -4.73
C LEU B 214 -17.34 15.00 -4.44
N LEU B 215 -17.46 16.29 -4.79
CA LEU B 215 -18.62 17.07 -4.37
C LEU B 215 -19.90 16.61 -5.07
N ILE B 216 -19.81 16.22 -6.35
CA ILE B 216 -20.99 15.69 -7.03
C ILE B 216 -21.56 14.48 -6.31
N PRO B 217 -20.78 13.45 -5.97
CA PRO B 217 -21.31 12.37 -5.12
C PRO B 217 -21.91 12.88 -3.83
N CYS B 218 -21.30 13.90 -3.21
CA CYS B 218 -21.79 14.41 -1.94
C CYS B 218 -23.19 15.00 -2.08
N VAL B 219 -23.40 15.79 -3.13
CA VAL B 219 -24.72 16.36 -3.36
C VAL B 219 -25.72 15.25 -3.65
N LEU B 220 -25.28 14.21 -4.35
CA LEU B 220 -26.14 13.05 -4.56
C LEU B 220 -26.57 12.44 -3.23
N ILE B 221 -25.60 12.26 -2.32
CA ILE B 221 -25.91 11.67 -1.02
C ILE B 221 -26.90 12.54 -0.27
N SER B 222 -26.69 13.85 -0.30
CA SER B 222 -27.59 14.77 0.39
C SER B 222 -29.00 14.67 -0.17
N ALA B 223 -29.12 14.63 -1.49
CA ALA B 223 -30.44 14.53 -2.11
C ALA B 223 -31.11 13.20 -1.75
N LEU B 224 -30.34 12.10 -1.74
CA LEU B 224 -30.91 10.82 -1.37
C LEU B 224 -31.37 10.84 0.08
N ALA B 225 -30.61 11.49 0.97
CA ALA B 225 -31.01 11.58 2.37
C ALA B 225 -32.30 12.38 2.51
N LEU B 226 -32.42 13.50 1.78
CA LEU B 226 -33.67 14.32 1.79
C LEU B 226 -34.82 13.45 1.27
N LEU B 227 -34.58 12.66 0.23
CA LEU B 227 -35.61 11.76 -0.29
C LEU B 227 -36.04 10.77 0.78
N VAL B 228 -35.08 10.18 1.49
CA VAL B 228 -35.39 9.27 2.58
C VAL B 228 -36.29 9.95 3.59
N PHE B 229 -35.98 11.20 3.96
CA PHE B 229 -36.73 11.97 4.99
C PHE B 229 -38.11 12.38 4.46
N LEU B 230 -38.32 12.33 3.14
CA LEU B 230 -39.63 12.68 2.53
C LEU B 230 -40.57 11.46 2.50
N LEU B 231 -40.06 10.22 2.41
CA LEU B 231 -40.90 9.03 2.31
C LEU B 231 -41.60 8.76 3.64
N PRO B 232 -42.87 8.33 3.63
CA PRO B 232 -43.57 8.03 4.88
C PRO B 232 -43.10 6.72 5.49
N ALA B 233 -43.45 6.48 6.76
CA ALA B 233 -43.02 5.26 7.50
C ALA B 233 -43.51 4.01 6.78
N ASP B 234 -44.73 4.02 6.23
CA ASP B 234 -45.29 2.88 5.53
C ASP B 234 -44.61 2.61 4.20
N SER B 235 -43.79 3.52 3.71
CA SER B 235 -43.08 3.30 2.45
C SER B 235 -42.25 2.03 2.54
N GLY B 236 -42.34 1.19 1.51
CA GLY B 236 -41.64 -0.07 1.54
C GLY B 236 -40.13 0.08 1.51
N GLU B 237 -39.63 1.00 0.71
CA GLU B 237 -38.20 1.15 0.47
C GLU B 237 -37.57 2.30 1.25
N LYS B 238 -38.31 2.93 2.19
CA LYS B 238 -37.78 4.08 2.98
C LYS B 238 -36.77 3.57 4.01
N ILE B 239 -36.90 2.32 4.44
CA ILE B 239 -35.99 1.75 5.48
C ILE B 239 -34.77 1.24 4.72
N SER B 240 -34.97 0.63 3.55
CA SER B 240 -33.86 0.12 2.74
C SER B 240 -33.02 1.25 2.19
N LEU B 241 -33.68 2.30 1.69
CA LEU B 241 -32.92 3.42 1.14
C LEU B 241 -32.12 4.12 2.22
N GLY B 242 -32.70 4.29 3.41
CA GLY B 242 -31.95 4.87 4.51
C GLY B 242 -30.70 4.07 4.83
N ILE B 243 -30.86 2.75 4.91
CA ILE B 243 -29.72 1.89 5.23
C ILE B 243 -28.65 1.99 4.16
N THR B 244 -29.06 1.92 2.89
CA THR B 244 -28.09 1.95 1.79
C THR B 244 -27.37 3.29 1.75
N VAL B 245 -28.10 4.39 1.90
CA VAL B 245 -27.50 5.72 1.92
C VAL B 245 -26.53 5.83 3.09
N LEU B 246 -26.89 5.29 4.26
CA LEU B 246 -25.97 5.21 5.38
C LEU B 246 -24.66 4.55 5.00
N LEU B 247 -24.73 3.37 4.43
CA LEU B 247 -23.50 2.66 4.15
C LEU B 247 -22.65 3.41 3.12
N SER B 248 -23.29 3.97 2.10
CA SER B 248 -22.55 4.75 1.11
C SER B 248 -21.87 5.96 1.76
N LEU B 249 -22.61 6.67 2.61
CA LEU B 249 -22.07 7.86 3.27
C LEU B 249 -20.87 7.47 4.10
N THR B 250 -20.97 6.36 4.83
CA THR B 250 -19.86 5.90 5.68
C THR B 250 -18.64 5.59 4.84
N VAL B 251 -18.83 4.83 3.77
CA VAL B 251 -17.71 4.53 2.87
C VAL B 251 -17.03 5.82 2.43
N PHE B 252 -17.84 6.82 2.10
CA PHE B 252 -17.29 8.03 1.51
C PHE B 252 -16.60 8.89 2.58
N MET B 253 -17.06 8.81 3.82
CA MET B 253 -16.34 9.39 4.96
C MET B 253 -14.97 8.72 5.13
N LEU B 254 -14.93 7.39 5.05
CA LEU B 254 -13.65 6.68 5.07
C LEU B 254 -12.75 7.11 3.91
N LEU B 255 -13.33 7.38 2.75
CA LEU B 255 -12.53 7.91 1.65
C LEU B 255 -11.91 9.24 2.05
N VAL B 256 -12.70 10.13 2.65
CA VAL B 256 -12.15 11.41 3.09
C VAL B 256 -11.02 11.18 4.09
N ALA B 257 -11.21 10.24 5.01
CA ALA B 257 -10.21 10.00 6.05
C ALA B 257 -8.94 9.39 5.47
N GLU B 258 -9.04 8.68 4.35
CA GLU B 258 -7.86 8.07 3.76
C GLU B 258 -6.83 9.12 3.37
N ILE B 259 -7.28 10.28 2.89
CA ILE B 259 -6.37 11.31 2.37
C ILE B 259 -6.15 12.46 3.34
N MET B 260 -6.73 12.40 4.55
CA MET B 260 -6.68 13.45 5.56
C MET B 260 -5.92 12.98 6.80
N PRO B 261 -5.16 13.86 7.44
CA PRO B 261 -4.41 13.45 8.64
C PRO B 261 -5.32 13.25 9.83
N ALA B 262 -4.77 12.59 10.86
CA ALA B 262 -5.48 12.31 12.09
C ALA B 262 -5.32 13.41 13.12
N THR B 263 -4.73 14.53 12.73
CA THR B 263 -4.58 15.67 13.62
C THR B 263 -5.92 16.13 14.16
N SER B 264 -5.96 16.41 15.47
CA SER B 264 -7.18 16.75 16.18
C SER B 264 -7.34 18.26 16.40
N ASP B 265 -6.47 19.08 15.81
CA ASP B 265 -6.58 20.52 15.94
C ASP B 265 -7.77 21.09 15.20
N SER B 266 -8.38 20.32 14.29
CA SER B 266 -9.53 20.76 13.53
C SER B 266 -10.14 19.54 12.86
N VAL B 267 -11.34 19.73 12.31
CA VAL B 267 -12.06 18.65 11.64
C VAL B 267 -12.49 19.12 10.26
N PRO B 268 -12.32 18.31 9.22
CA PRO B 268 -12.86 18.70 7.91
C PRO B 268 -14.36 18.95 8.00
N LEU B 269 -14.80 20.11 7.51
CA LEU B 269 -16.22 20.41 7.48
C LEU B 269 -17.00 19.40 6.67
N ILE B 270 -16.43 18.92 5.58
CA ILE B 270 -17.14 17.91 4.80
C ILE B 270 -17.40 16.70 5.67
N ALA B 271 -16.40 16.24 6.42
CA ALA B 271 -16.58 15.07 7.28
C ALA B 271 -17.54 15.37 8.43
N GLN B 272 -17.50 16.58 8.97
CA GLN B 272 -18.44 16.93 10.03
C GLN B 272 -19.88 16.89 9.54
N TYR B 273 -20.12 17.44 8.35
CA TYR B 273 -21.45 17.38 7.75
C TYR B 273 -21.84 15.93 7.50
N PHE B 274 -20.90 15.12 7.02
CA PHE B 274 -21.13 13.69 6.87
C PHE B 274 -21.68 13.11 8.15
N ALA B 275 -20.92 13.25 9.24
CA ALA B 275 -21.30 12.64 10.51
C ALA B 275 -22.64 13.17 10.99
N SER B 276 -22.87 14.47 10.83
CA SER B 276 -24.14 15.06 11.25
C SER B 276 -25.30 14.42 10.52
N THR B 277 -25.35 14.56 9.20
CA THR B 277 -26.44 13.97 8.44
C THR B 277 -26.50 12.46 8.65
N MET B 278 -25.37 11.84 8.98
CA MET B 278 -25.33 10.41 9.23
C MET B 278 -26.12 10.06 10.48
N ILE B 279 -25.86 10.75 11.58
CA ILE B 279 -26.62 10.49 12.80
C ILE B 279 -28.08 10.83 12.58
N ILE B 280 -28.35 11.89 11.79
CA ILE B 280 -29.73 12.31 11.57
C ILE B 280 -30.50 11.22 10.83
N VAL B 281 -29.95 10.72 9.73
CA VAL B 281 -30.63 9.70 8.95
C VAL B 281 -30.71 8.38 9.71
N GLY B 282 -29.66 8.03 10.46
CA GLY B 282 -29.72 6.81 11.24
C GLY B 282 -30.76 6.88 12.34
N LEU B 283 -30.86 8.03 13.01
CA LEU B 283 -31.90 8.25 14.00
C LEU B 283 -33.29 8.13 13.37
N SER B 284 -33.43 8.66 12.14
CA SER B 284 -34.72 8.61 11.42
C SER B 284 -35.03 7.17 11.02
N VAL B 285 -34.06 6.40 10.53
CA VAL B 285 -34.27 4.98 10.14
C VAL B 285 -34.66 4.23 11.41
N VAL B 286 -33.96 4.47 12.51
CA VAL B 286 -34.22 3.77 13.80
C VAL B 286 -35.62 4.13 14.27
N VAL B 287 -36.02 5.41 14.19
CA VAL B 287 -37.34 5.84 14.72
C VAL B 287 -38.41 5.15 13.86
N THR B 288 -38.20 5.11 12.55
CA THR B 288 -39.23 4.53 11.67
C THR B 288 -39.34 3.05 12.05
N VAL B 289 -38.22 2.37 12.29
CA VAL B 289 -38.21 0.92 12.62
C VAL B 289 -38.93 0.68 13.95
N ILE B 290 -38.69 1.49 14.99
CA ILE B 290 -39.36 1.30 16.32
C ILE B 290 -40.85 1.56 16.14
N VAL B 291 -41.23 2.54 15.33
CA VAL B 291 -42.67 2.87 15.08
C VAL B 291 -43.32 1.70 14.32
N LEU B 292 -42.59 1.04 13.42
CA LEU B 292 -43.17 0.02 12.52
C LEU B 292 -43.31 -1.36 13.19
N GLN B 293 -42.54 -1.67 14.24
CA GLN B 293 -42.60 -2.99 14.86
C GLN B 293 -43.10 -3.03 16.29
N TYR B 294 -42.99 -1.93 17.05
CA TYR B 294 -43.49 -1.89 18.42
C TYR B 294 -44.84 -1.22 18.54
N HIS B 295 -45.09 -0.15 17.77
CA HIS B 295 -46.35 0.56 17.81
C HIS B 295 -47.41 -0.04 16.89
N HIS B 296 -47.04 -1.02 16.05
CA HIS B 296 -47.95 -1.50 15.03
C HIS B 296 -49.20 -2.14 15.64
N HIS B 297 -49.01 -3.00 16.64
CA HIS B 297 -50.12 -3.80 17.14
C HIS B 297 -51.20 -2.93 17.77
N ASP B 298 -50.81 -1.94 18.57
CA ASP B 298 -51.76 -1.14 19.33
C ASP B 298 -51.83 0.26 18.75
N PRO B 299 -53.03 0.83 18.57
CA PRO B 299 -53.11 2.23 18.12
C PRO B 299 -52.54 3.21 19.11
N ASP B 300 -52.43 2.83 20.39
CA ASP B 300 -51.79 3.64 21.42
C ASP B 300 -50.75 2.82 22.16
N GLY B 301 -49.93 2.08 21.43
CA GLY B 301 -48.89 1.25 22.02
C GLY B 301 -47.64 2.03 22.34
N GLY B 302 -47.21 2.86 21.40
CA GLY B 302 -46.10 3.77 21.63
C GLY B 302 -46.45 4.96 22.48
N LYS B 303 -47.74 5.20 22.69
CA LYS B 303 -48.20 6.27 23.56
C LYS B 303 -48.31 5.85 25.02
N MET B 304 -48.10 4.58 25.36
CA MET B 304 -48.10 4.24 26.78
C MET B 304 -47.06 4.96 27.61
N PRO B 305 -45.79 4.98 27.25
CA PRO B 305 -44.85 5.76 28.07
C PRO B 305 -45.34 7.19 28.21
N LYS B 306 -45.38 7.67 29.45
CA LYS B 306 -45.90 9.00 29.72
C LYS B 306 -45.12 10.06 28.95
N TRP B 307 -43.79 9.96 28.98
CA TRP B 307 -42.92 10.99 28.44
C TRP B 307 -43.02 11.08 26.92
N THR B 308 -42.91 9.92 26.24
CA THR B 308 -42.93 9.91 24.78
C THR B 308 -44.21 10.56 24.25
N ARG B 309 -45.34 10.16 24.84
CA ARG B 309 -46.65 10.63 24.39
C ARG B 309 -46.81 12.11 24.62
N VAL B 310 -46.57 12.58 25.85
CA VAL B 310 -46.82 14.00 26.12
C VAL B 310 -45.93 14.85 25.23
N ILE B 311 -44.66 14.47 25.10
CA ILE B 311 -43.76 15.20 24.22
C ILE B 311 -44.42 15.40 22.86
N LEU B 312 -44.69 14.28 22.18
CA LEU B 312 -45.18 14.40 20.80
C LEU B 312 -46.47 15.20 20.75
N LEU B 313 -47.44 14.85 21.60
CA LEU B 313 -48.78 15.40 21.47
C LEU B 313 -48.80 16.90 21.74
N ASN B 314 -48.29 17.32 22.91
CA ASN B 314 -48.36 18.73 23.25
C ASN B 314 -47.45 19.56 22.35
N TRP B 315 -46.27 19.04 21.99
CA TRP B 315 -45.41 19.78 21.09
C TRP B 315 -46.05 19.95 19.72
N CYS B 316 -46.76 18.93 19.24
CA CYS B 316 -47.45 19.06 17.96
C CYS B 316 -48.59 20.07 18.05
N ALA B 317 -49.34 20.05 19.16
CA ALA B 317 -50.40 21.03 19.32
C ALA B 317 -49.84 22.44 19.30
N TRP B 318 -48.71 22.67 19.98
CA TRP B 318 -48.08 23.99 19.96
C TRP B 318 -47.56 24.33 18.57
N PHE B 319 -46.99 23.36 17.86
CA PHE B 319 -46.33 23.58 16.59
C PHE B 319 -47.31 23.72 15.42
N LEU B 320 -48.57 23.33 15.61
CA LEU B 320 -49.56 23.43 14.54
C LEU B 320 -50.77 24.23 15.02
N ILE B 488 -79.53 -21.42 5.40
CA ILE B 488 -78.66 -20.79 4.39
C ILE B 488 -78.30 -19.38 4.85
N LEU B 489 -79.28 -18.68 5.43
CA LEU B 489 -79.07 -17.29 5.83
C LEU B 489 -77.99 -17.20 6.91
N GLU B 490 -78.01 -18.10 7.88
CA GLU B 490 -77.02 -18.06 8.96
C GLU B 490 -75.61 -18.35 8.44
N GLU B 491 -75.51 -19.22 7.45
CA GLU B 491 -74.22 -19.53 6.82
C GLU B 491 -73.61 -18.27 6.23
N VAL B 492 -74.38 -17.57 5.40
CA VAL B 492 -73.91 -16.32 4.81
C VAL B 492 -73.65 -15.31 5.92
N ARG B 493 -74.42 -15.35 7.00
CA ARG B 493 -74.15 -14.48 8.14
C ARG B 493 -72.72 -14.68 8.64
N TYR B 494 -72.36 -15.92 8.93
CA TYR B 494 -71.03 -16.18 9.46
C TYR B 494 -69.95 -15.73 8.49
N ILE B 495 -70.05 -16.17 7.24
CA ILE B 495 -68.96 -15.89 6.30
C ILE B 495 -68.86 -14.39 6.01
N ALA B 496 -70.00 -13.72 5.85
CA ALA B 496 -69.99 -12.28 5.63
C ALA B 496 -69.42 -11.53 6.82
N ASN B 497 -69.75 -11.97 8.04
CA ASN B 497 -69.20 -11.33 9.22
C ASN B 497 -67.68 -11.47 9.26
N ARG B 498 -67.16 -12.66 8.96
CA ARG B 498 -65.71 -12.82 8.99
C ARG B 498 -65.04 -12.01 7.88
N PHE B 499 -65.68 -11.91 6.71
CA PHE B 499 -65.12 -11.08 5.65
C PHE B 499 -65.13 -9.60 6.03
N ARG B 500 -66.19 -9.16 6.71
CA ARG B 500 -66.23 -7.80 7.22
C ARG B 500 -65.11 -7.56 8.23
N CYS B 501 -64.83 -8.55 9.06
CA CYS B 501 -63.72 -8.44 10.00
C CYS B 501 -62.40 -8.31 9.26
N GLN B 502 -62.22 -9.08 8.18
CA GLN B 502 -61.03 -8.94 7.35
C GLN B 502 -60.90 -7.51 6.82
N ASP B 503 -61.99 -7.01 6.24
CA ASP B 503 -61.98 -5.64 5.72
C ASP B 503 -61.60 -4.64 6.80
N GLU B 504 -62.14 -4.82 8.00
CA GLU B 504 -61.81 -3.94 9.12
C GLU B 504 -60.32 -4.01 9.43
N SER B 505 -59.77 -5.22 9.48
CA SER B 505 -58.37 -5.41 9.86
C SER B 505 -57.40 -4.93 8.79
N GLU B 506 -57.86 -4.68 7.57
CA GLU B 506 -56.94 -4.41 6.47
C GLU B 506 -56.73 -2.93 6.13
N ALA B 507 -57.53 -2.02 6.69
CA ALA B 507 -57.57 -0.65 6.17
C ALA B 507 -57.55 0.40 7.30
N VAL B 508 -56.58 0.30 8.21
CA VAL B 508 -56.50 1.23 9.33
C VAL B 508 -55.07 1.75 9.49
N CYS B 509 -54.97 3.06 9.76
CA CYS B 509 -53.75 3.68 10.26
C CYS B 509 -54.11 4.49 11.50
N SER B 510 -53.13 4.73 12.36
CA SER B 510 -53.37 5.32 13.66
C SER B 510 -52.34 6.42 13.91
N GLU B 511 -52.28 6.88 15.17
CA GLU B 511 -51.41 7.99 15.54
C GLU B 511 -49.94 7.69 15.31
N TRP B 512 -49.58 6.43 15.01
CA TRP B 512 -48.18 6.14 14.75
C TRP B 512 -47.72 6.61 13.38
N LYS B 513 -48.57 6.53 12.36
CA LYS B 513 -48.21 7.08 11.06
C LYS B 513 -47.99 8.58 11.18
N PHE B 514 -48.91 9.27 11.87
CA PHE B 514 -48.79 10.71 12.08
C PHE B 514 -47.56 11.05 12.92
N ALA B 515 -47.29 10.25 13.96
CA ALA B 515 -46.12 10.51 14.80
C ALA B 515 -44.83 10.32 14.02
N ALA B 516 -44.73 9.26 13.21
CA ALA B 516 -43.51 9.01 12.42
C ALA B 516 -43.38 10.12 11.38
N CYS B 517 -44.48 10.62 10.79
CA CYS B 517 -44.42 11.74 9.87
C CYS B 517 -43.92 13.00 10.59
N VAL B 518 -44.39 13.24 11.81
CA VAL B 518 -43.95 14.40 12.58
C VAL B 518 -42.47 14.30 12.89
N VAL B 519 -42.08 13.14 13.43
CA VAL B 519 -40.68 12.88 13.89
C VAL B 519 -39.76 12.95 12.67
N ASP B 520 -40.11 12.25 11.60
CA ASP B 520 -39.31 12.23 10.35
C ASP B 520 -39.28 13.64 9.77
N ARG B 521 -40.38 14.39 9.83
CA ARG B 521 -40.42 15.80 9.36
C ARG B 521 -39.43 16.59 10.21
N LEU B 522 -39.39 16.37 11.52
CA LEU B 522 -38.46 17.07 12.44
C LEU B 522 -37.02 16.67 12.06
N CYS B 523 -36.78 15.42 11.71
CA CYS B 523 -35.44 14.93 11.29
C CYS B 523 -35.06 15.66 10.02
N LEU B 524 -36.00 15.83 9.07
CA LEU B 524 -35.75 16.53 7.79
C LEU B 524 -35.39 17.97 8.15
N MET B 525 -36.10 18.59 9.09
CA MET B 525 -35.86 20.00 9.48
C MET B 525 -34.46 20.12 10.08
N ALA B 526 -34.04 19.17 10.92
CA ALA B 526 -32.71 19.19 11.56
C ALA B 526 -31.66 19.06 10.45
N PHE B 527 -31.90 18.17 9.49
CA PHE B 527 -30.96 17.93 8.36
C PHE B 527 -30.86 19.21 7.55
N SER B 528 -31.96 19.92 7.31
CA SER B 528 -32.02 21.18 6.52
C SER B 528 -31.28 22.31 7.26
N VAL B 529 -31.39 22.35 8.59
CA VAL B 529 -30.71 23.39 9.41
C VAL B 529 -29.20 23.20 9.23
N PHE B 530 -28.73 21.95 9.11
CA PHE B 530 -27.30 21.66 8.99
C PHE B 530 -26.81 21.89 7.57
N THR B 531 -27.60 21.51 6.56
CA THR B 531 -27.17 21.70 5.18
C THR B 531 -26.99 23.18 4.87
N ILE B 532 -27.99 23.99 5.21
CA ILE B 532 -27.90 25.43 4.93
C ILE B 532 -26.73 26.04 5.68
N ILE B 533 -26.59 25.72 6.97
CA ILE B 533 -25.55 26.35 7.77
C ILE B 533 -24.18 25.99 7.24
N CYS B 534 -23.96 24.71 6.92
CA CYS B 534 -22.64 24.29 6.44
C CYS B 534 -22.37 24.85 5.05
N THR B 535 -23.38 24.88 4.17
CA THR B 535 -23.17 25.39 2.83
C THR B 535 -22.80 26.87 2.86
N ILE B 536 -23.53 27.67 3.65
CA ILE B 536 -23.19 29.09 3.72
C ILE B 536 -21.85 29.28 4.40
N GLY B 537 -21.56 28.52 5.45
CA GLY B 537 -20.29 28.66 6.13
C GLY B 537 -19.11 28.36 5.23
N ILE B 538 -19.19 27.26 4.47
CA ILE B 538 -18.12 26.95 3.52
C ILE B 538 -18.06 28.01 2.43
N LEU B 539 -19.21 28.57 2.05
CA LEU B 539 -19.19 29.71 1.13
C LEU B 539 -18.41 30.87 1.72
N MET B 540 -18.69 31.23 2.98
CA MET B 540 -18.02 32.35 3.63
C MET B 540 -16.88 31.83 4.50
N SER B 541 -15.87 31.29 3.83
CA SER B 541 -14.67 30.80 4.48
C SER B 541 -13.52 31.77 4.24
N ALA B 542 -12.54 31.76 5.15
CA ALA B 542 -11.35 32.57 4.94
C ALA B 542 -10.71 32.32 3.59
N PRO B 543 -10.54 31.07 3.14
CA PRO B 543 -10.23 30.84 1.73
C PRO B 543 -11.48 30.95 0.87
N ASN B 544 -11.82 32.17 0.47
CA ASN B 544 -13.08 32.46 -0.21
C ASN B 544 -13.44 31.37 -1.22
N PHE B 545 -14.65 30.84 -1.08
CA PHE B 545 -15.15 29.78 -1.95
C PHE B 545 -15.81 30.32 -3.21
N VAL B 546 -16.55 31.42 -3.09
CA VAL B 546 -17.26 31.97 -4.24
C VAL B 546 -16.27 32.41 -5.31
N GLU B 547 -15.21 33.14 -4.90
CA GLU B 547 -14.21 33.57 -5.86
C GLU B 547 -13.46 32.38 -6.44
N ALA B 548 -13.17 31.37 -5.61
CA ALA B 548 -12.45 30.20 -6.10
C ALA B 548 -13.25 29.46 -7.16
N VAL B 549 -14.56 29.27 -6.93
CA VAL B 549 -15.38 28.60 -7.93
C VAL B 549 -15.53 29.46 -9.17
N SER B 550 -15.64 30.78 -8.99
CA SER B 550 -15.66 31.68 -10.14
C SER B 550 -14.41 31.48 -11.00
N LYS B 551 -13.26 31.28 -10.35
CA LYS B 551 -12.02 31.04 -11.09
C LYS B 551 -12.04 29.67 -11.77
N ASP B 552 -12.42 28.63 -11.03
CA ASP B 552 -12.33 27.26 -11.53
C ASP B 552 -13.57 26.82 -12.31
N PHE B 553 -14.63 27.61 -12.33
CA PHE B 553 -15.84 27.25 -13.06
C PHE B 553 -16.34 28.44 -13.88
N GLU C 1 43.60 35.10 8.79
CA GLU C 1 45.05 35.07 9.11
C GLU C 1 45.32 34.25 10.36
N PHE C 2 44.98 34.81 11.52
CA PHE C 2 45.21 34.10 12.77
C PHE C 2 44.41 32.81 12.82
N GLN C 3 43.27 32.76 12.13
CA GLN C 3 42.50 31.54 12.05
C GLN C 3 43.29 30.44 11.34
N ARG C 4 43.96 30.80 10.25
CA ARG C 4 44.78 29.82 9.52
C ARG C 4 45.92 29.32 10.38
N LYS C 5 46.61 30.24 11.07
CA LYS C 5 47.71 29.88 11.94
C LYS C 5 47.25 28.99 13.08
N LEU C 6 46.06 29.25 13.61
CA LEU C 6 45.51 28.44 14.69
C LEU C 6 45.14 27.05 14.22
N TYR C 7 44.47 26.96 13.07
CA TYR C 7 44.09 25.65 12.53
C TYR C 7 45.33 24.82 12.23
N LYS C 8 46.38 25.45 11.71
CA LYS C 8 47.62 24.72 11.49
C LYS C 8 48.24 24.27 12.80
N GLU C 9 48.20 25.13 13.82
CA GLU C 9 48.83 24.80 15.09
C GLU C 9 48.14 23.64 15.79
N LEU C 10 46.80 23.59 15.73
CA LEU C 10 46.07 22.62 16.54
C LEU C 10 46.23 21.19 16.04
N VAL C 11 46.38 21.00 14.74
CA VAL C 11 46.40 19.67 14.14
C VAL C 11 47.82 19.17 13.92
N LYS C 12 48.79 19.72 14.65
CA LYS C 12 50.18 19.30 14.46
C LYS C 12 50.33 17.81 14.72
N ASN C 13 50.02 17.38 15.94
CA ASN C 13 50.16 15.98 16.32
C ASN C 13 48.84 15.40 16.82
N TYR C 14 47.73 16.03 16.48
CA TYR C 14 46.43 15.57 16.96
C TYR C 14 46.09 14.22 16.36
N ASN C 15 45.54 13.34 17.19
CA ASN C 15 45.09 12.02 16.75
C ASN C 15 43.61 11.86 17.09
N PRO C 16 42.73 11.78 16.10
CA PRO C 16 41.30 11.65 16.41
C PRO C 16 40.96 10.40 17.18
N LEU C 17 41.82 9.37 17.13
CA LEU C 17 41.57 8.16 17.91
C LEU C 17 41.85 8.37 19.38
N GLU C 18 42.66 9.36 19.73
CA GLU C 18 43.06 9.57 21.11
C GLU C 18 41.90 10.16 21.90
N ARG C 19 41.64 9.58 23.06
CA ARG C 19 40.69 10.16 23.99
C ARG C 19 41.32 11.41 24.59
N PRO C 20 40.71 12.58 24.44
CA PRO C 20 41.39 13.84 24.82
C PRO C 20 41.32 14.14 26.31
N VAL C 21 42.24 13.54 27.06
CA VAL C 21 42.36 13.76 28.50
C VAL C 21 43.84 13.88 28.84
N ALA C 22 44.15 14.81 29.74
CA ALA C 22 45.52 14.95 30.20
C ALA C 22 45.97 13.72 30.96
N ASN C 23 45.08 13.16 31.78
CA ASN C 23 45.35 11.95 32.56
C ASN C 23 44.62 10.80 31.89
N ASP C 24 45.38 9.92 31.23
CA ASP C 24 44.78 8.81 30.53
C ASP C 24 44.07 7.85 31.47
N SER C 25 44.46 7.83 32.74
CA SER C 25 43.82 6.96 33.71
C SER C 25 42.46 7.47 34.15
N GLN C 26 42.21 8.75 33.99
CA GLN C 26 40.92 9.29 34.39
C GLN C 26 39.92 9.18 33.26
N PRO C 27 38.64 9.08 33.57
CA PRO C 27 37.61 9.08 32.54
C PRO C 27 37.35 10.48 32.02
N LEU C 28 36.67 10.53 30.88
CA LEU C 28 36.30 11.78 30.25
C LEU C 28 34.82 12.04 30.48
N THR C 29 34.52 13.23 30.99
CA THR C 29 33.14 13.59 31.30
C THR C 29 32.47 14.14 30.06
N VAL C 30 31.35 13.52 29.68
CA VAL C 30 30.58 13.93 28.51
C VAL C 30 29.15 14.19 28.98
N TYR C 31 28.70 15.43 28.82
CA TYR C 31 27.33 15.82 29.18
C TYR C 31 26.48 15.64 27.93
N PHE C 32 25.61 14.62 27.95
CA PHE C 32 24.74 14.31 26.83
C PHE C 32 23.31 14.71 27.18
N SER C 33 22.70 15.47 26.28
CA SER C 33 21.36 15.99 26.41
C SER C 33 20.65 15.90 25.07
N LEU C 34 19.41 16.34 25.03
CA LEU C 34 18.57 16.15 23.86
C LEU C 34 17.62 17.33 23.71
N SER C 35 17.26 17.62 22.47
CA SER C 35 16.32 18.68 22.14
C SER C 35 15.30 18.12 21.15
N LEU C 36 14.06 17.98 21.59
CA LEU C 36 13.01 17.38 20.78
C LEU C 36 12.30 18.48 20.01
N LEU C 37 12.24 18.34 18.68
CA LEU C 37 11.66 19.36 17.83
C LEU C 37 10.27 18.99 17.35
N GLN C 38 10.03 17.72 17.06
CA GLN C 38 8.77 17.32 16.46
C GLN C 38 8.66 15.81 16.50
N ILE C 39 7.49 15.31 16.89
CA ILE C 39 7.18 13.90 16.77
C ILE C 39 6.59 13.69 15.39
N MET C 40 7.33 13.02 14.53
CA MET C 40 6.97 12.93 13.12
C MET C 40 5.99 11.80 12.84
N ASP C 41 6.09 10.69 13.55
CA ASP C 41 5.17 9.61 13.29
C ASP C 41 5.19 8.60 14.43
N VAL C 42 4.07 7.90 14.59
CA VAL C 42 3.97 6.78 15.52
C VAL C 42 3.29 5.65 14.75
N ASP C 43 4.10 4.75 14.18
CA ASP C 43 3.58 3.59 13.47
C ASP C 43 3.28 2.52 14.51
N GLU C 44 2.02 2.50 14.94
CA GLU C 44 1.60 1.49 15.90
C GLU C 44 1.65 0.10 15.29
N LYS C 45 1.52 0.00 13.96
CA LYS C 45 1.57 -1.30 13.31
C LYS C 45 2.92 -1.96 13.50
N ASN C 46 4.00 -1.22 13.22
CA ASN C 46 5.35 -1.72 13.40
C ASN C 46 5.97 -1.32 14.73
N GLN C 47 5.24 -0.60 15.56
CA GLN C 47 5.74 -0.19 16.87
C GLN C 47 7.00 0.64 16.72
N VAL C 48 6.91 1.69 15.91
CA VAL C 48 8.04 2.55 15.59
C VAL C 48 7.68 3.99 15.90
N LEU C 49 8.63 4.73 16.44
CA LEU C 49 8.47 6.14 16.74
C LEU C 49 9.49 6.93 15.93
N THR C 50 9.01 7.84 15.09
CA THR C 50 9.85 8.65 14.24
C THR C 50 9.85 10.07 14.77
N THR C 51 11.00 10.52 15.22
CA THR C 51 11.16 11.80 15.89
C THR C 51 12.24 12.62 15.21
N ASN C 52 12.15 13.93 15.39
CA ASN C 52 13.21 14.86 15.00
C ASN C 52 13.85 15.41 16.26
N ILE C 53 15.14 15.17 16.43
CA ILE C 53 15.83 15.58 17.64
C ILE C 53 17.23 16.06 17.32
N TRP C 54 17.69 17.02 18.11
CA TRP C 54 19.07 17.47 18.11
C TRP C 54 19.73 16.95 19.37
N LEU C 55 20.76 16.13 19.20
CA LEU C 55 21.55 15.72 20.34
C LEU C 55 22.38 16.89 20.85
N GLN C 56 22.93 16.73 22.04
CA GLN C 56 23.79 17.75 22.64
C GLN C 56 24.89 17.04 23.42
N MET C 57 26.06 16.92 22.82
CA MET C 57 27.23 16.40 23.49
C MET C 57 28.14 17.56 23.83
N SER C 58 28.52 17.68 25.10
CA SER C 58 29.44 18.70 25.55
C SER C 58 30.56 18.02 26.30
N TRP C 59 31.80 18.29 25.91
CA TRP C 59 32.94 17.70 26.60
C TRP C 59 34.11 18.66 26.53
N THR C 60 35.29 18.17 26.91
CA THR C 60 36.48 18.99 27.01
C THR C 60 37.64 18.30 26.29
N ASP C 61 38.33 19.06 25.45
CA ASP C 61 39.49 18.57 24.72
C ASP C 61 40.72 19.30 25.26
N HIS C 62 41.61 18.55 25.91
CA HIS C 62 42.78 19.13 26.54
C HIS C 62 43.76 19.72 25.53
N TYR C 63 43.72 19.25 24.28
CA TYR C 63 44.70 19.67 23.29
C TYR C 63 44.24 20.86 22.47
N LEU C 64 42.93 21.09 22.38
CA LEU C 64 42.40 22.22 21.63
C LEU C 64 42.20 23.40 22.57
N GLN C 65 43.32 24.02 22.93
CA GLN C 65 43.33 25.16 23.83
C GLN C 65 44.29 26.20 23.28
N TRP C 66 43.79 27.41 23.05
CA TRP C 66 44.59 28.51 22.58
C TRP C 66 44.33 29.73 23.44
N ASN C 67 45.12 30.77 23.22
CA ASN C 67 45.04 32.02 23.97
C ASN C 67 44.54 33.11 23.03
N VAL C 68 43.42 33.75 23.37
CA VAL C 68 42.77 34.66 22.43
C VAL C 68 43.70 35.82 22.09
N SER C 69 44.52 36.26 23.04
CA SER C 69 45.47 37.32 22.77
C SER C 69 46.46 36.90 21.69
N GLU C 70 46.90 35.64 21.74
CA GLU C 70 47.83 35.14 20.72
C GLU C 70 47.17 35.08 19.35
N TYR C 71 45.87 34.78 19.31
CA TYR C 71 45.10 34.66 18.08
C TYR C 71 43.88 35.57 18.19
N PRO C 72 44.06 36.88 18.02
CA PRO C 72 42.92 37.80 18.20
C PRO C 72 41.85 37.60 17.15
N GLY C 73 40.60 37.77 17.57
CA GLY C 73 39.47 37.73 16.67
C GLY C 73 38.90 36.35 16.40
N VAL C 74 39.49 35.31 16.96
CA VAL C 74 39.02 33.94 16.76
C VAL C 74 38.78 33.34 18.15
N LYS C 75 37.50 33.23 18.53
CA LYS C 75 37.10 32.63 19.78
C LYS C 75 36.54 31.24 19.60
N THR C 76 36.43 30.76 18.36
CA THR C 76 35.84 29.45 18.10
C THR C 76 36.49 28.84 16.87
N VAL C 77 36.40 27.52 16.79
CA VAL C 77 36.80 26.77 15.61
C VAL C 77 35.84 25.62 15.41
N ARG C 78 35.80 25.13 14.18
CA ARG C 78 34.91 24.04 13.79
C ARG C 78 35.74 22.91 13.20
N PHE C 79 35.41 21.69 13.59
CA PHE C 79 36.12 20.50 13.14
C PHE C 79 35.12 19.45 12.71
N PRO C 80 35.17 18.98 11.46
CA PRO C 80 34.19 17.98 11.02
C PRO C 80 34.44 16.58 11.57
N ASP C 81 33.67 15.62 11.06
CA ASP C 81 33.60 14.28 11.65
C ASP C 81 34.97 13.70 11.95
N GLY C 82 35.79 13.50 10.92
CA GLY C 82 36.98 12.71 11.05
C GLY C 82 38.25 13.47 11.42
N GLN C 83 38.15 14.76 11.71
CA GLN C 83 39.35 15.54 12.00
C GLN C 83 39.69 15.57 13.48
N ILE C 84 38.75 15.30 14.36
CA ILE C 84 39.00 15.26 15.79
C ILE C 84 38.15 14.16 16.42
N TRP C 85 38.30 14.02 17.73
CA TRP C 85 37.65 12.95 18.47
C TRP C 85 36.22 13.33 18.82
N LYS C 86 35.29 12.44 18.51
CA LYS C 86 33.92 12.56 18.95
C LYS C 86 33.50 11.26 19.62
N PRO C 87 32.67 11.33 20.65
CA PRO C 87 32.18 10.10 21.27
C PRO C 87 31.31 9.30 20.31
N ASP C 88 31.42 7.98 20.43
CA ASP C 88 30.64 7.07 19.59
C ASP C 88 29.27 6.81 20.20
N ILE C 89 28.57 7.89 20.50
CA ILE C 89 27.25 7.79 21.12
C ILE C 89 26.21 7.53 20.05
N LEU C 90 25.32 6.59 20.31
CA LEU C 90 24.31 6.22 19.36
C LEU C 90 23.09 5.68 20.09
N LEU C 91 22.05 5.37 19.32
CA LEU C 91 20.76 4.94 19.83
C LEU C 91 20.71 3.42 19.79
N TYR C 92 20.62 2.80 20.97
CA TYR C 92 20.61 1.34 21.04
C TYR C 92 19.37 0.77 20.36
N ASN C 93 18.20 1.26 20.74
CA ASN C 93 16.94 0.72 20.25
C ASN C 93 16.49 1.45 18.98
N SER C 94 17.38 1.42 17.99
CA SER C 94 17.12 2.05 16.71
C SER C 94 16.47 1.07 15.75
N ALA C 95 15.67 1.62 14.84
CA ALA C 95 14.98 0.86 13.81
C ALA C 95 15.19 1.46 12.43
N ASP C 96 16.29 2.18 12.24
CA ASP C 96 16.45 3.03 11.06
C ASP C 96 16.82 2.24 9.81
N GLU C 97 17.36 1.04 9.98
CA GLU C 97 17.93 0.08 9.03
C GLU C 97 19.26 0.60 8.48
N ARG C 98 19.71 1.79 8.91
CA ARG C 98 21.12 2.14 8.90
C ARG C 98 21.70 2.14 10.30
N PHE C 99 20.85 2.13 11.33
CA PHE C 99 21.21 2.08 12.74
C PHE C 99 21.93 3.34 13.21
N ASP C 100 22.03 4.37 12.38
CA ASP C 100 22.52 5.66 12.83
C ASP C 100 21.96 6.72 11.90
N ALA C 101 21.05 7.54 12.41
CA ALA C 101 20.38 8.55 11.61
C ALA C 101 20.98 9.93 11.79
N THR C 102 22.04 10.07 12.59
CA THR C 102 22.64 11.37 12.80
C THR C 102 23.24 11.89 11.52
N PHE C 103 22.99 13.16 11.24
CA PHE C 103 23.70 13.88 10.18
C PHE C 103 24.92 14.49 10.82
N HIS C 104 26.10 13.99 10.46
CA HIS C 104 27.32 14.43 11.09
C HIS C 104 27.60 15.88 10.72
N THR C 105 27.70 16.73 11.73
CA THR C 105 27.94 18.15 11.56
C THR C 105 29.27 18.52 12.18
N ASN C 106 29.55 19.81 12.21
CA ASN C 106 30.80 20.31 12.73
C ASN C 106 30.78 20.32 14.26
N VAL C 107 31.96 20.13 14.83
CA VAL C 107 32.17 20.22 16.27
C VAL C 107 32.73 21.60 16.57
N LEU C 108 32.09 22.31 17.47
CA LEU C 108 32.45 23.67 17.82
C LEU C 108 33.30 23.67 19.08
N VAL C 109 34.41 24.40 19.04
CA VAL C 109 35.41 24.38 20.10
C VAL C 109 35.81 25.81 20.43
N ASN C 110 36.04 26.08 21.72
CA ASN C 110 36.42 27.39 22.18
C ASN C 110 37.74 27.32 22.97
N SER C 111 38.33 28.45 23.33
CA SER C 111 39.73 28.42 23.84
C SER C 111 39.93 27.50 25.02
N SER C 112 38.95 27.41 25.92
CA SER C 112 39.09 26.55 27.08
C SER C 112 39.09 25.08 26.71
N GLY C 113 38.73 24.76 25.47
CA GLY C 113 38.67 23.38 25.03
C GLY C 113 37.30 22.76 25.12
N HIS C 114 36.28 23.53 25.45
CA HIS C 114 34.94 22.98 25.56
C HIS C 114 34.36 22.75 24.17
N CYS C 115 34.09 21.50 23.86
CA CYS C 115 33.61 21.08 22.56
C CYS C 115 32.13 20.78 22.62
N GLN C 116 31.38 21.34 21.68
CA GLN C 116 29.96 21.12 21.52
C GLN C 116 29.71 20.34 20.24
N TYR C 117 28.72 19.46 20.28
CA TYR C 117 28.35 18.67 19.11
C TYR C 117 26.84 18.46 19.16
N LEU C 118 26.13 19.01 18.18
CA LEU C 118 24.67 18.98 18.15
C LEU C 118 24.21 18.38 16.84
N PRO C 119 24.41 17.08 16.65
CA PRO C 119 23.99 16.43 15.43
C PRO C 119 22.49 16.26 15.40
N PRO C 120 21.82 16.72 14.34
CA PRO C 120 20.39 16.50 14.21
C PRO C 120 20.09 15.11 13.67
N GLY C 121 18.83 14.71 13.80
CA GLY C 121 18.45 13.42 13.31
C GLY C 121 16.97 13.14 13.25
N ILE C 122 16.59 12.40 12.20
CA ILE C 122 15.29 11.76 12.10
C ILE C 122 15.48 10.35 12.67
N PHE C 123 15.26 10.23 13.97
CA PHE C 123 15.50 8.98 14.66
C PHE C 123 14.25 8.11 14.63
N LYS C 124 14.41 6.87 14.20
CA LYS C 124 13.37 5.87 14.24
C LYS C 124 13.73 4.89 15.35
N SER C 125 12.91 4.85 16.39
CA SER C 125 13.14 4.03 17.56
C SER C 125 12.04 2.99 17.69
N SER C 126 12.37 1.90 18.36
CA SER C 126 11.42 0.82 18.61
C SER C 126 10.86 1.00 20.02
N CYS C 127 9.56 1.25 20.12
CA CYS C 127 8.90 1.44 21.39
C CYS C 127 7.63 0.61 21.44
N TYR C 128 7.41 -0.04 22.58
CA TYR C 128 6.25 -0.90 22.73
C TYR C 128 4.98 -0.08 22.84
N ILE C 129 4.00 -0.40 22.02
CA ILE C 129 2.75 0.34 21.94
C ILE C 129 1.69 -0.43 22.71
N ASP C 130 1.08 0.24 23.69
CA ASP C 130 0.01 -0.35 24.49
C ASP C 130 -1.32 0.15 23.97
N VAL C 131 -2.15 -0.78 23.51
CA VAL C 131 -3.47 -0.48 22.96
C VAL C 131 -4.58 -1.01 23.86
N ARG C 132 -4.25 -1.43 25.08
CA ARG C 132 -5.27 -1.93 25.99
C ARG C 132 -6.38 -0.90 26.19
N TRP C 133 -6.00 0.35 26.46
CA TRP C 133 -6.96 1.43 26.71
C TRP C 133 -7.18 2.30 25.48
N PHE C 134 -7.14 1.70 24.30
CA PHE C 134 -7.36 2.45 23.07
C PHE C 134 -8.78 3.03 23.05
N PRO C 135 -8.96 4.23 22.47
CA PRO C 135 -7.95 5.15 21.94
C PRO C 135 -7.48 6.19 22.96
N PHE C 136 -7.96 6.07 24.20
CA PHE C 136 -7.54 6.97 25.27
C PHE C 136 -6.31 6.37 25.97
N ASP C 137 -5.21 6.35 25.21
CA ASP C 137 -4.00 5.68 25.63
C ASP C 137 -2.83 6.65 25.68
N VAL C 138 -1.93 6.42 26.63
CA VAL C 138 -0.67 7.14 26.74
C VAL C 138 0.46 6.16 26.46
N GLN C 139 1.45 6.61 25.70
CA GLN C 139 2.58 5.79 25.32
C GLN C 139 3.85 6.35 25.94
N HIS C 140 4.63 5.45 26.54
CA HIS C 140 5.94 5.75 27.09
C HIS C 140 6.96 5.10 26.18
N CYS C 141 7.39 5.82 25.15
CA CYS C 141 8.33 5.29 24.17
C CYS C 141 9.74 5.73 24.54
N LYS C 142 10.66 4.77 24.60
CA LYS C 142 11.97 5.00 25.14
C LYS C 142 12.98 5.30 24.04
N LEU C 143 13.98 6.11 24.40
CA LEU C 143 15.13 6.39 23.55
C LEU C 143 16.37 6.17 24.40
N LYS C 144 17.10 5.09 24.11
CA LYS C 144 18.26 4.70 24.90
C LYS C 144 19.51 5.08 24.12
N PHE C 145 20.24 6.05 24.63
CA PHE C 145 21.47 6.54 24.02
C PHE C 145 22.65 6.11 24.85
N GLY C 146 23.75 5.78 24.19
CA GLY C 146 24.94 5.40 24.92
C GLY C 146 26.12 5.26 24.00
N SER C 147 27.29 5.21 24.62
CA SER C 147 28.52 4.98 23.89
C SER C 147 28.69 3.50 23.64
N TRP C 148 29.16 3.16 22.44
CA TRP C 148 29.25 1.77 22.06
C TRP C 148 30.51 1.12 22.60
N SER C 149 31.66 1.77 22.43
CA SER C 149 32.94 1.17 22.78
C SER C 149 33.62 1.81 23.98
N TYR C 150 33.10 2.92 24.48
CA TYR C 150 33.69 3.61 25.63
C TYR C 150 32.85 3.32 26.86
N GLY C 151 33.50 2.81 27.90
CA GLY C 151 32.82 2.47 29.13
C GLY C 151 32.96 3.52 30.21
N GLY C 152 32.45 3.18 31.39
CA GLY C 152 32.46 4.13 32.50
C GLY C 152 33.86 4.52 32.91
N TRP C 153 34.80 3.59 32.85
CA TRP C 153 36.18 3.90 33.19
C TRP C 153 36.84 4.82 32.19
N SER C 154 36.23 5.03 31.03
CA SER C 154 36.77 5.88 29.99
C SER C 154 35.85 7.01 29.58
N LEU C 155 34.56 6.93 29.90
CA LEU C 155 33.60 7.95 29.45
C LEU C 155 32.49 8.04 30.50
N ASP C 156 32.57 9.07 31.33
CA ASP C 156 31.57 9.33 32.36
C ASP C 156 30.43 10.13 31.72
N LEU C 157 29.44 9.40 31.21
CA LEU C 157 28.36 10.00 30.43
C LEU C 157 27.30 10.54 31.38
N GLN C 158 27.32 11.86 31.59
CA GLN C 158 26.33 12.51 32.43
C GLN C 158 25.11 12.93 31.61
N MET C 159 24.03 13.23 32.32
CA MET C 159 22.75 13.56 31.70
C MET C 159 22.33 14.97 32.13
N GLN C 160 21.90 15.76 31.15
CA GLN C 160 21.25 17.04 31.35
C GLN C 160 19.83 16.97 30.81
N GLU C 161 18.89 17.64 31.49
CA GLU C 161 17.49 17.47 31.14
C GLU C 161 17.23 17.83 29.70
N ALA C 162 16.27 17.14 29.10
CA ALA C 162 15.92 17.36 27.71
C ALA C 162 15.24 18.71 27.53
N ASP C 163 15.34 19.23 26.32
CA ASP C 163 14.87 20.56 25.95
C ASP C 163 13.66 20.42 25.03
N ILE C 164 12.55 21.02 25.42
CA ILE C 164 11.33 21.02 24.61
C ILE C 164 10.89 22.44 24.28
N SER C 165 11.79 23.41 24.45
CA SER C 165 11.44 24.80 24.19
C SER C 165 11.08 25.00 22.71
N GLY C 166 11.76 24.31 21.81
CA GLY C 166 11.52 24.41 20.39
C GLY C 166 10.57 23.36 19.85
N TYR C 167 9.92 22.58 20.71
CA TYR C 167 9.06 21.50 20.26
C TYR C 167 7.81 22.06 19.58
N ILE C 168 7.38 21.37 18.53
CA ILE C 168 6.22 21.74 17.71
C ILE C 168 5.13 20.71 17.97
N PRO C 169 3.96 21.09 18.50
CA PRO C 169 2.91 20.09 18.74
C PRO C 169 2.56 19.34 17.47
N ASN C 170 2.42 18.02 17.60
CA ASN C 170 2.11 17.18 16.45
C ASN C 170 0.67 17.39 16.00
N GLY C 171 -0.25 17.45 16.96
CA GLY C 171 -1.66 17.60 16.65
C GLY C 171 -2.45 16.35 16.94
N GLU C 172 -1.88 15.20 16.56
CA GLU C 172 -2.47 13.91 16.90
C GLU C 172 -1.97 13.37 18.23
N TRP C 173 -0.87 13.91 18.75
CA TRP C 173 -0.28 13.48 20.00
C TRP C 173 0.05 14.70 20.85
N ASP C 174 -0.01 14.52 22.16
CA ASP C 174 0.26 15.57 23.12
C ASP C 174 1.44 15.13 23.98
N LEU C 175 2.47 15.99 24.05
CA LEU C 175 3.73 15.63 24.70
C LEU C 175 3.61 15.92 26.19
N VAL C 176 3.30 14.89 26.98
CA VAL C 176 3.21 15.05 28.42
C VAL C 176 4.58 15.37 29.01
N GLY C 177 5.62 14.65 28.57
CA GLY C 177 6.94 14.89 29.09
C GLY C 177 7.98 14.09 28.36
N ILE C 178 9.24 14.34 28.72
CA ILE C 178 10.37 13.60 28.16
C ILE C 178 11.45 13.47 29.23
N PRO C 179 11.17 12.85 30.36
CA PRO C 179 12.17 12.76 31.43
C PRO C 179 13.31 11.82 31.07
N GLY C 180 14.46 12.11 31.67
CA GLY C 180 15.67 11.34 31.43
C GLY C 180 16.14 10.57 32.64
N LYS C 181 16.88 9.50 32.39
CA LYS C 181 17.40 8.66 33.46
C LYS C 181 18.76 8.12 33.04
N ARG C 182 19.78 8.36 33.85
CA ARG C 182 21.12 7.86 33.60
C ARG C 182 21.33 6.61 34.44
N SER C 183 21.65 5.50 33.78
CA SER C 183 21.79 4.23 34.45
C SER C 183 23.10 3.56 34.07
N GLU C 184 23.67 2.85 35.03
CA GLU C 184 24.90 2.09 34.84
C GLU C 184 24.53 0.62 34.73
N ARG C 185 24.95 -0.03 33.64
CA ARG C 185 24.58 -1.40 33.38
C ARG C 185 25.80 -2.21 32.97
N PHE C 186 25.74 -3.54 33.15
CA PHE C 186 26.78 -4.49 32.70
C PHE C 186 26.11 -5.40 31.66
N TYR C 187 26.84 -6.01 30.73
CA TYR C 187 26.27 -6.83 29.62
C TYR C 187 26.96 -8.20 29.64
N GLU C 188 26.37 -9.29 29.14
CA GLU C 188 27.14 -10.55 29.00
C GLU C 188 28.10 -10.42 27.82
N CYS C 189 28.91 -9.36 27.79
CA CYS C 189 29.90 -9.26 26.73
C CYS C 189 31.26 -8.82 27.23
N CYS C 190 31.31 -8.01 28.27
CA CYS C 190 32.41 -7.10 28.55
C CYS C 190 32.56 -6.91 30.06
N LYS C 191 33.75 -6.60 30.57
CA LYS C 191 33.96 -6.54 32.05
C LYS C 191 33.71 -5.15 32.60
N GLU C 192 33.52 -4.14 31.75
CA GLU C 192 33.39 -2.72 32.17
C GLU C 192 31.91 -2.33 32.15
N PRO C 193 31.39 -1.52 33.11
CA PRO C 193 30.04 -0.98 33.01
C PRO C 193 29.93 0.04 31.89
N TYR C 194 28.81 0.00 31.18
CA TYR C 194 28.57 0.91 30.06
C TYR C 194 27.36 1.77 30.39
N PRO C 195 27.55 3.00 30.83
CA PRO C 195 26.41 3.84 31.19
C PRO C 195 25.58 4.20 29.98
N ASP C 196 24.31 4.47 30.25
CA ASP C 196 23.35 4.86 29.23
C ASP C 196 22.46 5.96 29.77
N VAL C 197 21.89 6.71 28.84
CA VAL C 197 20.92 7.76 29.14
C VAL C 197 19.65 7.42 28.39
N THR C 198 18.56 7.24 29.13
CA THR C 198 17.29 6.82 28.55
C THR C 198 16.31 7.97 28.73
N PHE C 199 15.82 8.50 27.62
CA PHE C 199 14.80 9.54 27.62
C PHE C 199 13.47 8.90 27.27
N THR C 200 12.48 9.08 28.14
CA THR C 200 11.21 8.39 28.03
C THR C 200 10.16 9.38 27.54
N VAL C 201 9.93 9.39 26.24
CA VAL C 201 8.91 10.25 25.64
C VAL C 201 7.55 9.74 26.09
N THR C 202 6.91 10.47 27.00
CA THR C 202 5.59 10.13 27.50
C THR C 202 4.60 11.07 26.83
N MET C 203 3.75 10.50 25.97
CA MET C 203 2.82 11.31 25.20
C MET C 203 1.44 10.68 25.20
N ARG C 204 0.43 11.54 25.17
CA ARG C 204 -0.97 11.15 25.25
C ARG C 204 -1.65 11.39 23.91
N ARG C 205 -2.53 10.49 23.53
CA ARG C 205 -3.22 10.59 22.25
C ARG C 205 -4.39 11.56 22.32
N ARG C 206 -4.64 12.24 21.21
CA ARG C 206 -5.76 13.15 21.07
C ARG C 206 -6.93 12.42 20.42
N THR C 207 -8.13 12.64 20.95
CA THR C 207 -9.27 11.79 20.64
C THR C 207 -10.41 12.53 19.94
N LEU C 208 -10.31 13.83 19.71
CA LEU C 208 -11.36 14.52 18.98
C LEU C 208 -11.55 13.92 17.60
N TYR C 209 -10.45 13.76 16.87
CA TYR C 209 -10.51 13.11 15.56
C TYR C 209 -11.16 11.75 15.66
N TYR C 210 -10.67 10.90 16.57
CA TYR C 210 -11.24 9.57 16.69
C TYR C 210 -12.58 9.63 17.41
N GLY C 211 -12.87 10.75 18.09
CA GLY C 211 -14.16 10.88 18.75
C GLY C 211 -15.30 11.10 17.76
N LEU C 212 -15.04 11.87 16.70
CA LEU C 212 -16.07 12.10 15.70
C LEU C 212 -15.97 11.20 14.48
N ASN C 213 -14.79 10.71 14.15
CA ASN C 213 -14.66 9.75 13.05
C ASN C 213 -15.06 8.33 13.46
N LEU C 214 -14.61 7.87 14.62
CA LEU C 214 -14.73 6.46 14.99
C LEU C 214 -15.85 6.21 15.99
N LEU C 215 -15.89 6.96 17.10
CA LEU C 215 -16.81 6.63 18.19
C LEU C 215 -18.26 6.90 17.81
N ILE C 216 -18.53 7.95 17.02
CA ILE C 216 -19.88 8.19 16.55
C ILE C 216 -20.43 7.01 15.77
N PRO C 217 -19.72 6.48 14.76
CA PRO C 217 -20.18 5.23 14.13
C PRO C 217 -20.39 4.10 15.12
N CYS C 218 -19.52 4.00 16.14
CA CYS C 218 -19.63 2.92 17.10
C CYS C 218 -20.94 3.00 17.88
N VAL C 219 -21.29 4.20 18.34
CA VAL C 219 -22.54 4.39 19.06
C VAL C 219 -23.71 4.10 18.14
N LEU C 220 -23.59 4.46 16.86
CA LEU C 220 -24.61 4.09 15.89
C LEU C 220 -24.79 2.58 15.82
N ILE C 221 -23.68 1.85 15.74
CA ILE C 221 -23.74 0.39 15.67
C ILE C 221 -24.41 -0.17 16.91
N SER C 222 -24.05 0.35 18.08
CA SER C 222 -24.63 -0.13 19.33
C SER C 222 -26.14 0.11 19.33
N ALA C 223 -26.57 1.30 18.91
CA ALA C 223 -27.99 1.59 18.88
C ALA C 223 -28.72 0.69 17.90
N LEU C 224 -28.13 0.43 16.72
CA LEU C 224 -28.75 -0.47 15.77
C LEU C 224 -28.86 -1.88 16.33
N ALA C 225 -27.84 -2.33 17.05
CA ALA C 225 -27.89 -3.65 17.66
C ALA C 225 -28.99 -3.74 18.70
N LEU C 226 -29.14 -2.70 19.54
CA LEU C 226 -30.23 -2.65 20.55
C LEU C 226 -31.57 -2.67 19.81
N LEU C 227 -31.68 -1.94 18.70
CA LEU C 227 -32.91 -1.96 17.90
C LEU C 227 -33.22 -3.36 17.40
N VAL C 228 -32.19 -4.05 16.89
CA VAL C 228 -32.34 -5.44 16.44
C VAL C 228 -32.90 -6.29 17.57
N PHE C 229 -32.35 -6.13 18.78
CA PHE C 229 -32.74 -6.95 19.96
C PHE C 229 -34.14 -6.57 20.46
N LEU C 230 -34.65 -5.39 20.04
CA LEU C 230 -36.02 -4.95 20.44
C LEU C 230 -37.09 -5.51 19.48
N LEU C 231 -36.78 -5.76 18.21
CA LEU C 231 -37.76 -6.24 17.24
C LEU C 231 -38.17 -7.68 17.54
N PRO C 232 -39.44 -8.03 17.38
CA PRO C 232 -39.86 -9.42 17.63
C PRO C 232 -39.42 -10.36 16.51
N ALA C 233 -39.51 -11.67 16.76
CA ALA C 233 -39.08 -12.69 15.78
C ALA C 233 -39.88 -12.56 14.48
N ASP C 234 -41.19 -12.26 14.56
CA ASP C 234 -42.02 -12.11 13.39
C ASP C 234 -41.72 -10.85 12.59
N SER C 235 -40.92 -9.93 13.13
CA SER C 235 -40.56 -8.74 12.39
C SER C 235 -39.90 -9.11 11.07
N GLY C 236 -40.33 -8.47 9.99
CA GLY C 236 -39.82 -8.81 8.68
C GLY C 236 -38.34 -8.47 8.51
N GLU C 237 -37.93 -7.31 9.03
CA GLU C 237 -36.58 -6.80 8.79
C GLU C 237 -35.66 -7.01 9.99
N LYS C 238 -36.07 -7.77 11.01
CA LYS C 238 -35.22 -8.02 12.22
C LYS C 238 -34.08 -8.96 11.87
N ILE C 239 -34.25 -9.81 10.87
CA ILE C 239 -33.22 -10.81 10.49
C ILE C 239 -32.29 -10.07 9.53
N SER C 240 -32.82 -9.25 8.63
CA SER C 240 -32.02 -8.48 7.69
C SER C 240 -31.18 -7.43 8.40
N LEU C 241 -31.80 -6.72 9.35
CA LEU C 241 -31.06 -5.69 10.07
C LEU C 241 -29.94 -6.30 10.90
N GLY C 242 -30.20 -7.45 11.54
CA GLY C 242 -29.15 -8.12 12.28
C GLY C 242 -27.98 -8.47 11.38
N ILE C 243 -28.28 -9.03 10.21
CA ILE C 243 -27.21 -9.43 9.29
C ILE C 243 -26.42 -8.22 8.83
N THR C 244 -27.11 -7.15 8.45
CA THR C 244 -26.43 -5.96 7.95
C THR C 244 -25.57 -5.32 9.03
N VAL C 245 -26.11 -5.21 10.25
CA VAL C 245 -25.35 -4.67 11.36
C VAL C 245 -24.13 -5.53 11.65
N LEU C 246 -24.28 -6.85 11.58
CA LEU C 246 -23.14 -7.75 11.68
C LEU C 246 -22.04 -7.41 10.69
N LEU C 247 -22.40 -7.30 9.42
CA LEU C 247 -21.36 -7.06 8.42
C LEU C 247 -20.69 -5.71 8.64
N SER C 248 -21.47 -4.69 8.98
CA SER C 248 -20.88 -3.38 9.23
C SER C 248 -19.93 -3.44 10.43
N LEU C 249 -20.35 -4.10 11.51
CA LEU C 249 -19.53 -4.21 12.70
C LEU C 249 -18.23 -4.89 12.36
N THR C 250 -18.30 -5.97 11.57
CA THR C 250 -17.09 -6.72 11.20
C THR C 250 -16.15 -5.84 10.41
N VAL C 251 -16.67 -5.14 9.40
CA VAL C 251 -15.85 -4.23 8.63
C VAL C 251 -15.14 -3.25 9.55
N PHE C 252 -15.86 -2.75 10.53
CA PHE C 252 -15.32 -1.69 11.37
C PHE C 252 -14.29 -2.25 12.36
N MET C 253 -14.45 -3.51 12.77
CA MET C 253 -13.41 -4.22 13.51
C MET C 253 -12.14 -4.37 12.68
N LEU C 254 -12.30 -4.75 11.41
CA LEU C 254 -11.14 -4.78 10.50
C LEU C 254 -10.50 -3.42 10.36
N LEU C 255 -11.29 -2.36 10.36
CA LEU C 255 -10.71 -1.01 10.35
C LEU C 255 -9.84 -0.80 11.58
N VAL C 256 -10.34 -1.19 12.76
CA VAL C 256 -9.55 -1.06 13.97
C VAL C 256 -8.26 -1.86 13.86
N ALA C 257 -8.35 -3.07 13.30
CA ALA C 257 -7.18 -3.93 13.20
C ALA C 257 -6.16 -3.39 12.20
N GLU C 258 -6.62 -2.61 11.22
CA GLU C 258 -5.69 -2.07 10.23
C GLU C 258 -4.65 -1.17 10.89
N ILE C 259 -5.05 -0.40 11.90
CA ILE C 259 -4.16 0.58 12.51
C ILE C 259 -3.58 0.13 13.84
N MET C 260 -3.86 -1.10 14.27
CA MET C 260 -3.45 -1.67 15.55
C MET C 260 -2.49 -2.83 15.35
N PRO C 261 -1.49 -2.98 16.22
CA PRO C 261 -0.54 -4.09 16.06
C PRO C 261 -1.16 -5.43 16.44
N ALA C 262 -0.48 -6.50 16.03
CA ALA C 262 -0.92 -7.86 16.30
C ALA C 262 -0.38 -8.40 17.61
N THR C 263 0.25 -7.55 18.41
CA THR C 263 0.74 -7.94 19.72
C THR C 263 -0.37 -8.53 20.58
N SER C 264 -0.07 -9.64 21.25
CA SER C 264 -1.03 -10.38 22.04
C SER C 264 -0.96 -10.09 23.53
N ASP C 265 -0.14 -9.12 23.94
CA ASP C 265 -0.02 -8.76 25.35
C ASP C 265 -1.28 -8.08 25.87
N SER C 266 -2.17 -7.62 25.00
CA SER C 266 -3.40 -6.97 25.41
C SER C 266 -4.30 -6.88 24.19
N VAL C 267 -5.56 -6.52 24.42
CA VAL C 267 -6.55 -6.41 23.35
C VAL C 267 -7.22 -5.06 23.45
N PRO C 268 -7.42 -4.34 22.33
CA PRO C 268 -8.19 -3.09 22.40
C PRO C 268 -9.58 -3.35 22.95
N LEU C 269 -9.96 -2.58 23.97
CA LEU C 269 -11.30 -2.71 24.52
C LEU C 269 -12.37 -2.44 23.48
N ILE C 270 -12.14 -1.50 22.58
CA ILE C 270 -13.13 -1.26 21.55
C ILE C 270 -13.34 -2.53 20.74
N ALA C 271 -12.26 -3.20 20.35
CA ALA C 271 -12.38 -4.43 19.57
C ALA C 271 -13.01 -5.56 20.39
N GLN C 272 -12.69 -5.63 21.68
CA GLN C 272 -13.29 -6.66 22.52
C GLN C 272 -14.80 -6.46 22.62
N TYR C 273 -15.24 -5.21 22.81
CA TYR C 273 -16.67 -4.91 22.82
C TYR C 273 -17.30 -5.25 21.48
N PHE C 274 -16.60 -4.94 20.38
CA PHE C 274 -17.05 -5.34 19.06
C PHE C 274 -17.34 -6.83 19.02
N ALA C 275 -16.35 -7.64 19.35
CA ALA C 275 -16.50 -9.08 19.25
C ALA C 275 -17.60 -9.58 20.16
N SER C 276 -17.70 -9.02 21.37
CA SER C 276 -18.75 -9.43 22.29
C SER C 276 -20.13 -9.18 21.69
N THR C 277 -20.46 -7.92 21.43
CA THR C 277 -21.77 -7.62 20.86
C THR C 277 -21.96 -8.35 19.53
N MET C 278 -20.87 -8.68 18.84
CA MET C 278 -20.96 -9.38 17.58
C MET C 278 -21.49 -10.80 17.79
N ILE C 279 -20.88 -11.53 18.73
CA ILE C 279 -21.36 -12.87 19.02
C ILE C 279 -22.78 -12.80 19.56
N ILE C 280 -23.08 -11.77 20.35
CA ILE C 280 -24.42 -11.66 20.94
C ILE C 280 -25.48 -11.49 19.85
N VAL C 281 -25.25 -10.55 18.93
CA VAL C 281 -26.23 -10.30 17.88
C VAL C 281 -26.30 -11.48 16.92
N GLY C 282 -25.16 -12.10 16.61
CA GLY C 282 -25.18 -13.27 15.73
C GLY C 282 -25.92 -14.44 16.35
N LEU C 283 -25.71 -14.67 17.64
CA LEU C 283 -26.47 -15.68 18.35
C LEU C 283 -27.95 -15.39 18.33
N SER C 284 -28.32 -14.10 18.46
CA SER C 284 -29.75 -13.67 18.45
C SER C 284 -30.32 -13.87 17.05
N VAL C 285 -29.59 -13.52 16.00
CA VAL C 285 -30.07 -13.68 14.60
C VAL C 285 -30.24 -15.18 14.37
N VAL C 286 -29.27 -15.99 14.80
CA VAL C 286 -29.31 -17.47 14.60
C VAL C 286 -30.52 -18.02 15.36
N VAL C 287 -30.75 -17.57 16.60
CA VAL C 287 -31.85 -18.15 17.43
C VAL C 287 -33.16 -17.78 16.73
N THR C 288 -33.27 -16.55 16.24
CA THR C 288 -34.54 -16.13 15.63
C THR C 288 -34.76 -17.01 14.41
N VAL C 289 -33.70 -17.26 13.62
CA VAL C 289 -33.81 -18.07 12.37
C VAL C 289 -34.22 -19.51 12.70
N ILE C 290 -33.63 -20.14 13.74
CA ILE C 290 -33.99 -21.55 14.11
C ILE C 290 -35.45 -21.56 14.60
N VAL C 291 -35.88 -20.54 15.32
CA VAL C 291 -37.28 -20.45 15.84
C VAL C 291 -38.23 -20.26 14.65
N LEU C 292 -37.82 -19.54 13.61
CA LEU C 292 -38.72 -19.16 12.49
C LEU C 292 -38.87 -20.28 11.45
N GLN C 293 -37.93 -21.23 11.34
CA GLN C 293 -38.01 -22.26 10.31
C GLN C 293 -38.16 -23.69 10.83
N TYR C 294 -37.75 -23.99 12.05
CA TYR C 294 -37.90 -25.32 12.62
C TYR C 294 -39.10 -25.44 13.55
N HIS C 295 -39.37 -24.41 14.35
CA HIS C 295 -40.49 -24.41 15.27
C HIS C 295 -41.79 -23.96 14.63
N HIS C 296 -41.76 -23.46 13.40
CA HIS C 296 -42.95 -22.85 12.82
C HIS C 296 -44.08 -23.85 12.66
N HIS C 297 -43.78 -25.04 12.13
CA HIS C 297 -44.84 -25.98 11.76
C HIS C 297 -45.63 -26.44 12.98
N ASP C 298 -44.93 -26.76 14.07
CA ASP C 298 -45.57 -27.35 15.23
C ASP C 298 -45.60 -26.35 16.38
N PRO C 299 -46.72 -26.19 17.08
CA PRO C 299 -46.73 -25.30 18.26
C PRO C 299 -45.81 -25.78 19.37
N ASP C 300 -45.45 -27.06 19.39
CA ASP C 300 -44.51 -27.62 20.34
C ASP C 300 -43.43 -28.42 19.61
N GLY C 301 -42.90 -27.84 18.53
CA GLY C 301 -41.88 -28.50 17.73
C GLY C 301 -40.49 -28.30 18.30
N GLY C 302 -40.19 -27.06 18.70
CA GLY C 302 -38.95 -26.77 19.40
C GLY C 302 -38.93 -27.21 20.84
N LYS C 303 -40.10 -27.55 21.39
CA LYS C 303 -40.21 -28.06 22.74
C LYS C 303 -40.03 -29.56 22.84
N MET C 304 -39.91 -30.28 21.71
CA MET C 304 -39.61 -31.71 21.84
C MET C 304 -38.33 -32.03 22.56
N PRO C 305 -37.19 -31.47 22.23
CA PRO C 305 -35.99 -31.80 23.00
C PRO C 305 -36.25 -31.51 24.47
N LYS C 306 -35.93 -32.50 25.31
CA LYS C 306 -36.20 -32.37 26.74
C LYS C 306 -35.50 -31.15 27.33
N TRP C 307 -34.22 -30.99 26.98
CA TRP C 307 -33.38 -29.98 27.60
C TRP C 307 -33.81 -28.56 27.22
N THR C 308 -34.02 -28.32 25.92
CA THR C 308 -34.37 -26.98 25.46
C THR C 308 -35.65 -26.50 26.15
N ARG C 309 -36.66 -27.38 26.18
CA ARG C 309 -37.96 -27.03 26.74
C ARG C 309 -37.87 -26.75 28.23
N VAL C 310 -37.29 -27.69 29.00
CA VAL C 310 -37.29 -27.49 30.44
C VAL C 310 -36.53 -26.22 30.79
N ILE C 311 -35.38 -26.01 30.14
CA ILE C 311 -34.63 -24.78 30.37
C ILE C 311 -35.55 -23.58 30.26
N LEU C 312 -36.12 -23.38 29.05
CA LEU C 312 -36.89 -22.16 28.83
C LEU C 312 -38.05 -22.06 29.81
N LEU C 313 -38.82 -23.14 29.95
CA LEU C 313 -40.08 -23.06 30.69
C LEU C 313 -39.85 -22.80 32.17
N ASN C 314 -39.03 -23.64 32.81
CA ASN C 314 -38.84 -23.48 34.25
C ASN C 314 -38.06 -22.20 34.57
N TRP C 315 -37.08 -21.84 33.74
CA TRP C 315 -36.36 -20.60 33.98
C TRP C 315 -37.27 -19.39 33.84
N CYS C 316 -38.20 -19.42 32.88
CA CYS C 316 -39.15 -18.33 32.73
C CYS C 316 -40.09 -18.26 33.92
N ALA C 317 -40.56 -19.41 34.40
CA ALA C 317 -41.43 -19.42 35.58
C ALA C 317 -40.71 -18.81 36.77
N TRP C 318 -39.43 -19.16 36.96
CA TRP C 318 -38.67 -18.57 38.06
C TRP C 318 -38.44 -17.08 37.84
N PHE C 319 -38.17 -16.67 36.60
CA PHE C 319 -37.81 -15.30 36.29
C PHE C 319 -39.00 -14.35 36.24
N LEU C 320 -40.23 -14.88 36.19
CA LEU C 320 -41.43 -14.04 36.15
C LEU C 320 -42.38 -14.41 37.28
N ILE C 488 -78.17 -26.44 -2.43
CA ILE C 488 -77.49 -25.15 -2.33
C ILE C 488 -76.86 -25.02 -0.95
N LEU C 489 -77.58 -25.48 0.07
CA LEU C 489 -77.10 -25.34 1.45
C LEU C 489 -75.80 -26.10 1.66
N GLU C 490 -75.71 -27.32 1.12
CA GLU C 490 -74.50 -28.12 1.30
C GLU C 490 -73.30 -27.50 0.59
N GLU C 491 -73.54 -26.86 -0.56
CA GLU C 491 -72.49 -26.17 -1.28
C GLU C 491 -71.87 -25.08 -0.42
N VAL C 492 -72.72 -24.21 0.12
CA VAL C 492 -72.24 -23.16 1.01
C VAL C 492 -71.61 -23.77 2.24
N ARG C 493 -72.11 -24.92 2.70
CA ARG C 493 -71.46 -25.62 3.81
C ARG C 493 -70.01 -25.90 3.50
N TYR C 494 -69.74 -26.52 2.36
CA TYR C 494 -68.36 -26.88 2.02
C TYR C 494 -67.49 -25.64 1.91
N ILE C 495 -67.94 -24.64 1.14
CA ILE C 495 -67.07 -23.50 0.89
C ILE C 495 -66.85 -22.70 2.17
N ALA C 496 -67.90 -22.52 2.98
CA ALA C 496 -67.76 -21.80 4.23
C ALA C 496 -66.83 -22.54 5.19
N ASN C 497 -66.92 -23.88 5.23
CA ASN C 497 -66.03 -24.65 6.08
C ASN C 497 -64.59 -24.47 5.67
N ARG C 498 -64.31 -24.50 4.37
CA ARG C 498 -62.92 -24.33 3.93
C ARG C 498 -62.42 -22.92 4.21
N PHE C 499 -63.30 -21.92 4.06
CA PHE C 499 -62.90 -20.56 4.39
C PHE C 499 -62.64 -20.40 5.88
N ARG C 500 -63.44 -21.06 6.72
CA ARG C 500 -63.18 -21.04 8.16
C ARG C 500 -61.85 -21.70 8.47
N CYS C 501 -61.52 -22.77 7.75
CA CYS C 501 -60.20 -23.40 7.93
C CYS C 501 -59.08 -22.44 7.55
N GLN C 502 -59.26 -21.68 6.47
CA GLN C 502 -58.29 -20.66 6.10
C GLN C 502 -58.11 -19.66 7.24
N ASP C 503 -59.23 -19.13 7.74
CA ASP C 503 -59.16 -18.17 8.85
C ASP C 503 -58.41 -18.77 10.04
N GLU C 504 -58.69 -20.03 10.35
CA GLU C 504 -57.98 -20.69 11.46
C GLU C 504 -56.49 -20.75 11.19
N SER C 505 -56.10 -21.10 9.97
CA SER C 505 -54.69 -21.28 9.64
C SER C 505 -53.94 -19.96 9.55
N GLU C 506 -54.64 -18.83 9.50
CA GLU C 506 -53.97 -17.55 9.22
C GLU C 506 -53.67 -16.70 10.45
N ALA C 507 -54.18 -17.03 11.64
CA ALA C 507 -54.16 -16.09 12.76
C ALA C 507 -53.75 -16.75 14.07
N VAL C 508 -52.62 -17.45 14.07
CA VAL C 508 -52.16 -18.16 15.27
C VAL C 508 -50.68 -17.87 15.52
N CYS C 509 -50.36 -17.65 16.79
CA CYS C 509 -48.99 -17.68 17.29
C CYS C 509 -48.95 -18.60 18.50
N SER C 510 -47.75 -19.13 18.79
CA SER C 510 -47.61 -20.18 19.80
C SER C 510 -46.42 -19.84 20.69
N GLU C 511 -46.02 -20.82 21.50
CA GLU C 511 -44.95 -20.64 22.48
C GLU C 511 -43.62 -20.27 21.83
N TRP C 512 -43.50 -20.36 20.50
CA TRP C 512 -42.25 -19.98 19.87
C TRP C 512 -42.07 -18.47 19.79
N LYS C 513 -43.14 -17.71 19.56
CA LYS C 513 -43.02 -16.26 19.60
C LYS C 513 -42.59 -15.81 20.99
N PHE C 514 -43.22 -16.37 22.02
CA PHE C 514 -42.88 -16.04 23.40
C PHE C 514 -41.45 -16.48 23.73
N ALA C 515 -41.05 -17.66 23.26
CA ALA C 515 -39.70 -18.15 23.52
C ALA C 515 -38.66 -17.27 22.85
N ALA C 516 -38.88 -16.87 21.60
CA ALA C 516 -37.92 -16.01 20.88
C ALA C 516 -37.90 -14.64 21.57
N CYS C 517 -39.03 -14.13 22.06
CA CYS C 517 -39.04 -12.88 22.81
C CYS C 517 -38.23 -13.01 24.10
N VAL C 518 -38.37 -14.14 24.79
CA VAL C 518 -37.62 -14.36 26.02
C VAL C 518 -36.13 -14.43 25.74
N VAL C 519 -35.78 -15.26 24.75
CA VAL C 519 -34.36 -15.53 24.37
C VAL C 519 -33.75 -14.22 23.88
N ASP C 520 -34.42 -13.54 22.96
CA ASP C 520 -33.93 -12.26 22.39
C ASP C 520 -33.88 -11.22 23.51
N ARG C 521 -34.83 -11.21 24.45
CA ARG C 521 -34.78 -10.30 25.62
C ARG C 521 -33.54 -10.62 26.43
N LEU C 522 -33.22 -11.90 26.63
CA LEU C 522 -32.02 -12.34 27.37
C LEU C 522 -30.78 -11.88 26.61
N CYS C 523 -30.78 -11.95 25.27
CA CYS C 523 -29.65 -11.50 24.42
C CYS C 523 -29.49 -10.00 24.63
N LEU C 524 -30.59 -9.24 24.68
CA LEU C 524 -30.56 -7.78 24.89
C LEU C 524 -29.95 -7.53 26.27
N MET C 525 -30.33 -8.32 27.28
CA MET C 525 -29.83 -8.16 28.67
C MET C 525 -28.32 -8.41 28.68
N ALA C 526 -27.84 -9.44 27.97
CA ALA C 526 -26.41 -9.79 27.93
C ALA C 526 -25.67 -8.63 27.26
N PHE C 527 -26.24 -8.09 26.17
CA PHE C 527 -25.63 -6.97 25.41
C PHE C 527 -25.55 -5.76 26.32
N SER C 528 -26.58 -5.49 27.13
CA SER C 528 -26.66 -4.34 28.07
C SER C 528 -25.64 -4.50 29.20
N VAL C 529 -25.42 -5.72 29.68
CA VAL C 529 -24.44 -5.99 30.77
C VAL C 529 -23.06 -5.63 30.23
N PHE C 530 -22.79 -5.87 28.95
CA PHE C 530 -21.48 -5.61 28.35
C PHE C 530 -21.30 -4.13 28.03
N THR C 531 -22.35 -3.48 27.51
CA THR C 531 -22.24 -2.08 27.17
C THR C 531 -21.94 -1.23 28.41
N ILE C 532 -22.72 -1.44 29.47
CA ILE C 532 -22.52 -0.68 30.70
C ILE C 532 -21.13 -0.94 31.27
N ILE C 533 -20.74 -2.21 31.35
CA ILE C 533 -19.47 -2.56 31.99
C ILE C 533 -18.31 -1.95 31.21
N CYS C 534 -18.34 -2.06 29.87
CA CYS C 534 -17.25 -1.52 29.07
C CYS C 534 -17.23 -0.01 29.10
N THR C 535 -18.40 0.64 29.05
CA THR C 535 -18.44 2.09 29.08
C THR C 535 -17.90 2.63 30.39
N ILE C 536 -18.32 2.06 31.52
CA ILE C 536 -17.79 2.54 32.79
C ILE C 536 -16.32 2.22 32.92
N GLY C 537 -15.89 1.03 32.47
CA GLY C 537 -14.49 0.68 32.57
C GLY C 537 -13.60 1.62 31.78
N ILE C 538 -14.00 1.93 30.53
CA ILE C 538 -13.22 2.88 29.74
C ILE C 538 -13.28 4.26 30.36
N LEU C 539 -14.40 4.61 31.01
CA LEU C 539 -14.46 5.85 31.76
C LEU C 539 -13.42 5.85 32.88
N MET C 540 -13.36 4.77 33.66
CA MET C 540 -12.41 4.67 34.77
C MET C 540 -11.17 3.88 34.33
N SER C 541 -10.43 4.49 33.42
CA SER C 541 -9.18 3.95 32.92
C SER C 541 -8.01 4.70 33.53
N ALA C 542 -6.85 4.03 33.60
CA ALA C 542 -5.65 4.71 34.06
C ALA C 542 -5.37 5.99 33.28
N PRO C 543 -5.47 6.00 31.94
CA PRO C 543 -5.53 7.28 31.23
C PRO C 543 -6.92 7.88 31.31
N ASN C 544 -7.19 8.62 32.38
CA ASN C 544 -8.53 9.12 32.69
C ASN C 544 -9.24 9.60 31.43
N PHE C 545 -10.45 9.09 31.23
CA PHE C 545 -11.26 9.43 30.07
C PHE C 545 -12.13 10.65 30.30
N VAL C 546 -12.68 10.79 31.52
CA VAL C 546 -13.56 11.92 31.81
C VAL C 546 -12.78 13.24 31.69
N GLU C 547 -11.59 13.30 32.29
CA GLU C 547 -10.78 14.51 32.19
C GLU C 547 -10.35 14.76 30.74
N ALA C 548 -10.00 13.71 30.02
CA ALA C 548 -9.58 13.87 28.63
C ALA C 548 -10.69 14.45 27.78
N VAL C 549 -11.92 13.94 27.93
CA VAL C 549 -13.04 14.48 27.15
C VAL C 549 -13.36 15.90 27.61
N SER C 550 -13.24 16.17 28.91
CA SER C 550 -13.41 17.55 29.38
C SER C 550 -12.44 18.48 28.68
N LYS C 551 -11.21 18.01 28.46
CA LYS C 551 -10.22 18.83 27.77
C LYS C 551 -10.57 18.98 26.29
N ASP C 552 -10.90 17.88 25.62
CA ASP C 552 -11.11 17.88 24.18
C ASP C 552 -12.53 18.22 23.76
N PHE C 553 -13.45 18.33 24.72
CA PHE C 553 -14.84 18.67 24.40
C PHE C 553 -15.36 19.74 25.34
N GLU D 1 48.59 11.75 26.70
CA GLU D 1 50.07 11.70 26.48
C GLU D 1 50.52 10.32 26.04
N PHE D 2 50.54 9.38 26.99
CA PHE D 2 50.96 8.03 26.67
C PHE D 2 50.03 7.39 25.65
N GLN D 3 48.77 7.81 25.62
CA GLN D 3 47.85 7.32 24.60
C GLN D 3 48.31 7.74 23.21
N ARG D 4 48.74 8.99 23.07
CA ARG D 4 49.23 9.47 21.77
C ARG D 4 50.48 8.71 21.35
N LYS D 5 51.41 8.52 22.27
CA LYS D 5 52.64 7.78 21.99
C LYS D 5 52.34 6.35 21.61
N LEU D 6 51.35 5.72 22.25
CA LEU D 6 50.98 4.36 21.95
C LEU D 6 50.33 4.25 20.58
N TYR D 7 49.39 5.16 20.27
CA TYR D 7 48.75 5.14 18.96
C TYR D 7 49.75 5.35 17.85
N LYS D 8 50.73 6.24 18.06
CA LYS D 8 51.77 6.41 17.07
C LYS D 8 52.63 5.16 16.93
N GLU D 9 52.93 4.51 18.05
CA GLU D 9 53.81 3.33 18.00
C GLU D 9 53.14 2.16 17.29
N LEU D 10 51.84 1.97 17.49
CA LEU D 10 51.19 0.75 16.98
C LEU D 10 51.05 0.76 15.47
N VAL D 11 50.87 1.92 14.86
CA VAL D 11 50.57 2.02 13.44
C VAL D 11 51.83 2.30 12.62
N LYS D 12 53.01 1.99 13.16
CA LYS D 12 54.24 2.27 12.44
C LYS D 12 54.26 1.54 11.10
N ASN D 13 54.19 0.22 11.13
CA ASN D 13 54.23 -0.60 9.92
C ASN D 13 53.01 -1.50 9.81
N TYR D 14 51.92 -1.16 10.50
CA TYR D 14 50.74 -1.99 10.48
C TYR D 14 50.09 -1.96 9.10
N ASN D 15 49.65 -3.13 8.65
CA ASN D 15 48.94 -3.26 7.38
C ASN D 15 47.58 -3.88 7.63
N PRO D 16 46.48 -3.16 7.43
CA PRO D 16 45.16 -3.74 7.68
C PRO D 16 44.86 -4.95 6.82
N LEU D 17 45.54 -5.10 5.69
CA LEU D 17 45.32 -6.28 4.86
C LEU D 17 45.98 -7.52 5.43
N GLU D 18 46.96 -7.35 6.31
CA GLU D 18 47.69 -8.48 6.85
C GLU D 18 46.84 -9.22 7.88
N ARG D 19 46.79 -10.53 7.74
CA ARG D 19 46.16 -11.35 8.77
C ARG D 19 47.07 -11.37 9.99
N PRO D 20 46.60 -10.93 11.15
CA PRO D 20 47.51 -10.74 12.29
C PRO D 20 47.83 -12.02 13.05
N VAL D 21 48.81 -12.75 12.53
CA VAL D 21 49.29 -13.97 13.16
C VAL D 21 50.81 -13.99 13.09
N ALA D 22 51.45 -14.44 14.16
CA ALA D 22 52.90 -14.57 14.16
C ALA D 22 53.34 -15.62 13.16
N ASN D 23 52.61 -16.72 13.08
CA ASN D 23 52.90 -17.80 12.14
C ASN D 23 51.89 -17.72 11.01
N ASP D 24 52.35 -17.28 9.84
CA ASP D 24 51.46 -17.12 8.71
C ASP D 24 50.88 -18.43 8.24
N SER D 25 51.55 -19.55 8.53
CA SER D 25 51.05 -20.86 8.15
C SER D 25 49.90 -21.33 9.04
N GLN D 26 49.79 -20.79 10.22
CA GLN D 26 48.72 -21.20 11.11
C GLN D 26 47.47 -20.37 10.86
N PRO D 27 46.29 -20.94 11.12
CA PRO D 27 45.06 -20.16 11.01
C PRO D 27 44.87 -19.25 12.20
N LEU D 28 43.95 -18.30 12.03
CA LEU D 28 43.61 -17.35 13.07
C LEU D 28 42.28 -17.74 13.68
N THR D 29 42.25 -17.86 15.00
CA THR D 29 41.04 -18.27 15.71
C THR D 29 40.18 -17.05 15.96
N VAL D 30 38.93 -17.12 15.50
CA VAL D 30 37.97 -16.04 15.68
C VAL D 30 36.73 -16.64 16.35
N TYR D 31 36.42 -16.14 17.54
CA TYR D 31 35.24 -16.58 18.27
C TYR D 31 34.10 -15.65 17.89
N PHE D 32 33.14 -16.17 17.13
CA PHE D 32 31.99 -15.40 16.67
C PHE D 32 30.75 -15.84 17.43
N SER D 33 30.05 -14.86 17.98
CA SER D 33 28.84 -15.04 18.78
C SER D 33 27.85 -13.96 18.42
N LEU D 34 26.69 -14.00 19.07
CA LEU D 34 25.59 -13.14 18.70
C LEU D 34 24.79 -12.76 19.93
N SER D 35 24.18 -11.58 19.89
CA SER D 35 23.34 -11.08 20.97
C SER D 35 22.06 -10.54 20.34
N LEU D 36 20.94 -11.22 20.59
CA LEU D 36 19.66 -10.86 20.00
C LEU D 36 18.94 -9.89 20.92
N LEU D 37 18.56 -8.74 20.39
CA LEU D 37 17.93 -7.71 21.20
C LEU D 37 16.42 -7.63 20.99
N GLN D 38 15.96 -7.85 19.75
CA GLN D 38 14.56 -7.66 19.45
C GLN D 38 14.28 -8.22 18.08
N ILE D 39 13.17 -8.97 17.97
CA ILE D 39 12.66 -9.41 16.68
C ILE D 39 11.74 -8.31 16.17
N MET D 40 12.17 -7.61 15.14
CA MET D 40 11.47 -6.41 14.70
C MET D 40 10.32 -6.71 13.76
N ASP D 41 10.43 -7.74 12.93
CA ASP D 41 9.35 -8.03 12.01
C ASP D 41 9.51 -9.42 11.43
N VAL D 42 8.39 -10.01 11.05
CA VAL D 42 8.35 -11.28 10.31
C VAL D 42 7.38 -11.07 9.16
N ASP D 43 7.91 -10.71 7.99
CA ASP D 43 7.10 -10.54 6.79
C ASP D 43 6.91 -11.92 6.18
N GLU D 44 5.80 -12.56 6.54
CA GLU D 44 5.48 -13.86 5.98
C GLU D 44 5.21 -13.78 4.49
N LYS D 45 4.76 -12.61 4.02
CA LYS D 45 4.48 -12.44 2.59
C LYS D 45 5.75 -12.60 1.78
N ASN D 46 6.81 -11.90 2.16
CA ASN D 46 8.09 -11.99 1.47
C ASN D 46 9.06 -12.96 2.13
N GLN D 47 8.64 -13.63 3.20
CA GLN D 47 9.49 -14.60 3.89
C GLN D 47 10.78 -13.94 4.37
N VAL D 48 10.63 -12.85 5.11
CA VAL D 48 11.76 -12.07 5.59
C VAL D 48 11.66 -11.92 7.10
N LEU D 49 12.80 -12.00 7.76
CA LEU D 49 12.90 -11.82 9.21
C LEU D 49 13.79 -10.61 9.47
N THR D 50 13.25 -9.62 10.16
CA THR D 50 13.96 -8.40 10.48
C THR D 50 14.26 -8.40 11.97
N THR D 51 15.55 -8.45 12.30
CA THR D 51 16.01 -8.60 13.67
C THR D 51 17.01 -7.50 14.01
N ASN D 52 17.14 -7.23 15.30
CA ASN D 52 18.17 -6.36 15.84
C ASN D 52 19.16 -7.23 16.60
N ILE D 53 20.41 -7.22 16.18
CA ILE D 53 21.42 -8.08 16.79
C ILE D 53 22.75 -7.36 16.86
N TRP D 54 23.49 -7.69 17.91
CA TRP D 54 24.89 -7.28 18.06
C TRP D 54 25.76 -8.50 17.83
N LEU D 55 26.60 -8.45 16.81
CA LEU D 55 27.57 -9.50 16.62
C LEU D 55 28.64 -9.42 17.70
N GLN D 56 29.43 -10.49 17.81
CA GLN D 56 30.54 -10.52 18.77
C GLN D 56 31.68 -11.29 18.13
N MET D 57 32.65 -10.57 17.60
CA MET D 57 33.88 -11.16 17.09
C MET D 57 34.98 -10.90 18.10
N SER D 58 35.65 -11.97 18.51
CA SER D 58 36.78 -11.87 19.43
C SER D 58 37.96 -12.59 18.79
N TRP D 59 39.10 -11.92 18.69
CA TRP D 59 40.27 -12.56 18.12
C TRP D 59 41.52 -11.95 18.76
N THR D 60 42.67 -12.26 18.19
CA THR D 60 43.95 -11.86 18.75
C THR D 60 44.81 -11.22 17.65
N ASP D 61 45.37 -10.06 17.95
CA ASP D 61 46.26 -9.35 17.05
C ASP D 61 47.67 -9.39 17.64
N HIS D 62 48.57 -10.07 16.96
CA HIS D 62 49.93 -10.25 17.47
C HIS D 62 50.71 -8.94 17.51
N TYR D 63 50.32 -7.96 16.70
CA TYR D 63 51.09 -6.73 16.59
C TYR D 63 50.60 -5.64 17.53
N LEU D 64 49.35 -5.70 17.98
CA LEU D 64 48.80 -4.72 18.91
C LEU D 64 48.98 -5.23 20.34
N GLN D 65 50.23 -5.15 20.79
CA GLN D 65 50.59 -5.58 22.13
C GLN D 65 51.52 -4.55 22.74
N TRP D 66 51.14 -4.00 23.89
CA TRP D 66 51.94 -3.04 24.62
C TRP D 66 52.06 -3.48 26.07
N ASN D 67 52.89 -2.77 26.82
CA ASN D 67 53.15 -3.05 28.22
C ASN D 67 52.60 -1.89 29.04
N VAL D 68 51.67 -2.19 29.96
CA VAL D 68 50.96 -1.13 30.66
C VAL D 68 51.91 -0.24 31.44
N SER D 69 52.98 -0.84 31.98
CA SER D 69 53.96 -0.03 32.70
C SER D 69 54.61 0.98 31.77
N GLU D 70 54.89 0.59 30.53
CA GLU D 70 55.49 1.52 29.57
C GLU D 70 54.52 2.64 29.22
N TYR D 71 53.22 2.34 29.19
CA TYR D 71 52.17 3.31 28.85
C TYR D 71 51.14 3.30 29.98
N PRO D 72 51.43 3.93 31.11
CA PRO D 72 50.51 3.88 32.25
C PRO D 72 49.19 4.58 31.94
N GLY D 73 48.11 4.03 32.48
CA GLY D 73 46.81 4.65 32.40
C GLY D 73 46.03 4.33 31.14
N VAL D 74 46.59 3.56 30.22
CA VAL D 74 45.91 3.19 28.99
C VAL D 74 45.93 1.66 28.91
N LYS D 75 44.77 1.05 29.17
CA LYS D 75 44.60 -0.39 29.07
C LYS D 75 43.83 -0.80 27.83
N THR D 76 43.38 0.15 27.02
CA THR D 76 42.59 -0.16 25.86
C THR D 76 42.84 0.88 24.78
N VAL D 77 42.56 0.49 23.54
CA VAL D 77 42.59 1.38 22.40
C VAL D 77 41.46 1.00 21.46
N ARG D 78 41.07 1.96 20.63
CA ARG D 78 39.99 1.79 19.69
C ARG D 78 40.50 2.09 18.28
N PHE D 79 40.10 1.25 17.33
CA PHE D 79 40.54 1.38 15.94
C PHE D 79 39.33 1.24 15.03
N PRO D 80 39.03 2.23 14.20
CA PRO D 80 37.86 2.12 13.32
C PRO D 80 38.06 1.19 12.15
N ASP D 81 37.06 1.18 11.25
CA ASP D 81 36.96 0.17 10.20
C ASP D 81 38.29 -0.07 9.48
N GLY D 82 38.79 0.97 8.82
CA GLY D 82 39.88 0.79 7.88
C GLY D 82 41.27 0.94 8.45
N GLN D 83 41.43 1.09 9.75
CA GLN D 83 42.74 1.30 10.34
C GLN D 83 43.43 0.02 10.75
N ILE D 84 42.68 -1.06 10.96
CA ILE D 84 43.26 -2.35 11.31
C ILE D 84 42.44 -3.46 10.66
N TRP D 85 42.88 -4.69 10.89
CA TRP D 85 42.29 -5.86 10.26
C TRP D 85 41.04 -6.30 11.01
N LYS D 86 39.97 -6.48 10.26
CA LYS D 86 38.76 -7.09 10.78
C LYS D 86 38.35 -8.24 9.86
N PRO D 87 37.80 -9.31 10.41
CA PRO D 87 37.32 -10.40 9.56
C PRO D 87 36.16 -9.93 8.70
N ASP D 88 36.11 -10.48 7.48
CA ASP D 88 35.05 -10.16 6.53
C ASP D 88 33.83 -11.04 6.74
N ILE D 89 33.37 -11.08 7.98
CA ILE D 89 32.24 -11.93 8.34
C ILE D 89 30.95 -11.21 7.99
N LEU D 90 30.03 -11.94 7.36
CA LEU D 90 28.78 -11.37 6.92
C LEU D 90 27.71 -12.44 6.90
N LEU D 91 26.49 -12.03 6.58
CA LEU D 91 25.32 -12.88 6.59
C LEU D 91 25.05 -13.37 5.18
N TYR D 92 25.17 -14.68 4.97
CA TYR D 92 24.99 -15.26 3.64
C TYR D 92 23.56 -15.05 3.15
N ASN D 93 22.59 -15.43 3.96
CA ASN D 93 21.18 -15.39 3.55
C ASN D 93 20.56 -14.05 3.93
N SER D 94 21.17 -13.00 3.42
CA SER D 94 20.71 -11.64 3.66
C SER D 94 19.72 -11.21 2.58
N ALA D 95 18.81 -10.32 2.97
CA ALA D 95 17.80 -9.77 2.08
C ALA D 95 17.75 -8.25 2.18
N ASP D 96 18.86 -7.63 2.57
CA ASP D 96 18.86 -6.23 2.96
C ASP D 96 18.81 -5.28 1.78
N GLU D 97 19.23 -5.75 0.60
CA GLU D 97 19.43 -5.10 -0.70
C GLU D 97 20.64 -4.18 -0.64
N ARG D 98 21.33 -4.08 0.49
CA ARG D 98 22.73 -3.70 0.55
C ARG D 98 23.62 -4.89 0.86
N PHE D 99 23.04 -5.99 1.33
CA PHE D 99 23.71 -7.24 1.66
C PHE D 99 24.68 -7.12 2.82
N ASP D 100 24.71 -5.98 3.51
CA ASP D 100 25.46 -5.87 4.75
C ASP D 100 24.83 -4.74 5.56
N ALA D 101 24.18 -5.09 6.66
CA ALA D 101 23.48 -4.12 7.49
C ALA D 101 24.28 -3.71 8.71
N THR D 102 25.50 -4.21 8.87
CA THR D 102 26.30 -3.86 10.03
C THR D 102 26.64 -2.38 10.00
N PHE D 103 26.50 -1.72 11.14
CA PHE D 103 27.02 -0.39 11.34
C PHE D 103 28.44 -0.54 11.88
N HIS D 104 29.41 -0.18 11.06
CA HIS D 104 30.80 -0.39 11.42
C HIS D 104 31.18 0.50 12.60
N THR D 105 31.61 -0.12 13.68
CA THR D 105 31.98 0.58 14.90
C THR D 105 33.46 0.37 15.17
N ASN D 106 33.90 0.83 16.33
CA ASN D 106 35.30 0.74 16.69
C ASN D 106 35.63 -0.66 17.18
N VAL D 107 36.88 -1.05 16.94
CA VAL D 107 37.43 -2.30 17.44
C VAL D 107 38.22 -2.00 18.69
N LEU D 108 37.91 -2.71 19.77
CA LEU D 108 38.51 -2.50 21.07
C LEU D 108 39.62 -3.50 21.28
N VAL D 109 40.78 -3.02 21.73
CA VAL D 109 41.99 -3.82 21.84
C VAL D 109 42.64 -3.56 23.19
N ASN D 110 43.19 -4.62 23.79
CA ASN D 110 43.85 -4.54 25.09
C ASN D 110 45.28 -5.04 24.99
N SER D 111 46.09 -4.88 26.04
CA SER D 111 47.53 -5.11 25.89
C SER D 111 47.89 -6.48 25.36
N SER D 112 47.15 -7.51 25.75
CA SER D 112 47.45 -8.85 25.28
C SER D 112 47.17 -9.02 23.80
N GLY D 113 46.50 -8.05 23.18
CA GLY D 113 46.15 -8.13 21.78
C GLY D 113 44.78 -8.67 21.50
N HIS D 114 43.97 -8.90 22.52
CA HIS D 114 42.63 -9.43 22.31
C HIS D 114 41.72 -8.34 21.79
N CYS D 115 41.23 -8.53 20.58
CA CYS D 115 40.40 -7.55 19.88
C CYS D 115 38.95 -7.99 19.93
N GLN D 116 38.09 -7.05 20.30
CA GLN D 116 36.65 -7.22 20.33
C GLN D 116 36.01 -6.36 19.25
N TYR D 117 34.95 -6.88 18.66
CA TYR D 117 34.21 -6.14 17.63
C TYR D 117 32.75 -6.52 17.75
N LEU D 118 31.91 -5.57 18.10
CA LEU D 118 30.49 -5.81 18.35
C LEU D 118 29.66 -4.88 17.47
N PRO D 119 29.64 -5.13 16.18
CA PRO D 119 28.87 -4.29 15.28
C PRO D 119 27.39 -4.59 15.40
N PRO D 120 26.57 -3.58 15.64
CA PRO D 120 25.11 -3.79 15.68
C PRO D 120 24.53 -3.81 14.28
N GLY D 121 23.29 -4.29 14.21
CA GLY D 121 22.64 -4.36 12.92
C GLY D 121 21.16 -4.67 12.94
N ILE D 122 20.47 -4.03 12.01
CA ILE D 122 19.10 -4.39 11.63
C ILE D 122 19.24 -5.36 10.47
N PHE D 123 19.31 -6.63 10.80
CA PHE D 123 19.54 -7.67 9.80
C PHE D 123 18.22 -8.16 9.23
N LYS D 124 18.12 -8.16 7.91
CA LYS D 124 17.00 -8.74 7.20
C LYS D 124 17.48 -10.02 6.56
N SER D 125 16.93 -11.14 7.01
CA SER D 125 17.32 -12.46 6.56
C SER D 125 16.16 -13.13 5.85
N SER D 126 16.48 -14.07 4.97
CA SER D 126 15.49 -14.85 4.25
C SER D 126 15.32 -16.18 4.96
N CYS D 127 14.11 -16.41 5.47
CA CYS D 127 13.80 -17.64 6.18
C CYS D 127 12.48 -18.20 5.67
N TYR D 128 12.45 -19.51 5.47
CA TYR D 128 11.26 -20.15 4.93
C TYR D 128 10.17 -20.21 5.99
N ILE D 129 8.99 -19.72 5.63
CA ILE D 129 7.86 -19.62 6.54
C ILE D 129 6.93 -20.78 6.28
N ASP D 130 6.64 -21.56 7.33
CA ASP D 130 5.74 -22.69 7.24
C ASP D 130 4.38 -22.28 7.81
N VAL D 131 3.36 -22.33 6.97
CA VAL D 131 2.01 -21.96 7.34
C VAL D 131 1.08 -23.16 7.35
N ARG D 132 1.62 -24.38 7.26
CA ARG D 132 0.79 -25.57 7.29
C ARG D 132 -0.09 -25.60 8.52
N TRP D 133 0.49 -25.35 9.70
CA TRP D 133 -0.23 -25.38 10.96
C TRP D 133 -0.63 -23.99 11.44
N PHE D 134 -0.94 -23.10 10.51
CA PHE D 134 -1.34 -21.75 10.87
C PHE D 134 -2.64 -21.78 11.68
N PRO D 135 -2.80 -20.87 12.66
CA PRO D 135 -1.83 -19.88 13.15
C PRO D 135 -1.00 -20.38 14.34
N PHE D 136 -1.19 -21.65 14.71
CA PHE D 136 -0.42 -22.26 15.79
C PHE D 136 0.85 -22.88 15.21
N ASP D 137 1.73 -22.00 14.73
CA ASP D 137 2.91 -22.40 13.99
C ASP D 137 4.17 -21.90 14.69
N VAL D 138 5.24 -22.69 14.58
CA VAL D 138 6.56 -22.32 15.04
C VAL D 138 7.46 -22.20 13.82
N GLN D 139 8.30 -21.17 13.80
CA GLN D 139 9.19 -20.90 12.69
C GLN D 139 10.63 -21.05 13.14
N HIS D 140 11.40 -21.76 12.35
CA HIS D 140 12.84 -21.94 12.54
C HIS D 140 13.54 -21.15 11.44
N CYS D 141 13.78 -19.87 11.70
CA CYS D 141 14.39 -18.98 10.73
C CYS D 141 15.89 -18.92 10.97
N LYS D 142 16.67 -19.14 9.91
CA LYS D 142 18.11 -19.32 10.04
C LYS D 142 18.86 -18.02 9.77
N LEU D 143 20.00 -17.90 10.44
CA LEU D 143 20.95 -16.81 10.20
C LEU D 143 22.31 -17.45 10.01
N LYS D 144 22.80 -17.43 8.78
CA LYS D 144 24.05 -18.08 8.42
C LYS D 144 25.13 -17.00 8.29
N PHE D 145 26.08 -17.01 9.20
CA PHE D 145 27.18 -16.06 9.22
C PHE D 145 28.46 -16.77 8.84
N GLY D 146 29.31 -16.07 8.11
CA GLY D 146 30.58 -16.67 7.75
C GLY D 146 31.49 -15.65 7.10
N SER D 147 32.76 -16.03 7.02
CA SER D 147 33.75 -15.22 6.33
C SER D 147 33.67 -15.46 4.84
N TRP D 148 33.78 -14.40 4.07
CA TRP D 148 33.61 -14.50 2.64
C TRP D 148 34.87 -15.01 1.95
N SER D 149 36.02 -14.42 2.27
CA SER D 149 37.25 -14.71 1.56
C SER D 149 38.27 -15.48 2.39
N TYR D 150 38.04 -15.66 3.69
CA TYR D 150 38.96 -16.37 4.56
C TYR D 150 38.40 -17.75 4.85
N GLY D 151 39.21 -18.78 4.56
CA GLY D 151 38.79 -20.15 4.74
C GLY D 151 39.33 -20.75 6.03
N GLY D 152 39.06 -22.04 6.19
CA GLY D 152 39.45 -22.74 7.41
C GLY D 152 40.95 -22.74 7.63
N TRP D 153 41.72 -22.83 6.55
CA TRP D 153 43.17 -22.81 6.67
C TRP D 153 43.69 -21.43 7.09
N SER D 154 42.85 -20.40 7.04
CA SER D 154 43.25 -19.06 7.41
C SER D 154 42.41 -18.46 8.52
N LEU D 155 41.22 -19.01 8.80
CA LEU D 155 40.32 -18.42 9.80
C LEU D 155 39.52 -19.55 10.42
N ASP D 156 39.92 -19.95 11.62
CA ASP D 156 39.23 -20.99 12.38
C ASP D 156 38.09 -20.33 13.15
N LEU D 157 36.92 -20.29 12.52
CA LEU D 157 35.77 -19.56 13.05
C LEU D 157 35.04 -20.44 14.06
N GLN D 158 35.27 -20.17 15.34
CA GLN D 158 34.60 -20.89 16.41
C GLN D 158 33.29 -20.21 16.78
N MET D 159 32.45 -20.96 17.49
CA MET D 159 31.12 -20.50 17.88
C MET D 159 31.00 -20.48 19.39
N GLN D 160 30.46 -19.38 19.91
CA GLN D 160 30.04 -19.25 21.29
C GLN D 160 28.54 -19.03 21.35
N GLU D 161 27.88 -19.60 22.37
CA GLU D 161 26.42 -19.58 22.39
C GLU D 161 25.89 -18.17 22.33
N ALA D 162 24.73 -18.04 21.69
CA ALA D 162 24.09 -16.74 21.53
C ALA D 162 23.57 -16.23 22.87
N ASP D 163 23.44 -14.91 22.96
CA ASP D 163 23.08 -14.21 24.18
C ASP D 163 21.69 -13.61 24.01
N ILE D 164 20.78 -13.97 24.91
CA ILE D 164 19.41 -13.45 24.89
C ILE D 164 19.09 -12.72 26.20
N SER D 165 20.12 -12.39 26.97
CA SER D 165 19.90 -11.73 28.26
C SER D 165 19.23 -10.37 28.07
N GLY D 166 19.60 -9.66 27.01
CA GLY D 166 19.03 -8.36 26.71
C GLY D 166 17.86 -8.38 25.76
N TYR D 167 17.34 -9.56 25.42
CA TYR D 167 16.26 -9.68 24.47
C TYR D 167 14.97 -9.07 25.01
N ILE D 168 14.22 -8.42 24.13
CA ILE D 168 12.96 -7.75 24.46
C ILE D 168 11.84 -8.54 23.80
N PRO D 169 10.89 -9.10 24.54
CA PRO D 169 9.80 -9.85 23.90
C PRO D 169 9.06 -9.01 22.88
N ASN D 170 8.80 -9.60 21.72
CA ASN D 170 8.12 -8.89 20.64
C ASN D 170 6.66 -8.66 20.99
N GLY D 171 6.00 -9.68 21.52
CA GLY D 171 4.59 -9.60 21.85
C GLY D 171 3.74 -10.44 20.93
N GLU D 172 4.05 -10.39 19.64
CA GLU D 172 3.39 -11.24 18.66
C GLU D 172 4.12 -12.56 18.46
N TRP D 173 5.37 -12.65 18.90
CA TRP D 173 6.17 -13.86 18.78
C TRP D 173 6.85 -14.16 20.11
N ASP D 174 7.07 -15.45 20.35
CA ASP D 174 7.70 -15.93 21.58
C ASP D 174 8.99 -16.65 21.20
N LEU D 175 10.10 -16.24 21.81
CA LEU D 175 11.42 -16.75 21.42
C LEU D 175 11.69 -18.04 22.18
N VAL D 176 11.45 -19.17 21.52
CA VAL D 176 11.72 -20.46 22.14
C VAL D 176 13.21 -20.64 22.34
N GLY D 177 14.01 -20.30 21.33
CA GLY D 177 15.45 -20.46 21.46
C GLY D 177 16.18 -19.89 20.26
N ILE D 178 17.51 -19.90 20.36
CA ILE D 178 18.37 -19.44 19.27
C ILE D 178 19.65 -20.28 19.28
N PRO D 179 19.56 -21.58 19.10
CA PRO D 179 20.75 -22.43 19.14
C PRO D 179 21.66 -22.21 17.94
N GLY D 180 22.95 -22.45 18.16
CA GLY D 180 23.95 -22.28 17.13
C GLY D 180 24.60 -23.57 16.69
N LYS D 181 25.11 -23.59 15.47
CA LYS D 181 25.76 -24.76 14.92
C LYS D 181 26.89 -24.32 14.01
N ARG D 182 28.10 -24.80 14.29
CA ARG D 182 29.26 -24.51 13.48
C ARG D 182 29.51 -25.66 12.53
N SER D 183 29.51 -25.39 11.23
CA SER D 183 29.64 -26.41 10.22
C SER D 183 30.73 -26.05 9.23
N GLU D 184 31.42 -27.09 8.75
CA GLU D 184 32.45 -26.95 7.74
C GLU D 184 31.89 -27.43 6.41
N ARG D 185 31.95 -26.57 5.40
CA ARG D 185 31.35 -26.86 4.10
C ARG D 185 32.34 -26.54 2.97
N PHE D 186 32.14 -27.17 1.81
CA PHE D 186 32.92 -26.90 0.58
C PHE D 186 31.92 -26.38 -0.45
N TYR D 187 32.32 -25.60 -1.44
CA TYR D 187 31.41 -24.97 -2.44
C TYR D 187 31.90 -25.34 -3.84
N GLU D 188 31.07 -25.35 -4.91
CA GLU D 188 31.62 -25.51 -6.27
C GLU D 188 32.28 -24.21 -6.69
N CYS D 189 33.19 -23.67 -5.88
CA CYS D 189 33.91 -22.49 -6.32
C CYS D 189 35.40 -22.55 -6.02
N CYS D 190 35.80 -23.23 -4.95
CA CYS D 190 37.03 -22.98 -4.24
C CYS D 190 37.56 -24.27 -3.63
N LYS D 191 38.86 -24.43 -3.42
CA LYS D 191 39.42 -25.73 -2.96
C LYS D 191 39.49 -25.81 -1.44
N GLU D 192 39.24 -24.71 -0.73
CA GLU D 192 39.38 -24.63 0.74
C GLU D 192 38.02 -24.73 1.41
N PRO D 193 37.84 -25.44 2.55
CA PRO D 193 36.58 -25.40 3.30
C PRO D 193 36.36 -24.04 3.92
N TYR D 194 35.10 -23.60 3.89
CA TYR D 194 34.71 -22.30 4.44
C TYR D 194 33.74 -22.52 5.58
N PRO D 195 34.19 -22.48 6.83
CA PRO D 195 33.28 -22.71 7.94
C PRO D 195 32.24 -21.62 8.08
N ASP D 196 31.11 -22.01 8.66
CA ASP D 196 30.00 -21.12 8.89
C ASP D 196 29.41 -21.38 10.26
N VAL D 197 28.73 -20.37 10.79
CA VAL D 197 28.01 -20.46 12.04
C VAL D 197 26.56 -20.12 11.76
N THR D 198 25.66 -21.05 12.02
CA THR D 198 24.26 -20.89 11.72
C THR D 198 23.50 -20.84 13.03
N PHE D 199 22.83 -19.72 13.28
CA PHE D 199 22.00 -19.54 14.46
C PHE D 199 20.54 -19.68 14.03
N THR D 200 19.81 -20.59 14.65
CA THR D 200 18.47 -20.96 14.22
C THR D 200 17.47 -20.36 15.21
N VAL D 201 16.95 -19.19 14.86
CA VAL D 201 15.94 -18.53 15.68
C VAL D 201 14.67 -19.37 15.61
N THR D 202 14.37 -20.06 16.70
CA THR D 202 13.17 -20.88 16.80
C THR D 202 12.17 -20.11 17.66
N MET D 203 11.08 -19.67 17.05
CA MET D 203 10.11 -18.84 17.73
C MET D 203 8.69 -19.31 17.44
N ARG D 204 7.82 -19.17 18.42
CA ARG D 204 6.44 -19.62 18.35
C ARG D 204 5.51 -18.42 18.32
N ARG D 205 4.44 -18.54 17.54
CA ARG D 205 3.50 -17.46 17.36
C ARG D 205 2.52 -17.40 18.53
N ARG D 206 2.10 -16.18 18.86
CA ARG D 206 1.10 -15.94 19.88
C ARG D 206 -0.26 -15.80 19.24
N THR D 207 -1.27 -16.43 19.85
CA THR D 207 -2.55 -16.63 19.20
C THR D 207 -3.72 -15.94 19.88
N LEU D 208 -3.51 -15.27 21.01
CA LEU D 208 -4.61 -14.54 21.64
C LEU D 208 -5.19 -13.51 20.69
N TYR D 209 -4.32 -12.69 20.09
CA TYR D 209 -4.77 -11.72 19.10
C TYR D 209 -5.55 -12.40 17.99
N TYR D 210 -4.97 -13.43 17.39
CA TYR D 210 -5.67 -14.11 16.30
C TYR D 210 -6.78 -15.00 16.85
N GLY D 211 -6.75 -15.30 18.15
CA GLY D 211 -7.83 -16.07 18.74
C GLY D 211 -9.12 -15.30 18.85
N LEU D 212 -9.02 -14.01 19.20
CA LEU D 212 -10.23 -13.19 19.31
C LEU D 212 -10.54 -12.36 18.08
N ASN D 213 -9.54 -12.01 17.28
CA ASN D 213 -9.79 -11.31 16.03
C ASN D 213 -10.26 -12.24 14.92
N LEU D 214 -9.62 -13.38 14.75
CA LEU D 214 -9.83 -14.24 13.58
C LEU D 214 -10.71 -15.45 13.87
N LEU D 215 -10.39 -16.22 14.92
CA LEU D 215 -11.05 -17.50 15.14
C LEU D 215 -12.51 -17.31 15.56
N ILE D 216 -12.81 -16.28 16.34
CA ILE D 216 -14.20 -16.00 16.70
C ILE D 216 -15.06 -15.78 15.45
N PRO D 217 -14.69 -14.90 14.51
CA PRO D 217 -15.43 -14.84 13.25
C PRO D 217 -15.54 -16.19 12.55
N CYS D 218 -14.49 -17.00 12.59
CA CYS D 218 -14.51 -18.29 11.91
C CYS D 218 -15.57 -19.20 12.49
N VAL D 219 -15.64 -19.27 13.82
CA VAL D 219 -16.66 -20.10 14.46
C VAL D 219 -18.05 -19.56 14.14
N LEU D 220 -18.17 -18.24 14.05
CA LEU D 220 -19.44 -17.65 13.62
C LEU D 220 -19.82 -18.13 12.23
N ILE D 221 -18.86 -18.12 11.30
CA ILE D 221 -19.13 -18.56 9.94
C ILE D 221 -19.56 -20.02 9.92
N SER D 222 -18.86 -20.85 10.70
CA SER D 222 -19.20 -22.27 10.75
C SER D 222 -20.62 -22.47 11.27
N ALA D 223 -20.98 -21.74 12.34
CA ALA D 223 -22.33 -21.87 12.88
C ALA D 223 -23.37 -21.41 11.88
N LEU D 224 -23.10 -20.30 11.17
CA LEU D 224 -24.05 -19.84 10.16
C LEU D 224 -24.20 -20.85 9.04
N ALA D 225 -23.10 -21.50 8.65
CA ALA D 225 -23.19 -22.52 7.61
C ALA D 225 -24.01 -23.71 8.07
N LEU D 226 -23.82 -24.15 9.32
CA LEU D 226 -24.63 -25.26 9.91
C LEU D 226 -26.09 -24.83 9.91
N LEU D 227 -26.37 -23.57 10.28
CA LEU D 227 -27.74 -23.07 10.27
C LEU D 227 -28.33 -23.14 8.86
N VAL D 228 -27.55 -22.71 7.86
CA VAL D 228 -27.99 -22.81 6.47
C VAL D 228 -28.36 -24.24 6.13
N PHE D 229 -27.53 -25.21 6.54
CA PHE D 229 -27.73 -26.65 6.23
C PHE D 229 -28.92 -27.23 7.00
N LEU D 230 -29.36 -26.53 8.07
CA LEU D 230 -30.52 -26.99 8.88
C LEU D 230 -31.85 -26.49 8.28
N LEU D 231 -31.88 -25.35 7.59
CA LEU D 231 -33.12 -24.78 7.05
C LEU D 231 -33.62 -25.63 5.87
N PRO D 232 -34.93 -25.84 5.75
CA PRO D 232 -35.46 -26.63 4.62
C PRO D 232 -35.43 -25.84 3.32
N ALA D 233 -35.61 -26.52 2.19
CA ALA D 233 -35.56 -25.89 0.85
C ALA D 233 -36.62 -24.79 0.74
N ASP D 234 -37.82 -25.00 1.30
CA ASP D 234 -38.89 -24.03 1.24
C ASP D 234 -38.62 -22.79 2.10
N SER D 235 -37.61 -22.84 2.96
CA SER D 235 -37.28 -21.67 3.77
C SER D 235 -37.00 -20.47 2.89
N GLY D 236 -37.59 -19.33 3.25
CA GLY D 236 -37.44 -18.15 2.42
C GLY D 236 -36.01 -17.61 2.39
N GLU D 237 -35.34 -17.62 3.55
CA GLU D 237 -34.04 -16.99 3.68
C GLU D 237 -32.90 -18.00 3.68
N LYS D 238 -33.15 -19.28 3.35
CA LYS D 238 -32.09 -20.32 3.33
C LYS D 238 -31.19 -20.12 2.12
N ILE D 239 -31.70 -19.52 1.05
CA ILE D 239 -30.91 -19.32 -0.20
C ILE D 239 -30.15 -18.02 0.01
N SER D 240 -30.77 -17.00 0.61
CA SER D 240 -30.12 -15.72 0.86
C SER D 240 -29.01 -15.87 1.90
N LEU D 241 -29.29 -16.62 2.98
CA LEU D 241 -28.27 -16.80 4.01
C LEU D 241 -27.08 -17.57 3.47
N GLY D 242 -27.33 -18.60 2.67
CA GLY D 242 -26.22 -19.32 2.05
C GLY D 242 -25.36 -18.41 1.21
N ILE D 243 -25.98 -17.57 0.38
CA ILE D 243 -25.23 -16.67 -0.48
C ILE D 243 -24.41 -15.69 0.35
N THR D 244 -25.04 -15.10 1.37
CA THR D 244 -24.35 -14.10 2.18
C THR D 244 -23.18 -14.73 2.94
N VAL D 245 -23.40 -15.92 3.52
CA VAL D 245 -22.34 -16.62 4.23
C VAL D 245 -21.20 -16.95 3.26
N LEU D 246 -21.54 -17.37 2.05
CA LEU D 246 -20.53 -17.57 1.01
C LEU D 246 -19.67 -16.35 0.81
N LEU D 247 -20.30 -15.20 0.59
CA LEU D 247 -19.50 -14.01 0.30
C LEU D 247 -18.62 -13.63 1.48
N SER D 248 -19.17 -13.72 2.69
CA SER D 248 -18.37 -13.42 3.87
C SER D 248 -17.18 -14.37 3.99
N LEU D 249 -17.42 -15.65 3.80
CA LEU D 249 -16.36 -16.65 3.91
C LEU D 249 -15.27 -16.34 2.90
N THR D 250 -15.66 -16.00 1.67
CA THR D 250 -14.68 -15.70 0.62
C THR D 250 -13.85 -14.49 1.00
N VAL D 251 -14.50 -13.42 1.45
CA VAL D 251 -13.77 -12.23 1.89
C VAL D 251 -12.74 -12.62 2.94
N PHE D 252 -13.14 -13.49 3.87
CA PHE D 252 -12.29 -13.80 5.01
C PHE D 252 -11.13 -14.73 4.58
N MET D 253 -11.36 -15.56 3.56
CA MET D 253 -10.28 -16.31 2.92
C MET D 253 -9.27 -15.37 2.27
N LEU D 254 -9.77 -14.35 1.57
CA LEU D 254 -8.87 -13.32 1.02
C LEU D 254 -8.10 -12.60 2.12
N LEU D 255 -8.73 -12.39 3.27
CA LEU D 255 -8.00 -11.81 4.40
C LEU D 255 -6.84 -12.71 4.80
N VAL D 256 -7.10 -14.02 4.90
CA VAL D 256 -6.03 -14.96 5.23
C VAL D 256 -4.93 -14.89 4.20
N ALA D 257 -5.30 -14.82 2.92
CA ALA D 257 -4.30 -14.81 1.85
C ALA D 257 -3.48 -13.52 1.85
N GLU D 258 -4.06 -12.42 2.36
CA GLU D 258 -3.33 -11.17 2.37
C GLU D 258 -2.05 -11.28 3.21
N ILE D 259 -2.10 -12.01 4.32
CA ILE D 259 -0.98 -12.08 5.24
C ILE D 259 -0.16 -13.36 5.11
N MET D 260 -0.49 -14.23 4.16
CA MET D 260 0.14 -15.53 3.94
C MET D 260 0.86 -15.58 2.61
N PRO D 261 2.01 -16.26 2.54
CA PRO D 261 2.75 -16.32 1.27
C PRO D 261 2.06 -17.23 0.26
N ALA D 262 2.49 -17.10 -0.99
CA ALA D 262 1.95 -17.89 -2.08
C ALA D 262 2.71 -19.19 -2.29
N THR D 263 3.61 -19.53 -1.38
CA THR D 263 4.35 -20.78 -1.45
C THR D 263 3.39 -21.97 -1.51
N SER D 264 3.71 -22.92 -2.38
CA SER D 264 2.86 -24.08 -2.65
C SER D 264 3.33 -25.34 -1.93
N ASP D 265 4.34 -25.23 -1.07
CA ASP D 265 4.82 -26.38 -0.31
C ASP D 265 3.81 -26.86 0.73
N SER D 266 2.82 -26.06 1.06
CA SER D 266 1.81 -26.43 2.04
C SER D 266 0.66 -25.44 1.92
N VAL D 267 -0.44 -25.75 2.58
CA VAL D 267 -1.63 -24.91 2.55
C VAL D 267 -2.09 -24.65 3.98
N PRO D 268 -2.44 -23.42 4.34
CA PRO D 268 -3.01 -23.18 5.66
C PRO D 268 -4.26 -24.03 5.88
N LEU D 269 -4.28 -24.77 6.99
CA LEU D 269 -5.47 -25.56 7.31
C LEU D 269 -6.71 -24.70 7.44
N ILE D 270 -6.57 -23.51 7.99
CA ILE D 270 -7.74 -22.64 8.10
C ILE D 270 -8.30 -22.38 6.71
N ALA D 271 -7.42 -22.06 5.74
CA ALA D 271 -7.89 -21.78 4.39
C ALA D 271 -8.44 -23.04 3.72
N GLN D 272 -7.84 -24.19 3.98
CA GLN D 272 -8.37 -25.43 3.41
C GLN D 272 -9.76 -25.71 3.92
N TYR D 273 -9.99 -25.54 5.22
CA TYR D 273 -11.32 -25.71 5.80
C TYR D 273 -12.28 -24.70 5.19
N PHE D 274 -11.82 -23.46 5.01
CA PHE D 274 -12.61 -22.45 4.32
C PHE D 274 -13.10 -22.98 2.98
N ALA D 275 -12.17 -23.40 2.13
CA ALA D 275 -12.53 -23.82 0.79
C ALA D 275 -13.45 -25.03 0.83
N SER D 276 -13.18 -25.96 1.73
CA SER D 276 -14.03 -27.14 1.84
C SER D 276 -15.46 -26.75 2.16
N THR D 277 -15.68 -26.14 3.33
CA THR D 277 -17.04 -25.74 3.69
C THR D 277 -17.63 -24.81 2.64
N MET D 278 -16.78 -24.08 1.92
CA MET D 278 -17.25 -23.19 0.87
C MET D 278 -17.89 -23.96 -0.27
N ILE D 279 -17.18 -24.97 -0.78
CA ILE D 279 -17.75 -25.79 -1.84
C ILE D 279 -18.98 -26.51 -1.33
N ILE D 280 -18.96 -26.93 -0.07
CA ILE D 280 -20.09 -27.68 0.48
C ILE D 280 -21.34 -26.82 0.52
N VAL D 281 -21.22 -25.60 1.06
CA VAL D 281 -22.38 -24.71 1.17
C VAL D 281 -22.83 -24.25 -0.22
N GLY D 282 -21.87 -23.98 -1.12
CA GLY D 282 -22.25 -23.57 -2.46
C GLY D 282 -22.97 -24.67 -3.21
N LEU D 283 -22.50 -25.91 -3.07
CA LEU D 283 -23.19 -27.05 -3.64
C LEU D 283 -24.59 -27.19 -3.08
N SER D 284 -24.75 -26.93 -1.77
CA SER D 284 -26.07 -27.03 -1.10
C SER D 284 -26.98 -25.91 -1.60
N VAL D 285 -26.47 -24.69 -1.74
CA VAL D 285 -27.28 -23.54 -2.22
C VAL D 285 -27.70 -23.88 -3.65
N VAL D 286 -26.77 -24.37 -4.47
CA VAL D 286 -27.04 -24.71 -5.90
C VAL D 286 -28.10 -25.82 -5.94
N VAL D 287 -27.97 -26.85 -5.09
CA VAL D 287 -28.91 -28.00 -5.16
C VAL D 287 -30.29 -27.47 -4.77
N THR D 288 -30.35 -26.61 -3.75
CA THR D 288 -31.67 -26.13 -3.29
C THR D 288 -32.27 -25.35 -4.45
N VAL D 289 -31.48 -24.51 -5.13
CA VAL D 289 -31.97 -23.66 -6.25
C VAL D 289 -32.48 -24.54 -7.41
N ILE D 290 -31.76 -25.60 -7.79
CA ILE D 290 -32.19 -26.50 -8.91
C ILE D 290 -33.48 -27.20 -8.49
N VAL D 291 -33.60 -27.60 -7.22
CA VAL D 291 -34.81 -28.29 -6.71
C VAL D 291 -35.99 -27.31 -6.71
N LEU D 292 -35.74 -26.02 -6.44
CA LEU D 292 -36.82 -25.03 -6.25
C LEU D 292 -37.36 -24.49 -7.58
N GLN D 293 -36.59 -24.53 -8.68
CA GLN D 293 -37.05 -23.95 -9.95
C GLN D 293 -37.26 -24.95 -11.08
N TYR D 294 -36.61 -26.11 -11.07
CA TYR D 294 -36.80 -27.11 -12.10
C TYR D 294 -37.75 -28.23 -11.69
N HIS D 295 -37.68 -28.66 -10.43
CA HIS D 295 -38.55 -29.71 -9.92
C HIS D 295 -39.90 -29.20 -9.44
N HIS D 296 -40.09 -27.89 -9.36
CA HIS D 296 -41.29 -27.34 -8.74
C HIS D 296 -42.55 -27.75 -9.50
N HIS D 297 -42.54 -27.61 -10.83
CA HIS D 297 -43.76 -27.78 -11.60
C HIS D 297 -44.29 -29.21 -11.49
N ASP D 298 -43.41 -30.21 -11.61
CA ASP D 298 -43.82 -31.60 -11.66
C ASP D 298 -43.45 -32.31 -10.36
N PRO D 299 -44.36 -33.11 -9.78
CA PRO D 299 -43.97 -33.88 -8.60
C PRO D 299 -42.88 -34.91 -8.88
N ASP D 300 -42.70 -35.31 -10.13
CA ASP D 300 -41.64 -36.20 -10.55
C ASP D 300 -40.88 -35.61 -11.73
N GLY D 301 -40.54 -34.32 -11.64
CA GLY D 301 -39.84 -33.63 -12.70
C GLY D 301 -38.34 -33.84 -12.61
N GLY D 302 -37.79 -33.73 -11.40
CA GLY D 302 -36.40 -34.05 -11.16
C GLY D 302 -36.09 -35.52 -11.12
N LYS D 303 -37.13 -36.35 -11.03
CA LYS D 303 -36.99 -37.80 -11.07
C LYS D 303 -36.98 -38.37 -12.48
N MET D 304 -37.23 -37.55 -13.52
CA MET D 304 -37.10 -38.11 -14.86
C MET D 304 -35.74 -38.68 -15.20
N PRO D 305 -34.64 -37.96 -15.01
CA PRO D 305 -33.35 -38.57 -15.31
C PRO D 305 -33.21 -39.88 -14.54
N LYS D 306 -32.84 -40.93 -15.26
CA LYS D 306 -32.75 -42.26 -14.66
C LYS D 306 -31.77 -42.26 -13.48
N TRP D 307 -30.60 -41.64 -13.68
CA TRP D 307 -29.51 -41.73 -12.72
C TRP D 307 -29.84 -40.96 -11.44
N THR D 308 -30.31 -39.71 -11.57
CA THR D 308 -30.60 -38.89 -10.40
C THR D 308 -31.59 -39.60 -9.48
N ARG D 309 -32.67 -40.10 -10.08
CA ARG D 309 -33.76 -40.74 -9.34
C ARG D 309 -33.28 -41.99 -8.64
N VAL D 310 -32.67 -42.92 -9.38
CA VAL D 310 -32.30 -44.18 -8.76
C VAL D 310 -31.33 -43.93 -7.62
N ILE D 311 -30.33 -43.05 -7.85
CA ILE D 311 -29.40 -42.70 -6.79
C ILE D 311 -30.17 -42.35 -5.53
N LEU D 312 -30.97 -41.29 -5.60
CA LEU D 312 -31.60 -40.79 -4.38
C LEU D 312 -32.48 -41.88 -3.75
N LEU D 313 -33.33 -42.51 -4.55
CA LEU D 313 -34.36 -43.39 -4.00
C LEU D 313 -33.75 -44.62 -3.35
N ASN D 314 -32.92 -45.36 -4.09
CA ASN D 314 -32.38 -46.59 -3.53
C ASN D 314 -31.40 -46.31 -2.40
N TRP D 315 -30.60 -45.24 -2.52
CA TRP D 315 -29.69 -44.91 -1.43
C TRP D 315 -30.45 -44.52 -0.18
N CYS D 316 -31.57 -43.81 -0.32
CA CYS D 316 -32.37 -43.47 0.85
C CYS D 316 -33.00 -44.72 1.47
N ALA D 317 -33.48 -45.64 0.63
CA ALA D 317 -34.04 -46.88 1.16
C ALA D 317 -32.99 -47.65 1.96
N TRP D 318 -31.77 -47.71 1.44
CA TRP D 318 -30.69 -48.39 2.16
C TRP D 318 -30.33 -47.63 3.45
N PHE D 319 -30.32 -46.30 3.39
CA PHE D 319 -29.87 -45.47 4.50
C PHE D 319 -30.91 -45.31 5.59
N LEU D 320 -32.16 -45.67 5.34
CA LEU D 320 -33.21 -45.56 6.34
C LEU D 320 -33.91 -46.90 6.53
N ILE D 488 -79.27 -20.82 -9.77
CA ILE D 488 -78.43 -20.35 -8.68
C ILE D 488 -77.48 -21.46 -8.25
N LEU D 489 -77.99 -22.70 -8.22
CA LEU D 489 -77.19 -23.83 -7.76
C LEU D 489 -75.98 -24.05 -8.66
N GLU D 490 -76.17 -23.96 -9.98
CA GLU D 490 -75.07 -24.19 -10.91
C GLU D 490 -74.00 -23.09 -10.79
N GLU D 491 -74.43 -21.87 -10.51
CA GLU D 491 -73.49 -20.78 -10.30
C GLU D 491 -72.54 -21.08 -9.14
N VAL D 492 -73.13 -21.44 -7.99
CA VAL D 492 -72.33 -21.80 -6.83
C VAL D 492 -71.50 -23.04 -7.15
N ARG D 493 -72.03 -23.95 -7.98
CA ARG D 493 -71.24 -25.09 -8.41
C ARG D 493 -69.94 -24.64 -9.06
N TYR D 494 -70.03 -23.76 -10.05
CA TYR D 494 -68.83 -23.32 -10.76
C TYR D 494 -67.85 -22.64 -9.82
N ILE D 495 -68.34 -21.67 -9.03
CA ILE D 495 -67.41 -20.89 -8.21
C ILE D 495 -66.81 -21.76 -7.11
N ALA D 496 -67.60 -22.62 -6.50
CA ALA D 496 -67.07 -23.52 -5.47
C ALA D 496 -66.06 -24.49 -6.05
N ASN D 497 -66.31 -24.99 -7.27
CA ASN D 497 -65.34 -25.89 -7.89
C ASN D 497 -64.02 -25.19 -8.14
N ARG D 498 -64.06 -23.95 -8.63
CA ARG D 498 -62.81 -23.24 -8.89
C ARG D 498 -62.08 -22.92 -7.58
N PHE D 499 -62.83 -22.60 -6.52
CA PHE D 499 -62.21 -22.36 -5.23
C PHE D 499 -61.57 -23.63 -4.67
N ARG D 500 -62.23 -24.78 -4.87
CA ARG D 500 -61.65 -26.05 -4.47
C ARG D 500 -60.37 -26.32 -5.25
N CYS D 501 -60.36 -25.97 -6.54
CA CYS D 501 -59.13 -26.11 -7.33
C CYS D 501 -58.02 -25.23 -6.76
N GLN D 502 -58.35 -24.01 -6.37
CA GLN D 502 -57.36 -23.14 -5.72
C GLN D 502 -56.80 -23.82 -4.48
N ASP D 503 -57.68 -24.31 -3.60
CA ASP D 503 -57.25 -24.98 -2.39
C ASP D 503 -56.32 -26.14 -2.72
N GLU D 504 -56.67 -26.93 -3.74
CA GLU D 504 -55.83 -28.04 -4.15
C GLU D 504 -54.45 -27.55 -4.59
N SER D 505 -54.41 -26.47 -5.38
CA SER D 505 -53.15 -25.98 -5.92
C SER D 505 -52.28 -25.31 -4.87
N GLU D 506 -52.82 -25.00 -3.69
CA GLU D 506 -52.08 -24.19 -2.73
C GLU D 506 -51.38 -24.97 -1.61
N ALA D 507 -51.64 -26.27 -1.46
CA ALA D 507 -51.25 -26.97 -0.23
C ALA D 507 -50.62 -28.34 -0.53
N VAL D 508 -49.62 -28.38 -1.41
CA VAL D 508 -48.99 -29.64 -1.79
C VAL D 508 -47.48 -29.52 -1.74
N CYS D 509 -46.83 -30.55 -1.20
CA CYS D 509 -45.39 -30.78 -1.35
C CYS D 509 -45.18 -32.20 -1.85
N SER D 510 -44.04 -32.44 -2.48
CA SER D 510 -43.80 -33.70 -3.17
C SER D 510 -42.41 -34.20 -2.83
N GLU D 511 -41.95 -35.21 -3.57
CA GLU D 511 -40.66 -35.84 -3.30
C GLU D 511 -39.49 -34.89 -3.43
N TRP D 512 -39.69 -33.68 -3.94
CA TRP D 512 -38.59 -32.73 -4.04
C TRP D 512 -38.24 -32.11 -2.70
N LYS D 513 -39.24 -31.83 -1.85
CA LYS D 513 -38.92 -31.35 -0.51
C LYS D 513 -38.12 -32.40 0.26
N PHE D 514 -38.56 -33.66 0.18
CA PHE D 514 -37.86 -34.75 0.84
C PHE D 514 -36.47 -34.95 0.25
N ALA D 515 -36.35 -34.86 -1.08
CA ALA D 515 -35.04 -35.03 -1.71
C ALA D 515 -34.09 -33.92 -1.31
N ALA D 516 -34.54 -32.67 -1.27
CA ALA D 516 -33.68 -31.53 -0.89
C ALA D 516 -33.32 -31.70 0.58
N CYS D 517 -34.23 -32.17 1.44
CA CYS D 517 -33.90 -32.44 2.84
C CYS D 517 -32.83 -33.53 2.95
N VAL D 518 -32.95 -34.58 2.14
CA VAL D 518 -31.97 -35.66 2.17
C VAL D 518 -30.61 -35.14 1.72
N VAL D 519 -30.61 -34.47 0.56
CA VAL D 519 -29.36 -33.96 -0.08
C VAL D 519 -28.72 -32.95 0.87
N ASP D 520 -29.49 -31.98 1.35
CA ASP D 520 -28.99 -30.93 2.27
C ASP D 520 -28.54 -31.60 3.57
N ARG D 521 -29.24 -32.62 4.05
CA ARG D 521 -28.81 -33.38 5.26
C ARG D 521 -27.46 -34.02 4.95
N LEU D 522 -27.27 -34.58 3.76
CA LEU D 522 -26.00 -35.21 3.34
C LEU D 522 -24.91 -34.12 3.29
N CYS D 523 -25.25 -32.91 2.82
CA CYS D 523 -24.30 -31.77 2.76
C CYS D 523 -23.89 -31.42 4.18
N LEU D 524 -24.85 -31.40 5.12
CA LEU D 524 -24.58 -31.08 6.54
C LEU D 524 -23.64 -32.16 7.06
N MET D 525 -23.88 -33.43 6.72
CA MET D 525 -23.04 -34.56 7.20
C MET D 525 -21.62 -34.39 6.67
N ALA D 526 -21.46 -34.02 5.40
CA ALA D 526 -20.13 -33.84 4.77
C ALA D 526 -19.43 -32.69 5.50
N PHE D 527 -20.16 -31.60 5.78
CA PHE D 527 -19.61 -30.41 6.46
C PHE D 527 -19.17 -30.83 7.86
N SER D 528 -19.93 -31.65 8.57
CA SER D 528 -19.63 -32.14 9.94
C SER D 528 -18.41 -33.05 9.93
N VAL D 529 -18.25 -33.87 8.90
CA VAL D 529 -17.08 -34.80 8.79
C VAL D 529 -15.82 -33.93 8.69
N PHE D 530 -15.90 -32.78 8.01
CA PHE D 530 -14.75 -31.91 7.81
C PHE D 530 -14.46 -31.07 9.05
N THR D 531 -15.50 -30.56 9.70
CA THR D 531 -15.29 -29.74 10.89
C THR D 531 -14.62 -30.54 11.99
N ILE D 532 -15.14 -31.74 12.28
CA ILE D 532 -14.57 -32.57 13.33
C ILE D 532 -13.13 -32.93 12.99
N ILE D 533 -12.90 -33.38 11.74
CA ILE D 533 -11.58 -33.85 11.37
C ILE D 533 -10.56 -32.71 11.47
N CYS D 534 -10.91 -31.53 10.96
CA CYS D 534 -9.98 -30.41 10.99
C CYS D 534 -9.75 -29.92 12.41
N THR D 535 -10.81 -29.87 13.23
CA THR D 535 -10.66 -29.39 14.59
C THR D 535 -9.76 -30.31 15.39
N ILE D 536 -9.96 -31.62 15.29
CA ILE D 536 -9.11 -32.54 16.03
C ILE D 536 -7.68 -32.50 15.48
N GLY D 537 -7.53 -32.43 14.15
CA GLY D 537 -6.20 -32.38 13.57
C GLY D 537 -5.41 -31.17 14.02
N ILE D 538 -6.05 -29.99 14.01
CA ILE D 538 -5.37 -28.80 14.48
C ILE D 538 -5.11 -28.91 15.98
N LEU D 539 -5.99 -29.57 16.73
CA LEU D 539 -5.70 -29.86 18.13
C LEU D 539 -4.44 -30.71 18.26
N MET D 540 -4.34 -31.78 17.48
CA MET D 540 -3.18 -32.67 17.54
C MET D 540 -2.18 -32.32 16.44
N SER D 541 -1.60 -31.13 16.57
CA SER D 541 -0.58 -30.64 15.65
C SER D 541 0.78 -30.73 16.31
N ALA D 542 1.82 -30.83 15.49
CA ALA D 542 3.18 -30.80 16.02
C ALA D 542 3.42 -29.59 16.90
N PRO D 543 3.01 -28.37 16.53
CA PRO D 543 2.96 -27.28 17.51
C PRO D 543 1.71 -27.40 18.37
N ASN D 544 1.80 -28.18 19.45
CA ASN D 544 0.65 -28.52 20.27
C ASN D 544 -0.27 -27.33 20.48
N PHE D 545 -1.56 -27.54 20.18
CA PHE D 545 -2.57 -26.50 20.30
C PHE D 545 -3.19 -26.45 21.68
N VAL D 546 -3.42 -27.62 22.30
CA VAL D 546 -4.04 -27.66 23.61
C VAL D 546 -3.16 -26.95 24.64
N GLU D 547 -1.87 -27.26 24.64
CA GLU D 547 -0.96 -26.62 25.58
C GLU D 547 -0.85 -25.12 25.29
N ALA D 548 -0.82 -24.75 24.01
CA ALA D 548 -0.71 -23.35 23.65
C ALA D 548 -1.91 -22.55 24.14
N VAL D 549 -3.13 -23.09 23.96
CA VAL D 549 -4.31 -22.38 24.45
C VAL D 549 -4.33 -22.38 25.98
N SER D 550 -3.89 -23.46 26.61
CA SER D 550 -3.77 -23.46 28.06
C SER D 550 -2.86 -22.32 28.52
N LYS D 551 -1.78 -22.06 27.78
CA LYS D 551 -0.89 -20.95 28.13
C LYS D 551 -1.55 -19.60 27.88
N ASP D 552 -2.17 -19.43 26.72
CA ASP D 552 -2.71 -18.14 26.30
C ASP D 552 -4.13 -17.90 26.78
N PHE D 553 -4.79 -18.90 27.37
CA PHE D 553 -6.15 -18.73 27.85
C PHE D 553 -6.31 -19.33 29.25
N GLU E 1 54.59 -11.98 9.50
CA GLU E 1 55.96 -11.54 9.09
C GLU E 1 56.11 -11.53 7.59
N PHE E 2 56.22 -12.72 7.00
CA PHE E 2 56.38 -12.82 5.56
C PHE E 2 55.17 -12.26 4.83
N GLN E 3 54.00 -12.32 5.46
CA GLN E 3 52.81 -11.71 4.89
C GLN E 3 52.98 -10.20 4.75
N ARG E 4 53.52 -9.55 5.79
CA ARG E 4 53.76 -8.12 5.74
C ARG E 4 54.76 -7.77 4.65
N LYS E 5 55.85 -8.52 4.56
CA LYS E 5 56.87 -8.29 3.56
C LYS E 5 56.32 -8.49 2.16
N LEU E 6 55.43 -9.46 1.98
CA LEU E 6 54.83 -9.72 0.68
C LEU E 6 53.87 -8.61 0.30
N TYR E 7 53.01 -8.18 1.23
CA TYR E 7 52.08 -7.10 0.94
C TYR E 7 52.81 -5.81 0.59
N LYS E 8 53.92 -5.54 1.29
CA LYS E 8 54.73 -4.37 0.94
C LYS E 8 55.34 -4.53 -0.44
N GLU E 9 55.83 -5.72 -0.77
CA GLU E 9 56.50 -5.94 -2.04
C GLU E 9 55.54 -5.80 -3.22
N LEU E 10 54.30 -6.28 -3.09
CA LEU E 10 53.42 -6.35 -4.24
C LEU E 10 52.92 -4.97 -4.67
N VAL E 11 52.75 -4.05 -3.74
CA VAL E 11 52.15 -2.76 -4.04
C VAL E 11 53.20 -1.68 -4.28
N LYS E 12 54.43 -2.07 -4.62
CA LYS E 12 55.49 -1.10 -4.83
C LYS E 12 55.10 -0.11 -5.93
N ASN E 13 54.87 -0.61 -7.14
CA ASN E 13 54.52 0.23 -8.28
C ASN E 13 53.20 -0.18 -8.91
N TYR E 14 52.36 -0.90 -8.17
CA TYR E 14 51.10 -1.37 -8.72
C TYR E 14 50.16 -0.21 -8.99
N ASN E 15 49.47 -0.27 -10.11
CA ASN E 15 48.49 0.73 -10.49
C ASN E 15 47.14 0.05 -10.72
N PRO E 16 46.14 0.29 -9.89
CA PRO E 16 44.85 -0.39 -10.09
C PRO E 16 44.20 -0.06 -11.42
N LEU E 17 44.57 1.05 -12.05
CA LEU E 17 44.02 1.38 -13.35
C LEU E 17 44.62 0.53 -14.46
N GLU E 18 45.80 -0.04 -14.22
CA GLU E 18 46.48 -0.80 -15.26
C GLU E 18 45.81 -2.15 -15.45
N ARG E 19 45.55 -2.49 -16.71
CA ARG E 19 45.08 -3.82 -17.04
C ARG E 19 46.24 -4.79 -16.85
N PRO E 20 46.12 -5.80 -16.00
CA PRO E 20 47.28 -6.63 -15.64
C PRO E 20 47.61 -7.71 -16.66
N VAL E 21 48.33 -7.32 -17.69
CA VAL E 21 48.79 -8.23 -18.73
C VAL E 21 50.23 -7.90 -19.08
N ALA E 22 51.04 -8.93 -19.28
CA ALA E 22 52.41 -8.71 -19.70
C ALA E 22 52.48 -8.07 -21.08
N ASN E 23 51.61 -8.49 -21.98
CA ASN E 23 51.53 -7.96 -23.33
C ASN E 23 50.31 -7.06 -23.40
N ASP E 24 50.53 -5.76 -23.45
CA ASP E 24 49.43 -4.81 -23.47
C ASP E 24 48.59 -4.94 -24.73
N SER E 25 49.16 -5.47 -25.81
CA SER E 25 48.42 -5.65 -27.04
C SER E 25 47.47 -6.84 -26.97
N GLN E 26 47.71 -7.77 -26.09
CA GLN E 26 46.82 -8.92 -25.98
C GLN E 26 45.67 -8.62 -25.04
N PRO E 27 44.52 -9.26 -25.24
CA PRO E 27 43.41 -9.11 -24.32
C PRO E 27 43.61 -9.93 -23.06
N LEU E 28 42.82 -9.61 -22.05
CA LEU E 28 42.85 -10.30 -20.78
C LEU E 28 41.66 -11.24 -20.68
N THR E 29 41.93 -12.50 -20.39
CA THR E 29 40.89 -13.51 -20.30
C THR E 29 40.26 -13.48 -18.92
N VAL E 30 38.95 -13.29 -18.87
CA VAL E 30 38.19 -13.25 -17.64
C VAL E 30 37.09 -14.30 -17.73
N TYR E 31 37.12 -15.28 -16.85
CA TYR E 31 36.10 -16.32 -16.79
C TYR E 31 35.03 -15.85 -15.81
N PHE E 32 33.86 -15.50 -16.34
CA PHE E 32 32.75 -15.01 -15.54
C PHE E 32 31.67 -16.08 -15.46
N SER E 33 31.25 -16.38 -14.24
CA SER E 33 30.25 -17.39 -13.93
C SER E 33 29.34 -16.86 -12.83
N LEU E 34 28.38 -17.68 -12.44
CA LEU E 34 27.34 -17.23 -11.53
C LEU E 34 26.91 -18.39 -10.64
N SER E 35 26.46 -18.04 -9.44
CA SER E 35 25.96 -19.03 -8.48
C SER E 35 24.65 -18.48 -7.92
N LEU E 36 23.55 -19.14 -8.24
CA LEU E 36 22.22 -18.70 -7.84
C LEU E 36 21.87 -19.35 -6.51
N LEU E 37 21.53 -18.53 -5.52
CA LEU E 37 21.23 -19.04 -4.19
C LEU E 37 19.75 -19.07 -3.89
N GLN E 38 18.99 -18.11 -4.37
CA GLN E 38 17.59 -18.00 -4.01
C GLN E 38 16.92 -16.98 -4.92
N ILE E 39 15.74 -17.33 -5.41
CA ILE E 39 14.89 -16.39 -6.11
C ILE E 39 14.02 -15.71 -5.06
N MET E 40 14.29 -14.43 -4.81
CA MET E 40 13.67 -13.75 -3.70
C MET E 40 12.30 -13.18 -4.04
N ASP E 41 12.09 -12.74 -5.27
CA ASP E 41 10.78 -12.19 -5.62
C ASP E 41 10.63 -12.10 -7.12
N VAL E 42 9.38 -12.15 -7.57
CA VAL E 42 9.02 -11.92 -8.96
C VAL E 42 7.84 -10.96 -8.94
N ASP E 43 8.11 -9.66 -9.06
CA ASP E 43 7.07 -8.64 -9.11
C ASP E 43 6.57 -8.58 -10.55
N GLU E 44 5.50 -9.33 -10.81
CA GLU E 44 4.90 -9.33 -12.13
C GLU E 44 4.30 -7.96 -12.45
N LYS E 45 3.91 -7.21 -11.42
CA LYS E 45 3.33 -5.89 -11.65
C LYS E 45 4.34 -4.96 -12.30
N ASN E 46 5.55 -4.88 -11.76
CA ASN E 46 6.62 -4.06 -12.29
C ASN E 46 7.57 -4.83 -13.19
N GLN E 47 7.33 -6.12 -13.40
CA GLN E 47 8.18 -6.94 -14.25
C GLN E 47 9.62 -6.92 -13.76
N VAL E 48 9.79 -7.25 -12.48
CA VAL E 48 11.09 -7.23 -11.84
C VAL E 48 11.36 -8.59 -11.21
N LEU E 49 12.61 -9.03 -11.30
CA LEU E 49 13.06 -10.28 -10.70
C LEU E 49 14.14 -9.96 -9.69
N THR E 50 13.91 -10.34 -8.43
CA THR E 50 14.83 -10.09 -7.34
C THR E 50 15.47 -11.41 -6.95
N THR E 51 16.78 -11.51 -7.16
CA THR E 51 17.52 -12.74 -6.96
C THR E 51 18.70 -12.49 -6.03
N ASN E 52 19.16 -13.57 -5.42
CA ASN E 52 20.39 -13.58 -4.64
C ASN E 52 21.41 -14.41 -5.40
N ILE E 53 22.53 -13.79 -5.78
CA ILE E 53 23.52 -14.48 -6.59
C ILE E 53 24.92 -14.06 -6.17
N TRP E 54 25.85 -15.00 -6.29
CA TRP E 54 27.26 -14.76 -6.14
C TRP E 54 27.90 -14.82 -7.53
N LEU E 55 28.48 -13.70 -7.95
CA LEU E 55 29.24 -13.72 -9.19
C LEU E 55 30.53 -14.49 -9.00
N GLN E 56 31.18 -14.82 -10.11
CA GLN E 56 32.46 -15.53 -10.06
C GLN E 56 33.32 -15.01 -11.20
N MET E 57 34.23 -14.10 -10.89
CA MET E 57 35.21 -13.61 -11.84
C MET E 57 36.54 -14.25 -11.51
N SER E 58 37.15 -14.88 -12.51
CA SER E 58 38.47 -15.49 -12.36
C SER E 58 39.35 -14.95 -13.47
N TRP E 59 40.51 -14.41 -13.10
CA TRP E 59 41.43 -13.91 -14.09
C TRP E 59 42.85 -14.07 -13.58
N THR E 60 43.80 -13.44 -14.28
CA THR E 60 45.22 -13.58 -13.98
C THR E 60 45.86 -12.22 -13.91
N ASP E 61 46.63 -11.99 -12.85
CA ASP E 61 47.37 -10.75 -12.64
C ASP E 61 48.86 -11.07 -12.77
N HIS E 62 49.49 -10.52 -13.80
CA HIS E 62 50.89 -10.80 -14.07
C HIS E 62 51.81 -10.26 -13.00
N TYR E 63 51.38 -9.23 -12.26
CA TYR E 63 52.24 -8.58 -11.29
C TYR E 63 52.14 -9.16 -9.90
N LEU E 64 51.03 -9.81 -9.58
CA LEU E 64 50.85 -10.43 -8.26
C LEU E 64 51.29 -11.89 -8.33
N GLN E 65 52.60 -12.06 -8.36
CA GLN E 65 53.21 -13.38 -8.43
C GLN E 65 54.39 -13.42 -7.46
N TRP E 66 54.35 -14.37 -6.53
CA TRP E 66 55.43 -14.56 -5.57
C TRP E 66 55.81 -16.03 -5.55
N ASN E 67 56.88 -16.33 -4.82
CA ASN E 67 57.44 -17.67 -4.69
C ASN E 67 57.24 -18.13 -3.25
N VAL E 68 56.52 -19.24 -3.07
CA VAL E 68 56.12 -19.65 -1.72
C VAL E 68 57.34 -19.89 -0.85
N SER E 69 58.42 -20.41 -1.44
CA SER E 69 59.64 -20.62 -0.68
C SER E 69 60.19 -19.29 -0.14
N GLU E 70 60.11 -18.24 -0.94
CA GLU E 70 60.59 -16.93 -0.50
C GLU E 70 59.71 -16.39 0.63
N TYR E 71 58.42 -16.70 0.60
CA TYR E 71 57.45 -16.24 1.61
C TYR E 71 56.72 -17.46 2.15
N PRO E 72 57.35 -18.24 3.02
CA PRO E 72 56.71 -19.46 3.51
C PRO E 72 55.47 -19.18 4.33
N GLY E 73 54.48 -20.05 4.21
CA GLY E 73 53.28 -19.99 5.01
C GLY E 73 52.20 -19.09 4.48
N VAL E 74 52.42 -18.41 3.37
CA VAL E 74 51.43 -17.52 2.77
C VAL E 74 51.23 -17.96 1.33
N LYS E 75 50.10 -18.61 1.07
CA LYS E 75 49.73 -19.06 -0.26
C LYS E 75 48.65 -18.19 -0.87
N THR E 76 48.15 -17.20 -0.15
CA THR E 76 47.07 -16.37 -0.64
C THR E 76 47.19 -14.97 -0.06
N VAL E 77 46.59 -14.02 -0.75
CA VAL E 77 46.46 -12.65 -0.27
C VAL E 77 45.11 -12.11 -0.70
N ARG E 78 44.65 -11.09 0.03
CA ARG E 78 43.37 -10.46 -0.21
C ARG E 78 43.58 -8.98 -0.47
N PHE E 79 42.87 -8.46 -1.46
CA PHE E 79 42.99 -7.06 -1.86
C PHE E 79 41.59 -6.47 -2.03
N PRO E 80 41.23 -5.42 -1.30
CA PRO E 80 39.88 -4.86 -1.44
C PRO E 80 39.68 -4.07 -2.72
N ASP E 81 38.51 -3.41 -2.80
CA ASP E 81 38.03 -2.82 -4.04
C ASP E 81 39.11 -2.00 -4.75
N GLY E 82 39.59 -0.93 -4.09
CA GLY E 82 40.40 0.06 -4.76
C GLY E 82 41.89 -0.16 -4.73
N GLN E 83 42.36 -1.29 -4.21
CA GLN E 83 43.79 -1.52 -4.10
C GLN E 83 44.38 -2.22 -5.30
N ILE E 84 43.58 -2.92 -6.09
CA ILE E 84 44.04 -3.58 -7.30
C ILE E 84 42.96 -3.51 -8.37
N TRP E 85 43.28 -4.07 -9.53
CA TRP E 85 42.42 -4.00 -10.69
C TRP E 85 41.33 -5.05 -10.63
N LYS E 86 40.08 -4.63 -10.81
CA LYS E 86 38.96 -5.53 -10.98
C LYS E 86 38.22 -5.15 -12.24
N PRO E 87 37.67 -6.13 -12.96
CA PRO E 87 36.87 -5.79 -14.14
C PRO E 87 35.60 -5.04 -13.74
N ASP E 88 35.21 -4.12 -14.62
CA ASP E 88 34.01 -3.32 -14.40
C ASP E 88 32.77 -4.04 -14.92
N ILE E 89 32.61 -5.27 -14.48
CA ILE E 89 31.49 -6.10 -14.93
C ILE E 89 30.25 -5.75 -14.11
N LEU E 90 29.13 -5.59 -14.81
CA LEU E 90 27.90 -5.20 -14.15
C LEU E 90 26.73 -5.74 -14.96
N LEU E 91 25.53 -5.52 -14.43
CA LEU E 91 24.29 -6.03 -14.98
C LEU E 91 23.63 -4.94 -15.82
N TYR E 92 23.53 -5.19 -17.13
CA TYR E 92 22.98 -4.19 -18.03
C TYR E 92 21.52 -3.91 -17.71
N ASN E 93 20.71 -4.97 -17.63
CA ASN E 93 19.27 -4.82 -17.43
C ASN E 93 18.93 -4.82 -15.94
N SER E 94 19.54 -3.88 -15.24
CA SER E 94 19.32 -3.72 -13.81
C SER E 94 18.18 -2.75 -13.55
N ALA E 95 17.50 -2.97 -12.43
CA ALA E 95 16.40 -2.14 -11.98
C ALA E 95 16.57 -1.71 -10.52
N ASP E 96 17.81 -1.66 -10.05
CA ASP E 96 18.08 -1.54 -8.62
C ASP E 96 17.88 -0.12 -8.09
N GLU E 97 17.94 0.87 -8.98
CA GLU E 97 17.91 2.33 -8.82
C GLU E 97 19.22 2.80 -8.18
N ARG E 98 20.16 1.91 -7.87
CA ARG E 98 21.57 2.24 -7.79
C ARG E 98 22.35 1.71 -8.98
N PHE E 99 21.75 0.79 -9.74
CA PHE E 99 22.32 0.17 -10.94
C PHE E 99 23.54 -0.69 -10.66
N ASP E 100 23.87 -0.93 -9.39
CA ASP E 100 24.90 -1.90 -9.05
C ASP E 100 24.63 -2.37 -7.62
N ALA E 101 24.20 -3.62 -7.48
CA ALA E 101 23.85 -4.18 -6.19
C ALA E 101 24.97 -5.02 -5.59
N THR E 102 26.12 -5.12 -6.26
CA THR E 102 27.21 -5.92 -5.72
C THR E 102 27.72 -5.33 -4.42
N PHE E 103 27.93 -6.19 -3.44
CA PHE E 103 28.65 -5.82 -2.23
C PHE E 103 30.12 -6.11 -2.49
N HIS E 104 30.92 -5.06 -2.60
CA HIS E 104 32.31 -5.22 -2.96
C HIS E 104 33.06 -5.93 -1.84
N THR E 105 33.66 -7.07 -2.17
CA THR E 105 34.38 -7.89 -1.23
C THR E 105 35.85 -7.94 -1.63
N ASN E 106 36.60 -8.78 -0.92
CA ASN E 106 38.02 -8.90 -1.18
C ASN E 106 38.28 -9.77 -2.40
N VAL E 107 39.38 -9.46 -3.08
CA VAL E 107 39.86 -10.25 -4.20
C VAL E 107 40.96 -11.17 -3.69
N LEU E 108 40.80 -12.46 -3.95
CA LEU E 108 41.72 -13.48 -3.48
C LEU E 108 42.71 -13.82 -4.57
N VAL E 109 43.99 -13.87 -4.21
CA VAL E 109 45.08 -14.03 -5.17
C VAL E 109 46.06 -15.07 -4.64
N ASN E 110 46.59 -15.89 -5.55
CA ASN E 110 47.54 -16.94 -5.20
C ASN E 110 48.83 -16.77 -5.99
N SER E 111 49.88 -17.54 -5.66
CA SER E 111 51.21 -17.22 -6.22
C SER E 111 51.25 -17.14 -7.73
N SER E 112 50.50 -17.99 -8.41
CA SER E 112 50.50 -17.96 -9.87
C SER E 112 49.86 -16.70 -10.43
N GLY E 113 49.19 -15.93 -9.58
CA GLY E 113 48.52 -14.72 -10.02
C GLY E 113 47.06 -14.89 -10.34
N HIS E 114 46.49 -16.05 -10.07
CA HIS E 114 45.09 -16.29 -10.36
C HIS E 114 44.24 -15.58 -9.32
N CYS E 115 43.45 -14.61 -9.78
CA CYS E 115 42.62 -13.79 -8.92
C CYS E 115 41.17 -14.22 -9.02
N GLN E 116 40.54 -14.41 -7.86
CA GLN E 116 39.14 -14.75 -7.73
C GLN E 116 38.39 -13.57 -7.13
N TYR E 117 37.16 -13.39 -7.59
CA TYR E 117 36.31 -12.32 -7.07
C TYR E 117 34.88 -12.82 -7.10
N LEU E 118 34.27 -12.97 -5.93
CA LEU E 118 32.93 -13.53 -5.80
C LEU E 118 32.05 -12.54 -5.04
N PRO E 119 31.69 -11.43 -5.67
CA PRO E 119 30.84 -10.46 -5.01
C PRO E 119 29.41 -10.94 -4.97
N PRO E 120 28.80 -10.96 -3.79
CA PRO E 120 27.39 -11.32 -3.68
C PRO E 120 26.49 -10.15 -4.02
N GLY E 121 25.22 -10.46 -4.24
CA GLY E 121 24.29 -9.42 -4.57
C GLY E 121 22.82 -9.80 -4.56
N ILE E 122 22.02 -8.84 -4.10
CA ILE E 122 20.57 -8.86 -4.28
C ILE E 122 20.30 -8.10 -5.58
N PHE E 123 20.29 -8.82 -6.68
CA PHE E 123 20.15 -8.22 -7.99
C PHE E 123 18.68 -8.10 -8.37
N LYS E 124 18.28 -6.90 -8.75
CA LYS E 124 16.95 -6.64 -9.27
C LYS E 124 17.10 -6.41 -10.77
N SER E 125 16.53 -7.31 -11.56
CA SER E 125 16.63 -7.27 -13.00
C SER E 125 15.26 -7.06 -13.61
N SER E 126 15.24 -6.51 -14.82
CA SER E 126 14.03 -6.29 -15.57
C SER E 126 13.84 -7.43 -16.56
N CYS E 127 12.77 -8.20 -16.37
CA CYS E 127 12.47 -9.33 -17.24
C CYS E 127 11.02 -9.29 -17.65
N TYR E 128 10.76 -9.56 -18.93
CA TYR E 128 9.42 -9.50 -19.46
C TYR E 128 8.60 -10.68 -18.96
N ILE E 129 7.44 -10.38 -18.39
CA ILE E 129 6.58 -11.40 -17.79
C ILE E 129 5.47 -11.72 -18.77
N ASP E 130 5.35 -13.00 -19.12
CA ASP E 130 4.30 -13.47 -20.01
C ASP E 130 3.18 -14.09 -19.18
N VAL E 131 1.99 -13.51 -19.28
CA VAL E 131 0.82 -13.97 -18.55
C VAL E 131 -0.22 -14.56 -19.48
N ARG E 132 0.13 -14.80 -20.74
CA ARG E 132 -0.83 -15.38 -21.69
C ARG E 132 -1.39 -16.69 -21.15
N TRP E 133 -0.52 -17.58 -20.67
CA TRP E 133 -0.93 -18.88 -20.17
C TRP E 133 -1.01 -18.92 -18.65
N PHE E 134 -1.42 -17.81 -18.04
CA PHE E 134 -1.56 -17.75 -16.60
C PHE E 134 -2.61 -18.74 -16.11
N PRO E 135 -2.43 -19.35 -14.93
CA PRO E 135 -1.25 -19.29 -14.06
C PRO E 135 -0.24 -20.41 -14.32
N PHE E 136 -0.50 -21.22 -15.35
CA PHE E 136 0.42 -22.29 -15.74
C PHE E 136 1.42 -21.75 -16.74
N ASP E 137 2.28 -20.85 -16.25
CA ASP E 137 3.19 -20.09 -17.09
C ASP E 137 4.63 -20.34 -16.66
N VAL E 138 5.53 -20.33 -17.64
CA VAL E 138 6.97 -20.39 -17.42
C VAL E 138 7.56 -19.06 -17.86
N GLN E 139 8.50 -18.55 -17.07
CA GLN E 139 9.13 -17.27 -17.33
C GLN E 139 10.60 -17.48 -17.63
N HIS E 140 11.08 -16.85 -18.69
CA HIS E 140 12.48 -16.83 -19.09
C HIS E 140 12.99 -15.43 -18.83
N CYS E 141 13.46 -15.19 -17.60
CA CYS E 141 13.94 -13.88 -17.19
C CYS E 141 15.45 -13.81 -17.38
N LYS E 142 15.93 -12.78 -18.05
CA LYS E 142 17.31 -12.69 -18.48
C LYS E 142 18.13 -11.88 -17.49
N LEU E 143 19.41 -12.25 -17.40
CA LEU E 143 20.42 -11.49 -16.65
C LEU E 143 21.59 -11.29 -17.58
N LYS E 144 21.79 -10.06 -18.02
CA LYS E 144 22.83 -9.73 -18.99
C LYS E 144 23.97 -9.05 -18.26
N PHE E 145 25.11 -9.73 -18.17
CA PHE E 145 26.29 -9.23 -17.49
C PHE E 145 27.35 -8.89 -18.52
N GLY E 146 28.09 -7.83 -18.27
CA GLY E 146 29.15 -7.47 -19.19
C GLY E 146 30.00 -6.36 -18.63
N SER E 147 31.16 -6.20 -19.25
CA SER E 147 32.06 -5.11 -18.92
C SER E 147 31.59 -3.83 -19.59
N TRP E 148 31.67 -2.73 -18.84
CA TRP E 148 31.15 -1.47 -19.35
C TRP E 148 32.14 -0.78 -20.29
N SER E 149 33.40 -0.68 -19.87
CA SER E 149 34.39 0.08 -20.61
C SER E 149 35.47 -0.77 -21.27
N TYR E 150 35.52 -2.05 -20.99
CA TYR E 150 36.52 -2.94 -21.57
C TYR E 150 35.87 -3.78 -22.66
N GLY E 151 36.45 -3.73 -23.85
CA GLY E 151 35.92 -4.45 -24.99
C GLY E 151 36.65 -5.75 -25.26
N GLY E 152 36.26 -6.38 -26.37
CA GLY E 152 36.83 -7.67 -26.70
C GLY E 152 38.33 -7.61 -26.94
N TRP E 153 38.81 -6.51 -27.52
CA TRP E 153 40.24 -6.36 -27.74
C TRP E 153 41.01 -6.18 -26.44
N SER E 154 40.32 -5.93 -25.33
CA SER E 154 40.96 -5.74 -24.04
C SER E 154 40.49 -6.70 -22.97
N LEU E 155 39.34 -7.36 -23.16
CA LEU E 155 38.79 -8.23 -22.13
C LEU E 155 38.01 -9.35 -22.82
N ASP E 156 38.62 -10.52 -22.91
CA ASP E 156 38.01 -11.70 -23.50
C ASP E 156 37.16 -12.39 -22.43
N LEU E 157 35.90 -11.99 -22.35
CA LEU E 157 35.01 -12.43 -21.28
C LEU E 157 34.43 -13.80 -21.64
N GLN E 158 34.98 -14.84 -21.04
CA GLN E 158 34.49 -16.20 -21.25
C GLN E 158 33.41 -16.55 -20.24
N MET E 159 32.67 -17.60 -20.55
CA MET E 159 31.53 -18.03 -19.75
C MET E 159 31.77 -19.44 -19.23
N GLN E 160 31.52 -19.65 -17.95
CA GLN E 160 31.44 -20.94 -17.31
C GLN E 160 30.04 -21.19 -16.78
N GLU E 161 29.57 -22.44 -16.86
CA GLU E 161 28.18 -22.71 -16.56
C GLU E 161 27.82 -22.26 -15.16
N ALA E 162 26.58 -21.83 -14.99
CA ALA E 162 26.10 -21.36 -13.71
C ALA E 162 25.97 -22.51 -12.72
N ASP E 163 26.04 -22.16 -11.44
CA ASP E 163 26.06 -23.10 -10.34
C ASP E 163 24.75 -22.98 -9.56
N ILE E 164 24.04 -24.11 -9.44
CA ILE E 164 22.79 -24.15 -8.68
C ILE E 164 22.88 -25.16 -7.54
N SER E 165 24.10 -25.58 -7.19
CA SER E 165 24.27 -26.57 -6.14
C SER E 165 23.75 -26.06 -4.80
N GLY E 166 23.95 -24.77 -4.54
CA GLY E 166 23.50 -24.14 -3.32
C GLY E 166 22.16 -23.48 -3.40
N TYR E 167 21.42 -23.68 -4.49
CA TYR E 167 20.14 -23.01 -4.67
C TYR E 167 19.11 -23.54 -3.69
N ILE E 168 18.26 -22.64 -3.20
CA ILE E 168 17.21 -22.93 -2.24
C ILE E 168 15.87 -22.79 -2.95
N PRO E 169 15.05 -23.85 -3.05
CA PRO E 169 13.76 -23.70 -3.73
C PRO E 169 12.92 -22.60 -3.11
N ASN E 170 12.32 -21.78 -3.98
CA ASN E 170 11.50 -20.67 -3.50
C ASN E 170 10.20 -21.16 -2.89
N GLY E 171 9.56 -22.12 -3.55
CA GLY E 171 8.29 -22.65 -3.09
C GLY E 171 7.15 -22.23 -3.99
N GLU E 172 7.15 -20.97 -4.40
CA GLU E 172 6.18 -20.48 -5.37
C GLU E 172 6.66 -20.62 -6.80
N TRP E 173 7.96 -20.84 -7.00
CA TRP E 173 8.55 -20.99 -8.32
C TRP E 173 9.47 -22.20 -8.33
N ASP E 174 9.58 -22.84 -9.49
CA ASP E 174 10.41 -24.03 -9.68
C ASP E 174 11.47 -23.69 -10.72
N LEU E 175 12.73 -23.91 -10.38
CA LEU E 175 13.85 -23.50 -11.23
C LEU E 175 14.12 -24.59 -12.25
N VAL E 176 13.59 -24.42 -13.46
CA VAL E 176 13.83 -25.38 -14.52
C VAL E 176 15.29 -25.37 -14.92
N GLY E 177 15.87 -24.18 -15.08
CA GLY E 177 17.27 -24.09 -15.48
C GLY E 177 17.77 -22.68 -15.45
N ILE E 178 19.06 -22.53 -15.71
CA ILE E 178 19.70 -21.22 -15.78
C ILE E 178 20.83 -21.27 -16.81
N PRO E 179 20.53 -21.58 -18.07
CA PRO E 179 21.59 -21.70 -19.07
C PRO E 179 22.21 -20.35 -19.42
N GLY E 180 23.46 -20.41 -19.85
CA GLY E 180 24.21 -19.22 -20.19
C GLY E 180 24.57 -19.16 -21.66
N LYS E 181 24.77 -17.94 -22.15
CA LYS E 181 25.12 -17.72 -23.55
C LYS E 181 26.07 -16.54 -23.64
N ARG E 182 27.23 -16.74 -24.24
CA ARG E 182 28.20 -15.68 -24.45
C ARG E 182 28.05 -15.17 -25.87
N SER E 183 27.80 -13.87 -26.01
CA SER E 183 27.55 -13.27 -27.30
C SER E 183 28.42 -12.04 -27.49
N GLU E 184 28.84 -11.83 -28.74
CA GLU E 184 29.62 -10.66 -29.13
C GLU E 184 28.70 -9.71 -29.87
N ARG E 185 28.64 -8.46 -29.40
CA ARG E 185 27.72 -7.48 -29.96
C ARG E 185 28.45 -6.15 -30.20
N PHE E 186 27.91 -5.34 -31.11
CA PHE E 186 28.41 -3.96 -31.38
C PHE E 186 27.26 -3.02 -31.02
N TYR E 187 27.53 -1.75 -30.68
CA TYR E 187 26.50 -0.78 -30.21
C TYR E 187 26.60 0.47 -31.08
N GLU E 188 25.55 1.30 -31.26
CA GLU E 188 25.73 2.60 -31.96
C GLU E 188 26.44 3.56 -31.00
N CYS E 189 27.58 3.15 -30.43
CA CYS E 189 28.32 4.09 -29.61
C CYS E 189 29.82 4.06 -29.87
N CYS E 190 30.36 2.90 -30.25
CA CYS E 190 31.75 2.57 -30.05
C CYS E 190 32.24 1.64 -31.16
N LYS E 191 33.52 1.62 -31.50
CA LYS E 191 34.00 0.85 -32.69
C LYS E 191 34.41 -0.57 -32.30
N GLU E 192 34.48 -0.88 -31.01
CA GLU E 192 34.98 -2.19 -30.52
C GLU E 192 33.79 -3.08 -30.13
N PRO E 193 33.80 -4.41 -30.40
CA PRO E 193 32.76 -5.31 -29.89
C PRO E 193 32.87 -5.45 -28.38
N TYR E 194 31.71 -5.49 -27.73
CA TYR E 194 31.63 -5.62 -26.28
C TYR E 194 30.93 -6.92 -25.93
N PRO E 195 31.66 -7.98 -25.60
CA PRO E 195 31.01 -9.25 -25.30
C PRO E 195 30.18 -9.18 -24.03
N ASP E 196 29.18 -10.05 -23.99
CA ASP E 196 28.28 -10.16 -22.86
C ASP E 196 28.00 -11.62 -22.56
N VAL E 197 27.59 -11.88 -21.33
CA VAL E 197 27.18 -13.19 -20.88
C VAL E 197 25.76 -13.07 -20.36
N THR E 198 24.84 -13.79 -20.97
CA THR E 198 23.43 -13.70 -20.64
C THR E 198 23.02 -15.03 -20.03
N PHE E 199 22.58 -15.00 -18.78
CA PHE E 199 22.06 -16.17 -18.08
C PHE E 199 20.54 -16.07 -18.06
N THR E 200 19.88 -17.09 -18.57
CA THR E 200 18.43 -17.07 -18.77
C THR E 200 17.77 -17.94 -17.72
N VAL E 201 17.34 -17.30 -16.63
CA VAL E 201 16.64 -18.02 -15.56
C VAL E 201 15.30 -18.46 -16.11
N THR E 202 15.17 -19.77 -16.36
CA THR E 202 13.93 -20.35 -16.84
C THR E 202 13.26 -21.06 -15.66
N MET E 203 12.13 -20.53 -15.23
CA MET E 203 11.45 -21.06 -14.05
C MET E 203 9.97 -21.18 -14.30
N ARG E 204 9.38 -22.20 -13.69
CA ARG E 204 7.97 -22.54 -13.86
C ARG E 204 7.21 -22.26 -12.57
N ARG E 205 5.99 -21.76 -12.71
CA ARG E 205 5.18 -21.40 -11.57
C ARG E 205 4.52 -22.63 -10.96
N ARG E 206 4.34 -22.58 -9.65
CA ARG E 206 3.65 -23.64 -8.90
C ARG E 206 2.20 -23.23 -8.70
N THR E 207 1.29 -24.18 -8.89
CA THR E 207 -0.12 -23.88 -9.02
C THR E 207 -1.00 -24.48 -7.94
N LEU E 208 -0.44 -25.25 -7.00
CA LEU E 208 -1.26 -25.78 -5.93
C LEU E 208 -1.91 -24.65 -5.15
N TYR E 209 -1.11 -23.67 -4.73
CA TYR E 209 -1.65 -22.50 -4.04
C TYR E 209 -2.74 -21.84 -4.87
N TYR E 210 -2.46 -21.54 -6.14
CA TYR E 210 -3.46 -20.90 -6.96
C TYR E 210 -4.52 -21.90 -7.39
N GLY E 211 -4.24 -23.20 -7.27
CA GLY E 211 -5.24 -24.20 -7.61
C GLY E 211 -6.35 -24.27 -6.58
N LEU E 212 -6.02 -24.12 -5.30
CA LEU E 212 -7.05 -24.16 -4.26
C LEU E 212 -7.52 -22.79 -3.82
N ASN E 213 -6.70 -21.77 -3.93
CA ASN E 213 -7.14 -20.41 -3.61
C ASN E 213 -7.98 -19.79 -4.73
N LEU E 214 -7.54 -19.91 -5.98
CA LEU E 214 -8.13 -19.17 -7.09
C LEU E 214 -9.06 -20.01 -7.95
N LEU E 215 -8.61 -21.18 -8.41
CA LEU E 215 -9.37 -21.94 -9.39
C LEU E 215 -10.65 -22.52 -8.80
N ILE E 216 -10.62 -22.95 -7.54
CA ILE E 216 -11.85 -23.42 -6.89
C ILE E 216 -12.94 -22.35 -6.91
N PRO E 217 -12.68 -21.12 -6.46
CA PRO E 217 -13.70 -20.06 -6.63
C PRO E 217 -14.13 -19.89 -8.08
N CYS E 218 -13.21 -20.03 -9.03
CA CYS E 218 -13.55 -19.85 -10.43
C CYS E 218 -14.56 -20.88 -10.90
N VAL E 219 -14.34 -22.14 -10.53
CA VAL E 219 -15.26 -23.20 -10.91
C VAL E 219 -16.61 -22.97 -10.22
N LEU E 220 -16.59 -22.46 -8.99
CA LEU E 220 -17.83 -22.07 -8.33
C LEU E 220 -18.58 -21.03 -9.14
N ILE E 221 -17.87 -20.00 -9.60
CA ILE E 221 -18.51 -18.93 -10.37
C ILE E 221 -19.10 -19.50 -11.65
N SER E 222 -18.36 -20.38 -12.32
CA SER E 222 -18.86 -20.98 -13.56
C SER E 222 -20.13 -21.78 -13.30
N ALA E 223 -20.13 -22.57 -12.23
CA ALA E 223 -21.32 -23.36 -11.92
C ALA E 223 -22.51 -22.46 -11.57
N LEU E 224 -22.27 -21.38 -10.83
CA LEU E 224 -23.36 -20.46 -10.52
C LEU E 224 -23.90 -19.81 -11.79
N ALA E 225 -23.02 -19.46 -12.72
CA ALA E 225 -23.46 -18.87 -13.97
C ALA E 225 -24.31 -19.85 -14.77
N LEU E 226 -23.89 -21.13 -14.83
CA LEU E 226 -24.68 -22.19 -15.53
C LEU E 226 -26.02 -22.31 -14.82
N LEU E 227 -26.05 -22.26 -13.49
CA LEU E 227 -27.30 -22.31 -12.75
C LEU E 227 -28.21 -21.15 -13.14
N VAL E 228 -27.65 -19.95 -13.21
CA VAL E 228 -28.40 -18.76 -13.64
C VAL E 228 -29.03 -19.02 -15.00
N PHE E 229 -28.25 -19.58 -15.94
CA PHE E 229 -28.70 -19.82 -17.34
C PHE E 229 -29.74 -20.95 -17.39
N LEU E 230 -29.82 -21.76 -16.34
CA LEU E 230 -30.82 -22.88 -16.27
C LEU E 230 -32.18 -22.39 -15.73
N LEU E 231 -32.22 -21.37 -14.88
CA LEU E 231 -33.47 -20.89 -14.28
C LEU E 231 -34.33 -20.19 -15.33
N PRO E 232 -35.65 -20.37 -15.30
CA PRO E 232 -36.52 -19.70 -16.27
C PRO E 232 -36.68 -18.22 -15.94
N ALA E 233 -37.23 -17.46 -16.89
CA ALA E 233 -37.41 -15.99 -16.73
C ALA E 233 -38.31 -15.70 -15.53
N ASP E 234 -39.36 -16.50 -15.33
CA ASP E 234 -40.28 -16.30 -14.21
C ASP E 234 -39.67 -16.62 -12.85
N SER E 235 -38.48 -17.25 -12.83
CA SER E 235 -37.83 -17.54 -11.56
C SER E 235 -37.62 -16.26 -10.78
N GLY E 236 -37.95 -16.30 -9.48
CA GLY E 236 -37.85 -15.11 -8.66
C GLY E 236 -36.41 -14.65 -8.47
N GLU E 237 -35.50 -15.59 -8.25
CA GLU E 237 -34.14 -15.27 -7.88
C GLU E 237 -33.16 -15.40 -9.05
N LYS E 238 -33.65 -15.60 -10.28
CA LYS E 238 -32.76 -15.75 -11.48
C LYS E 238 -32.15 -14.40 -11.85
N ILE E 239 -32.82 -13.30 -11.51
CA ILE E 239 -32.33 -11.94 -11.87
C ILE E 239 -31.37 -11.55 -10.75
N SER E 240 -31.70 -11.86 -9.49
CA SER E 240 -30.85 -11.55 -8.36
C SER E 240 -29.55 -12.36 -8.39
N LEU E 241 -29.67 -13.65 -8.70
CA LEU E 241 -28.47 -14.48 -8.75
C LEU E 241 -27.55 -14.04 -9.87
N GLY E 242 -28.11 -13.70 -11.03
CA GLY E 242 -27.28 -13.19 -12.11
C GLY E 242 -26.52 -11.94 -11.70
N ILE E 243 -27.21 -11.00 -11.04
CA ILE E 243 -26.57 -9.76 -10.63
C ILE E 243 -25.46 -10.04 -9.61
N THR E 244 -25.75 -10.90 -8.63
CA THR E 244 -24.76 -11.18 -7.58
C THR E 244 -23.55 -11.89 -8.17
N VAL E 245 -23.78 -12.87 -9.05
CA VAL E 245 -22.68 -13.57 -9.70
C VAL E 245 -21.85 -12.60 -10.53
N LEU E 246 -22.52 -11.69 -11.23
CA LEU E 246 -21.80 -10.62 -11.94
C LEU E 246 -20.87 -9.85 -11.02
N LEU E 247 -21.37 -9.37 -9.90
CA LEU E 247 -20.53 -8.55 -9.06
C LEU E 247 -19.35 -9.36 -8.51
N SER E 248 -19.61 -10.60 -8.11
CA SER E 248 -18.52 -11.45 -7.61
C SER E 248 -17.47 -11.67 -8.70
N LEU E 249 -17.91 -11.98 -9.91
CA LEU E 249 -16.99 -12.23 -11.01
C LEU E 249 -16.13 -11.00 -11.25
N THR E 250 -16.76 -9.82 -11.23
CA THR E 250 -16.02 -8.57 -11.48
C THR E 250 -14.96 -8.37 -10.40
N VAL E 251 -15.36 -8.53 -9.14
CA VAL E 251 -14.40 -8.40 -8.04
C VAL E 251 -13.21 -9.32 -8.28
N PHE E 252 -13.49 -10.53 -8.73
CA PHE E 252 -12.44 -11.54 -8.84
C PHE E 252 -11.55 -11.27 -10.05
N MET E 253 -12.12 -10.66 -11.11
CA MET E 253 -11.32 -10.13 -12.21
C MET E 253 -10.38 -9.03 -11.74
N LEU E 254 -10.88 -8.11 -10.91
CA LEU E 254 -10.02 -7.10 -10.30
C LEU E 254 -8.92 -7.73 -9.45
N LEU E 255 -9.24 -8.82 -8.76
CA LEU E 255 -8.20 -9.53 -8.03
C LEU E 255 -7.10 -10.01 -8.98
N VAL E 256 -7.50 -10.60 -10.10
CA VAL E 256 -6.52 -11.05 -11.08
C VAL E 256 -5.68 -9.87 -11.57
N ALA E 257 -6.32 -8.73 -11.81
CA ALA E 257 -5.62 -7.57 -12.33
C ALA E 257 -4.66 -6.98 -11.30
N GLU E 258 -4.95 -7.17 -10.02
CA GLU E 258 -4.09 -6.63 -8.98
C GLU E 258 -2.67 -7.20 -9.08
N ILE E 259 -2.56 -8.49 -9.41
CA ILE E 259 -1.27 -9.17 -9.42
C ILE E 259 -0.67 -9.34 -10.81
N MET E 260 -1.33 -8.82 -11.85
CA MET E 260 -0.94 -8.96 -13.25
C MET E 260 -0.56 -7.62 -13.85
N PRO E 261 0.44 -7.58 -14.72
CA PRO E 261 0.84 -6.30 -15.32
C PRO E 261 -0.16 -5.80 -16.35
N ALA E 262 -0.03 -4.54 -16.70
CA ALA E 262 -0.90 -3.89 -17.67
C ALA E 262 -0.39 -4.00 -19.09
N THR E 263 0.65 -4.81 -19.30
CA THR E 263 1.18 -5.05 -20.63
C THR E 263 0.10 -5.57 -21.57
N SER E 264 0.07 -5.03 -22.79
CA SER E 264 -0.96 -5.34 -23.78
C SER E 264 -0.50 -6.35 -24.82
N ASP E 265 0.69 -6.94 -24.65
CA ASP E 265 1.18 -7.94 -25.58
C ASP E 265 0.40 -9.24 -25.51
N SER E 266 -0.39 -9.44 -24.46
CA SER E 266 -1.18 -10.66 -24.30
C SER E 266 -2.18 -10.41 -23.19
N VAL E 267 -3.14 -11.32 -23.06
CA VAL E 267 -4.18 -11.21 -22.04
C VAL E 267 -4.25 -12.52 -21.27
N PRO E 268 -4.35 -12.49 -19.94
CA PRO E 268 -4.55 -13.74 -19.20
C PRO E 268 -5.82 -14.44 -19.68
N LEU E 269 -5.68 -15.72 -20.02
CA LEU E 269 -6.85 -16.50 -20.42
C LEU E 269 -7.91 -16.55 -19.34
N ILE E 270 -7.49 -16.63 -18.07
CA ILE E 270 -8.47 -16.63 -17.02
C ILE E 270 -9.31 -15.36 -17.08
N ALA E 271 -8.65 -14.20 -17.25
CA ALA E 271 -9.37 -12.94 -17.33
C ALA E 271 -10.22 -12.85 -18.59
N GLN E 272 -9.74 -13.39 -19.71
CA GLN E 272 -10.53 -13.38 -20.92
C GLN E 272 -11.80 -14.20 -20.76
N TYR E 273 -11.69 -15.38 -20.15
CA TYR E 273 -12.86 -16.19 -19.86
C TYR E 273 -13.81 -15.45 -18.92
N PHE E 274 -13.24 -14.79 -17.92
CA PHE E 274 -14.04 -13.94 -17.04
C PHE E 274 -14.89 -12.98 -17.84
N ALA E 275 -14.23 -12.17 -18.67
CA ALA E 275 -14.95 -11.14 -19.41
C ALA E 275 -15.98 -11.75 -20.35
N SER E 276 -15.63 -12.87 -20.98
CA SER E 276 -16.58 -13.53 -21.88
C SER E 276 -17.83 -13.95 -21.13
N THR E 277 -17.69 -14.84 -20.16
CA THR E 277 -18.87 -15.28 -19.40
C THR E 277 -19.57 -14.10 -18.74
N MET E 278 -18.83 -13.02 -18.47
CA MET E 278 -19.40 -11.83 -17.85
C MET E 278 -20.39 -11.16 -18.80
N ILE E 279 -19.95 -10.91 -20.03
CA ILE E 279 -20.86 -10.31 -21.01
C ILE E 279 -22.01 -11.26 -21.29
N ILE E 280 -21.75 -12.56 -21.29
CA ILE E 280 -22.81 -13.53 -21.59
C ILE E 280 -23.90 -13.48 -20.52
N VAL E 281 -23.50 -13.54 -19.25
CA VAL E 281 -24.47 -13.54 -18.17
C VAL E 281 -25.17 -12.19 -18.06
N GLY E 282 -24.42 -11.09 -18.28
CA GLY E 282 -25.05 -9.78 -18.25
C GLY E 282 -26.06 -9.60 -19.36
N LEU E 283 -25.73 -10.07 -20.56
CA LEU E 283 -26.68 -10.05 -21.66
C LEU E 283 -27.92 -10.87 -21.34
N SER E 284 -27.73 -12.02 -20.67
CA SER E 284 -28.86 -12.91 -20.28
C SER E 284 -29.70 -12.22 -19.21
N VAL E 285 -29.09 -11.58 -18.22
CA VAL E 285 -29.84 -10.88 -17.14
C VAL E 285 -30.62 -9.75 -17.81
N VAL E 286 -29.98 -9.01 -18.71
CA VAL E 286 -30.62 -7.85 -19.42
C VAL E 286 -31.78 -8.38 -20.25
N VAL E 287 -31.59 -9.49 -20.96
CA VAL E 287 -32.66 -10.00 -21.87
C VAL E 287 -33.84 -10.42 -20.98
N THR E 288 -33.55 -11.07 -19.86
CA THR E 288 -34.65 -11.56 -19.01
C THR E 288 -35.39 -10.33 -18.51
N VAL E 289 -34.69 -9.28 -18.11
CA VAL E 289 -35.31 -8.04 -17.56
C VAL E 289 -36.18 -7.36 -18.64
N ILE E 290 -35.71 -7.24 -19.89
CA ILE E 290 -36.51 -6.59 -20.97
C ILE E 290 -37.74 -7.46 -21.25
N VAL E 291 -37.62 -8.79 -21.20
CA VAL E 291 -38.76 -9.72 -21.45
C VAL E 291 -39.76 -9.57 -20.30
N LEU E 292 -39.29 -9.34 -19.06
CA LEU E 292 -40.17 -9.37 -17.87
C LEU E 292 -40.91 -8.05 -17.66
N GLN E 293 -40.45 -6.91 -18.20
CA GLN E 293 -41.11 -5.62 -17.96
C GLN E 293 -41.70 -4.95 -19.20
N TYR E 294 -41.22 -5.26 -20.40
CA TYR E 294 -41.77 -4.68 -21.62
C TYR E 294 -42.73 -5.62 -22.34
N HIS E 295 -42.43 -6.92 -22.36
CA HIS E 295 -43.28 -7.90 -23.02
C HIS E 295 -44.41 -8.40 -22.13
N HIS E 296 -44.40 -8.05 -20.83
CA HIS E 296 -45.35 -8.66 -19.90
C HIS E 296 -46.79 -8.33 -20.26
N HIS E 297 -47.07 -7.05 -20.55
CA HIS E 297 -48.45 -6.62 -20.70
C HIS E 297 -49.13 -7.29 -21.89
N ASP E 298 -48.43 -7.38 -23.02
CA ASP E 298 -49.02 -7.88 -24.25
C ASP E 298 -48.45 -9.25 -24.59
N PRO E 299 -49.29 -10.22 -24.97
CA PRO E 299 -48.74 -11.52 -25.41
C PRO E 299 -47.89 -11.41 -26.66
N ASP E 300 -48.07 -10.36 -27.47
CA ASP E 300 -47.25 -10.10 -28.64
C ASP E 300 -46.72 -8.67 -28.59
N GLY E 301 -46.21 -8.25 -27.43
CA GLY E 301 -45.67 -6.92 -27.26
C GLY E 301 -44.24 -6.80 -27.73
N GLY E 302 -43.42 -7.79 -27.36
CA GLY E 302 -42.07 -7.87 -27.86
C GLY E 302 -41.95 -8.36 -29.28
N LYS E 303 -43.04 -8.91 -29.82
CA LYS E 303 -43.10 -9.35 -31.21
C LYS E 303 -43.49 -8.23 -32.16
N MET E 304 -43.87 -7.05 -31.69
CA MET E 304 -44.13 -5.98 -32.65
C MET E 304 -42.97 -5.61 -33.53
N PRO E 305 -41.77 -5.35 -33.03
CA PRO E 305 -40.67 -5.06 -33.96
C PRO E 305 -40.53 -6.19 -34.96
N LYS E 306 -40.48 -5.82 -36.24
CA LYS E 306 -40.42 -6.82 -37.30
C LYS E 306 -39.20 -7.73 -37.12
N TRP E 307 -38.05 -7.12 -36.86
CA TRP E 307 -36.78 -7.85 -36.85
C TRP E 307 -36.70 -8.83 -35.68
N THR E 308 -37.02 -8.36 -34.47
CA THR E 308 -36.92 -9.21 -33.28
C THR E 308 -37.76 -10.47 -33.46
N ARG E 309 -39.01 -10.28 -33.90
CA ARG E 309 -39.95 -11.38 -34.04
C ARG E 309 -39.49 -12.38 -35.09
N VAL E 310 -39.19 -11.90 -36.30
CA VAL E 310 -38.86 -12.85 -37.36
C VAL E 310 -37.62 -13.63 -36.96
N ILE E 311 -36.61 -12.94 -36.42
CA ILE E 311 -35.41 -13.64 -35.96
C ILE E 311 -35.82 -14.82 -35.08
N LEU E 312 -36.47 -14.52 -33.95
CA LEU E 312 -36.73 -15.59 -32.99
C LEU E 312 -37.57 -16.70 -33.63
N LEU E 313 -38.67 -16.32 -34.29
CA LEU E 313 -39.64 -17.33 -34.74
C LEU E 313 -39.06 -18.24 -35.80
N ASN E 314 -38.52 -17.66 -36.89
CA ASN E 314 -38.03 -18.51 -37.97
C ASN E 314 -36.78 -19.27 -37.55
N TRP E 315 -35.90 -18.65 -36.76
CA TRP E 315 -34.73 -19.38 -36.30
C TRP E 315 -35.11 -20.54 -35.39
N CYS E 316 -36.14 -20.37 -34.56
CA CYS E 316 -36.60 -21.47 -33.72
C CYS E 316 -37.22 -22.57 -34.56
N ALA E 317 -38.01 -22.20 -35.58
CA ALA E 317 -38.58 -23.23 -36.45
C ALA E 317 -37.48 -24.04 -37.14
N TRP E 318 -36.42 -23.36 -37.60
CA TRP E 318 -35.30 -24.07 -38.21
C TRP E 318 -34.56 -24.93 -37.19
N PHE E 319 -34.39 -24.42 -35.98
CA PHE E 319 -33.59 -25.08 -34.95
C PHE E 319 -34.31 -26.23 -34.26
N LEU E 320 -35.63 -26.33 -34.42
CA LEU E 320 -36.40 -27.40 -33.80
C LEU E 320 -37.20 -28.17 -34.85
N ILE E 488 -81.35 -12.19 -6.60
CA ILE E 488 -80.23 -12.89 -5.98
C ILE E 488 -79.36 -13.50 -7.07
N LEU E 489 -80.01 -14.04 -8.11
CA LEU E 489 -79.26 -14.72 -9.17
C LEU E 489 -78.34 -13.74 -9.91
N GLU E 490 -78.82 -12.53 -10.20
CA GLU E 490 -78.00 -11.55 -10.91
C GLU E 490 -76.81 -11.10 -10.07
N GLU E 491 -76.99 -11.01 -8.76
CA GLU E 491 -75.90 -10.67 -7.86
C GLU E 491 -74.76 -11.67 -7.97
N VAL E 492 -75.10 -12.96 -7.83
CA VAL E 492 -74.11 -14.01 -7.98
C VAL E 492 -73.54 -13.99 -9.39
N ARG E 493 -74.36 -13.63 -10.38
CA ARG E 493 -73.84 -13.49 -11.74
C ARG E 493 -72.69 -12.51 -11.78
N TYR E 494 -72.90 -11.31 -11.25
CA TYR E 494 -71.85 -10.29 -11.30
C TYR E 494 -70.60 -10.76 -10.56
N ILE E 495 -70.76 -11.23 -9.33
CA ILE E 495 -69.58 -11.55 -8.53
C ILE E 495 -68.85 -12.75 -9.12
N ALA E 496 -69.58 -13.76 -9.59
CA ALA E 496 -68.95 -14.92 -10.20
C ALA E 496 -68.23 -14.54 -11.48
N ASN E 497 -68.81 -13.63 -12.28
CA ASN E 497 -68.15 -13.20 -13.49
C ASN E 497 -66.84 -12.50 -13.19
N ARG E 498 -66.84 -11.62 -12.18
CA ARG E 498 -65.60 -10.93 -11.84
C ARG E 498 -64.55 -11.89 -11.28
N PHE E 499 -64.99 -12.89 -10.51
CA PHE E 499 -64.05 -13.89 -10.02
C PHE E 499 -63.48 -14.73 -11.16
N ARG E 500 -64.30 -15.05 -12.15
CA ARG E 500 -63.82 -15.75 -13.33
C ARG E 500 -62.80 -14.90 -14.07
N CYS E 501 -63.04 -13.59 -14.15
CA CYS E 501 -62.06 -12.69 -14.76
C CYS E 501 -60.74 -12.71 -14.01
N GLN E 502 -60.81 -12.72 -12.67
CA GLN E 502 -59.60 -12.85 -11.87
C GLN E 502 -58.84 -14.13 -12.22
N ASP E 503 -59.57 -15.25 -12.22
CA ASP E 503 -58.94 -16.53 -12.57
C ASP E 503 -58.28 -16.46 -13.94
N GLU E 504 -58.96 -15.85 -14.91
CA GLU E 504 -58.38 -15.70 -16.24
C GLU E 504 -57.09 -14.88 -16.19
N SER E 505 -57.10 -13.78 -15.44
CA SER E 505 -55.95 -12.89 -15.40
C SER E 505 -54.77 -13.47 -14.63
N GLU E 506 -54.98 -14.55 -13.87
CA GLU E 506 -53.94 -15.03 -12.96
C GLU E 506 -53.11 -16.19 -13.48
N ALA E 507 -53.49 -16.84 -14.59
CA ALA E 507 -52.91 -18.14 -14.95
C ALA E 507 -52.57 -18.22 -16.44
N VAL E 508 -51.81 -17.25 -16.95
CA VAL E 508 -51.45 -17.22 -18.36
C VAL E 508 -49.96 -16.96 -18.53
N CYS E 509 -49.34 -17.69 -19.47
CA CYS E 509 -48.02 -17.38 -19.99
C CYS E 509 -48.13 -17.38 -21.52
N SER E 510 -47.20 -16.67 -22.16
CA SER E 510 -47.29 -16.43 -23.60
C SER E 510 -45.92 -16.67 -24.23
N GLU E 511 -45.79 -16.25 -25.49
CA GLU E 511 -44.58 -16.48 -26.25
C GLU E 511 -43.35 -15.83 -25.64
N TRP E 512 -43.51 -14.98 -24.63
CA TRP E 512 -42.35 -14.37 -24.00
C TRP E 512 -41.62 -15.33 -23.08
N LYS E 513 -42.34 -16.20 -22.36
CA LYS E 513 -41.66 -17.21 -21.56
C LYS E 513 -40.85 -18.13 -22.46
N PHE E 514 -41.46 -18.57 -23.56
CA PHE E 514 -40.77 -19.43 -24.51
C PHE E 514 -39.59 -18.71 -25.16
N ALA E 515 -39.76 -17.43 -25.51
CA ALA E 515 -38.68 -16.68 -26.12
C ALA E 515 -37.52 -16.50 -25.16
N ALA E 516 -37.80 -16.17 -23.89
CA ALA E 516 -36.73 -15.99 -22.90
C ALA E 516 -36.05 -17.34 -22.66
N CYS E 517 -36.79 -18.46 -22.66
CA CYS E 517 -36.19 -19.78 -22.55
C CYS E 517 -35.27 -20.07 -23.73
N VAL E 518 -35.72 -19.71 -24.93
CA VAL E 518 -34.90 -19.93 -26.12
C VAL E 518 -33.62 -19.10 -26.05
N VAL E 519 -33.80 -17.79 -25.77
CA VAL E 519 -32.69 -16.81 -25.75
C VAL E 519 -31.72 -17.22 -24.65
N ASP E 520 -32.23 -17.48 -23.44
CA ASP E 520 -31.40 -17.87 -22.28
C ASP E 520 -30.75 -19.21 -22.59
N ARG E 521 -31.44 -20.14 -23.26
CA ARG E 521 -30.84 -21.44 -23.68
C ARG E 521 -29.68 -21.13 -24.63
N LEU E 522 -29.87 -20.19 -25.56
CA LEU E 522 -28.80 -19.80 -26.53
C LEU E 522 -27.64 -19.18 -25.75
N CYS E 523 -27.91 -18.40 -24.71
CA CYS E 523 -26.86 -17.77 -23.86
C CYS E 523 -26.09 -18.89 -23.17
N LEU E 524 -26.80 -19.92 -22.67
CA LEU E 524 -26.17 -21.07 -21.99
C LEU E 524 -25.28 -21.77 -23.02
N MET E 525 -25.74 -21.92 -24.25
CA MET E 525 -24.98 -22.61 -25.33
C MET E 525 -23.71 -21.81 -25.62
N ALA E 526 -23.80 -20.48 -25.70
CA ALA E 526 -22.64 -19.61 -25.98
C ALA E 526 -21.65 -19.76 -24.83
N PHE E 527 -22.16 -19.77 -23.59
CA PHE E 527 -21.31 -19.89 -22.38
C PHE E 527 -20.61 -21.25 -22.42
N SER E 528 -21.28 -22.31 -22.82
CA SER E 528 -20.74 -23.70 -22.91
C SER E 528 -19.68 -23.79 -24.00
N VAL E 529 -19.87 -23.09 -25.12
CA VAL E 529 -18.89 -23.10 -26.24
C VAL E 529 -17.59 -22.49 -25.72
N PHE E 530 -17.67 -21.48 -24.84
CA PHE E 530 -16.50 -20.79 -24.33
C PHE E 530 -15.82 -21.60 -23.22
N THR E 531 -16.60 -22.20 -22.33
CA THR E 531 -16.03 -22.98 -21.25
C THR E 531 -15.22 -24.15 -21.79
N ILE E 532 -15.81 -24.93 -22.70
CA ILE E 532 -15.12 -26.08 -23.27
C ILE E 532 -13.87 -25.63 -24.00
N ILE E 533 -13.98 -24.60 -24.84
CA ILE E 533 -12.86 -24.18 -25.66
C ILE E 533 -11.71 -23.70 -24.78
N CYS E 534 -12.01 -22.88 -23.77
CA CYS E 534 -10.96 -22.37 -22.90
C CYS E 534 -10.36 -23.46 -22.04
N THR E 535 -11.18 -24.39 -21.54
CA THR E 535 -10.65 -25.46 -20.70
C THR E 535 -9.70 -26.35 -21.49
N ILE E 536 -10.11 -26.74 -22.70
CA ILE E 536 -9.23 -27.59 -23.50
C ILE E 536 -7.98 -26.82 -23.92
N GLY E 537 -8.14 -25.54 -24.28
CA GLY E 537 -6.98 -24.76 -24.68
C GLY E 537 -5.96 -24.62 -23.58
N ILE E 538 -6.42 -24.31 -22.36
CA ILE E 538 -5.51 -24.22 -21.23
C ILE E 538 -4.90 -25.59 -20.94
N LEU E 539 -5.68 -26.66 -21.15
CA LEU E 539 -5.12 -28.00 -21.03
C LEU E 539 -3.97 -28.19 -22.03
N MET E 540 -4.20 -27.82 -23.29
CA MET E 540 -3.18 -27.98 -24.33
C MET E 540 -2.43 -26.66 -24.55
N SER E 541 -1.69 -26.28 -23.51
CA SER E 541 -0.86 -25.08 -23.54
C SER E 541 0.61 -25.49 -23.69
N ALA E 542 1.40 -24.57 -24.25
CA ALA E 542 2.84 -24.81 -24.33
C ALA E 542 3.43 -25.17 -22.97
N PRO E 543 3.11 -24.47 -21.88
CA PRO E 543 3.43 -25.01 -20.55
C PRO E 543 2.41 -26.07 -20.14
N ASN E 544 2.64 -27.32 -20.56
CA ASN E 544 1.68 -28.39 -20.40
C ASN E 544 0.99 -28.34 -19.04
N PHE E 545 -0.34 -28.35 -19.07
CA PHE E 545 -1.15 -28.28 -17.86
C PHE E 545 -1.42 -29.66 -17.27
N VAL E 546 -1.64 -30.66 -18.12
CA VAL E 546 -1.95 -32.00 -17.63
C VAL E 546 -0.77 -32.56 -16.83
N GLU E 547 0.44 -32.43 -17.38
CA GLU E 547 1.62 -32.92 -16.66
C GLU E 547 1.85 -32.11 -15.39
N ALA E 548 1.63 -30.80 -15.44
CA ALA E 548 1.83 -29.97 -14.27
C ALA E 548 0.89 -30.37 -13.14
N VAL E 549 -0.39 -30.60 -13.45
CA VAL E 549 -1.33 -31.02 -12.41
C VAL E 549 -0.99 -32.42 -11.92
N SER E 550 -0.56 -33.30 -12.83
CA SER E 550 -0.09 -34.62 -12.40
C SER E 550 1.02 -34.48 -11.38
N LYS E 551 1.92 -33.52 -11.58
CA LYS E 551 3.00 -33.31 -10.62
C LYS E 551 2.49 -32.74 -9.31
N ASP E 552 1.64 -31.70 -9.39
CA ASP E 552 1.19 -30.98 -8.20
C ASP E 552 -0.04 -31.59 -7.55
N PHE E 553 -0.66 -32.58 -8.16
CA PHE E 553 -1.84 -33.22 -7.60
C PHE E 553 -1.74 -34.74 -7.69
C1 NAG F . 40.16 8.87 -31.01
C2 NAG F . 40.73 8.55 -32.38
C3 NAG F . 40.26 9.59 -33.40
C4 NAG F . 38.74 9.67 -33.39
C5 NAG F . 38.22 9.88 -31.97
C6 NAG F . 36.71 9.76 -31.90
C7 NAG F . 42.86 7.37 -32.68
C8 NAG F . 44.35 7.49 -32.62
N2 NAG F . 42.18 8.49 -32.37
O3 NAG F . 40.72 9.23 -34.68
O4 NAG F . 38.33 10.77 -34.19
O5 NAG F . 38.75 8.90 -31.07
O6 NAG F . 36.32 8.45 -31.52
O7 NAG F . 42.30 6.34 -33.02
H2 NAG F . 40.38 7.69 -32.67
H3 NAG F . 40.63 10.45 -33.15
H4 NAG F . 38.37 8.84 -33.74
H5 NAG F . 38.48 10.76 -31.67
H61 NAG F . 36.33 9.97 -32.77
H62 NAG F . 36.37 10.40 -31.24
H81 NAG F . 44.74 6.64 -32.91
H82 NAG F . 44.62 7.68 -31.70
H83 NAG F . 44.64 8.20 -33.22
HN2 NAG F . 42.65 9.23 -32.14
HO3 NAG F . 40.06 9.31 -35.27
HO6 NAG F . 37.03 8.01 -31.22
C1 NAG F . 37.48 10.28 -35.25
C2 NAG F . 36.79 11.47 -35.88
C3 NAG F . 35.91 11.02 -37.06
C4 NAG F . 36.73 10.19 -38.03
C5 NAG F . 37.42 9.05 -37.31
C6 NAG F . 38.35 8.25 -38.19
C7 NAG F . 36.45 13.31 -34.30
C8 NAG F . 35.50 13.93 -33.32
N2 NAG F . 36.00 12.21 -34.92
O3 NAG F . 35.38 12.16 -37.71
O4 NAG F . 35.87 9.66 -39.05
O5 NAG F . 38.23 9.57 -36.23
O6 NAG F . 39.37 9.08 -38.75
O7 NAG F . 37.55 13.78 -34.53
H2 NAG F . 37.49 12.07 -36.24
H3 NAG F . 35.19 10.49 -36.70
H4 NAG F . 37.40 10.76 -38.45
H5 NAG F . 36.74 8.45 -36.93
H61 NAG F . 37.82 7.86 -38.92
H62 NAG F . 38.76 7.54 -37.67
H81 NAG F . 35.94 14.70 -32.89
H82 NAG F . 35.26 13.28 -32.64
H83 NAG F . 34.70 14.23 -33.78
HN2 NAG F . 35.17 11.89 -34.71
HO3 NAG F . 34.81 12.57 -37.17
HO4 NAG F . 35.45 10.32 -39.44
HO6 NAG F . 39.49 9.78 -38.21
C1 NAG G . 32.60 38.76 -9.38
C2 NAG G . 32.78 40.01 -10.22
C3 NAG G . 32.23 41.22 -9.47
C4 NAG G . 30.78 40.97 -9.10
C5 NAG G . 30.62 39.65 -8.35
C6 NAG G . 29.18 39.27 -8.14
C7 NAG G . 34.61 40.26 -11.82
C8 NAG G . 36.08 40.50 -12.00
N2 NAG G . 34.17 40.23 -10.56
O3 NAG G . 32.32 42.37 -10.30
O4 NAG G . 30.32 42.02 -8.24
O5 NAG G . 31.21 38.57 -9.09
O6 NAG G . 28.72 38.39 -9.17
O7 NAG G . 33.86 40.10 -12.78
H2 NAG G . 32.27 39.90 -11.03
H3 NAG G . 32.75 41.36 -8.66
H4 NAG G . 30.23 40.95 -9.90
H5 NAG G . 31.06 39.72 -7.49
H61 NAG G . 28.64 40.08 -8.14
H62 NAG G . 29.08 38.83 -7.28
H81 NAG G . 36.28 40.54 -12.95
H82 NAG G . 36.58 39.78 -11.58
H83 NAG G . 36.31 41.34 -11.57
HN2 NAG G . 34.77 40.36 -9.89
HO3 NAG G . 31.56 42.81 -10.28
HO6 NAG G . 29.42 38.09 -9.61
C1 NAG G . 29.20 42.67 -8.85
C2 NAG G . 28.54 43.55 -7.81
C3 NAG G . 27.36 44.31 -8.42
C4 NAG G . 27.82 45.07 -9.66
C5 NAG G . 28.51 44.12 -10.63
C6 NAG G . 29.09 44.84 -11.83
C7 NAG G . 28.82 42.67 -5.54
C8 NAG G . 28.22 41.82 -4.47
N2 NAG G . 28.10 42.77 -6.67
O3 NAG G . 26.84 45.22 -7.45
O4 NAG G . 26.69 45.67 -10.30
O5 NAG G . 29.60 43.46 -9.98
O6 NAG G . 30.05 45.81 -11.44
O7 NAG G . 29.89 43.24 -5.39
H2 NAG G . 29.19 44.20 -7.51
H3 NAG G . 26.67 43.67 -8.66
H4 NAG G . 28.44 45.77 -9.39
H5 NAG G . 27.86 43.45 -10.93
H61 NAG G . 28.36 45.27 -12.31
H62 NAG G . 29.51 44.18 -12.41
H81 NAG G . 28.82 41.76 -3.71
H82 NAG G . 28.06 40.91 -4.81
H83 NAG G . 27.37 42.20 -4.17
HN2 NAG G . 27.31 42.32 -6.73
HO3 NAG G . 26.47 44.76 -6.78
HO4 NAG G . 26.27 46.20 -9.72
HO6 NAG G . 30.38 45.58 -10.65
C1 NAG H . 34.19 27.80 26.62
C2 NAG H . 34.33 29.04 27.49
C3 NAG H . 34.12 28.68 28.95
C4 NAG H . 32.77 27.98 29.13
C5 NAG H . 32.63 26.82 28.16
C6 NAG H . 31.24 26.23 28.16
C7 NAG H . 35.75 30.93 26.85
C8 NAG H . 37.16 31.43 26.73
N2 NAG H . 35.62 29.68 27.30
O3 NAG H . 34.17 29.86 29.74
O4 NAG H . 32.68 27.48 30.45
O5 NAG H . 32.90 27.23 26.81
O6 NAG H . 30.44 26.80 27.12
O7 NAG H . 34.78 31.62 26.56
H2 NAG H . 33.62 29.67 27.23
H3 NAG H . 34.83 28.07 29.23
H4 NAG H . 32.06 28.63 28.96
H5 NAG H . 33.27 26.12 28.41
H61 NAG H . 30.82 26.42 29.01
H62 NAG H . 31.29 25.27 28.04
H81 NAG H . 37.14 32.36 26.43
H82 NAG H . 37.64 30.88 26.09
H83 NAG H . 37.59 31.38 27.60
HN2 NAG H . 36.37 29.21 27.51
HO3 NAG H . 33.49 29.84 30.31
HO6 NAG H . 30.98 27.23 26.56
C1 NAG H . 31.53 28.08 31.09
C2 NAG H . 31.25 27.31 32.37
C3 NAG H . 30.07 27.92 33.12
C4 NAG H . 30.32 29.40 33.35
C5 NAG H . 30.63 30.10 32.03
C6 NAG H . 31.00 31.55 32.20
C7 NAG H . 31.92 24.95 32.20
C8 NAG H . 31.49 23.55 31.86
N2 NAG H . 31.00 25.90 32.08
O3 NAG H . 29.91 27.26 34.36
O4 NAG H . 29.16 30.00 33.92
O5 NAG H . 31.75 29.46 31.40
O6 NAG H . 32.15 31.69 33.03
O7 NAG H . 33.07 25.21 32.56
H2 NAG H . 32.04 27.37 32.94
H3 NAG H . 29.26 27.80 32.58
H4 NAG H . 31.07 29.52 33.95
H5 NAG H . 29.86 30.03 31.44
H61 NAG H . 30.26 32.02 32.59
H62 NAG H . 31.19 31.93 31.32
H81 NAG H . 32.26 22.95 31.93
H82 NAG H . 31.15 23.55 30.95
H83 NAG H . 30.80 23.28 32.48
HN2 NAG H . 30.17 25.66 31.81
HO3 NAG H . 29.65 26.41 34.22
HO4 NAG H . 28.96 29.58 34.68
HO6 NAG H . 32.62 30.95 33.01
C1 NAG I . 42.78 -8.88 27.27
C2 NAG I . 43.28 -9.23 28.67
C3 NAG I . 43.37 -10.73 28.82
C4 NAG I . 42.03 -11.38 28.50
C5 NAG I . 41.52 -10.91 27.14
C6 NAG I . 40.10 -11.36 26.88
C7 NAG I . 44.75 -7.74 29.94
C8 NAG I . 46.13 -7.20 30.09
N2 NAG I . 44.56 -8.61 28.94
O3 NAG I . 43.75 -11.05 30.15
O4 NAG I . 42.19 -12.80 28.46
O5 NAG I . 41.51 -9.48 27.06
O6 NAG I . 39.16 -10.36 27.24
O7 NAG I . 43.83 -7.40 30.68
H2 NAG I . 42.62 -8.90 29.31
H3 NAG I . 44.04 -11.07 28.20
H4 NAG I . 41.38 -11.14 29.18
H5 NAG I . 42.10 -11.27 26.44
H61 NAG I . 39.92 -12.17 27.41
H62 NAG I . 40.00 -11.57 25.93
H81 NAG I . 46.16 -6.61 30.87
H82 NAG I . 46.38 -6.71 29.29
H83 NAG I . 46.74 -7.95 30.22
HN2 NAG I . 45.27 -8.83 28.42
HO3 NAG I . 43.24 -11.70 30.45
HO6 NAG I . 39.60 -9.59 27.36
C1 NAG I . 41.30 -13.38 29.44
C2 NAG I . 41.23 -14.87 29.17
C3 NAG I . 40.36 -15.56 30.21
C4 NAG I . 40.83 -15.22 31.61
C5 NAG I . 40.92 -13.71 31.79
C6 NAG I . 41.51 -13.31 33.11
C7 NAG I . 41.54 -15.40 26.79
C8 NAG I . 40.87 -15.65 25.48
N2 NAG I . 40.74 -15.14 27.83
O3 NAG I . 40.41 -16.97 30.01
O4 NAG I . 39.92 -15.76 32.57
O5 NAG I . 41.77 -13.15 30.77
O6 NAG I . 42.82 -13.81 33.28
O7 NAG I . 42.77 -15.45 26.92
H2 NAG I . 42.14 -15.24 29.24
H3 NAG I . 39.43 -15.25 30.09
H4 NAG I . 41.72 -15.61 31.75
H5 NAG I . 40.02 -13.33 31.69
H61 NAG I . 40.93 -13.64 33.82
H62 NAG I . 41.53 -12.33 33.16
H81 NAG I . 41.54 -15.78 24.78
H82 NAG I . 40.31 -14.87 25.25
H83 NAG I . 40.31 -16.44 25.55
HN2 NAG I . 39.85 -15.11 27.68
HO3 NAG I . 40.01 -17.17 29.23
HO4 NAG I . 39.85 -16.63 32.45
HO6 NAG I . 43.18 -13.96 32.47
C1 NAG J . 46.45 -20.63 -8.35
C2 NAG J . 47.22 -21.95 -8.34
C3 NAG J . 47.15 -22.60 -9.71
C4 NAG J . 45.70 -22.76 -10.14
C5 NAG J . 44.94 -21.44 -10.03
C6 NAG J . 43.46 -21.60 -10.25
C7 NAG J . 49.12 -22.36 -6.86
C8 NAG J . 50.56 -22.07 -6.58
N2 NAG J . 48.60 -21.77 -7.94
O3 NAG J . 47.79 -23.87 -9.68
O4 NAG J . 45.66 -23.19 -11.50
O5 NAG J . 45.10 -20.87 -8.72
O6 NAG J . 42.78 -21.75 -9.01
O7 NAG J . 48.45 -23.09 -6.13
H2 NAG J . 46.77 -22.55 -7.71
H3 NAG J . 47.60 -22.02 -10.36
H4 NAG J . 45.27 -23.42 -9.58
H5 NAG J . 45.30 -20.82 -10.70
H61 NAG J . 43.30 -22.39 -10.80
H62 NAG J . 43.12 -20.81 -10.71
H81 NAG J . 50.85 -22.57 -5.80
H82 NAG J . 50.68 -21.12 -6.42
H83 NAG J . 51.09 -22.34 -7.37
HN2 NAG J . 49.14 -21.24 -8.45
HO3 NAG J . 47.28 -24.47 -10.09
HO6 NAG J . 43.32 -21.52 -8.35
C1 NAG J . 44.96 -24.44 -11.57
C2 NAG J . 44.64 -24.72 -13.04
C3 NAG J . 43.94 -26.06 -13.18
C4 NAG J . 44.78 -27.17 -12.53
C5 NAG J . 45.09 -26.79 -11.08
C6 NAG J . 46.02 -27.77 -10.41
C7 NAG J . 44.31 -22.66 -14.32
C8 NAG J . 43.33 -21.65 -14.82
N2 NAG J . 43.82 -23.66 -13.60
O3 NAG J . 43.76 -26.36 -14.56
O4 NAG J . 44.05 -28.40 -12.54
O5 NAG J . 45.75 -25.51 -11.04
O6 NAG J . 47.26 -27.86 -11.10
O7 NAG J . 45.51 -22.57 -14.57
H2 NAG J . 45.48 -24.75 -13.53
H3 NAG J . 43.07 -26.02 -12.74
H4 NAG J . 45.61 -27.27 -13.02
H5 NAG J . 44.25 -26.73 -10.57
H61 NAG J . 45.59 -28.65 -10.38
H62 NAG J . 46.19 -27.47 -9.49
H81 NAG J . 43.79 -20.94 -15.29
H82 NAG J . 42.84 -21.27 -14.06
H83 NAG J . 42.70 -22.08 -15.42
HN2 NAG J . 42.92 -23.68 -13.44
HO3 NAG J . 43.18 -25.78 -14.91
HO4 NAG J . 43.84 -28.60 -13.38
HO6 NAG J . 47.40 -27.11 -11.55
C1 NAG K . 55.97 8.56 -32.35
C2 NAG K . 56.50 9.67 -33.27
C3 NAG K . 57.61 9.14 -34.18
C4 NAG K . 58.66 8.37 -33.39
C5 NAG K . 57.99 7.30 -32.56
C6 NAG K . 58.95 6.53 -31.69
C7 NAG K . 54.90 11.45 -33.85
C8 NAG K . 53.79 11.85 -34.78
N2 NAG K . 55.43 10.23 -34.07
O3 NAG K . 58.23 10.23 -34.86
O4 NAG K . 59.58 7.73 -34.28
O5 NAG K . 57.05 7.92 -31.68
O6 NAG K . 59.50 7.36 -30.68
O7 NAG K . 55.30 12.18 -32.96
H2 NAG K . 56.88 10.38 -32.72
H3 NAG K . 57.21 8.55 -34.85
H4 NAG K . 59.14 8.99 -32.82
H5 NAG K . 57.51 6.68 -33.14
H61 NAG K . 59.67 6.18 -32.24
H62 NAG K . 58.47 5.79 -31.27
H81 NAG K . 52.98 12.01 -34.25
H82 NAG K . 54.04 12.66 -35.25
H83 NAG K . 53.62 11.13 -35.41
HN2 NAG K . 55.09 9.74 -34.75
HO3 NAG K . 57.65 10.59 -35.42
HO4 NAG K . 60.07 8.34 -34.70
HO6 NAG K . 58.90 7.97 -30.43
C1 NAG L . 42.69 31.91 -27.69
C2 NAG L . 43.70 32.20 -28.80
C3 NAG L . 43.78 33.69 -29.08
C4 NAG L . 42.39 34.25 -29.37
C5 NAG L . 41.44 33.88 -28.25
C6 NAG L . 40.01 34.30 -28.52
C7 NAG L . 45.68 32.04 -27.36
C8 NAG L . 47.02 31.39 -27.16
N2 NAG L . 45.00 31.67 -28.46
O3 NAG L . 44.64 33.91 -30.20
O4 NAG L . 42.45 35.66 -29.50
O5 NAG L . 41.42 32.46 -28.05
O6 NAG L . 39.41 33.46 -29.50
O7 NAG L . 45.22 32.85 -26.56
H2 NAG L . 43.38 31.75 -29.61
H3 NAG L . 44.14 34.14 -28.30
H4 NAG L . 42.06 33.86 -30.20
H5 NAG L . 41.75 34.31 -27.42
H61 NAG L . 40.01 35.22 -28.84
H62 NAG L . 39.50 34.25 -27.69
H81 NAG L . 47.43 31.74 -26.36
H82 NAG L . 47.59 31.59 -27.93
H83 NAG L . 46.90 30.42 -27.08
HN2 NAG L . 45.39 31.06 -29.02
HO3 NAG L . 45.47 33.70 -29.97
HO4 NAG L . 43.00 35.88 -30.15
HO6 NAG L . 39.23 32.68 -29.14
C1 EPJ M . 22.63 27.24 -12.44
C2 EPJ M . 22.37 28.04 -13.75
C3 EPJ M . 21.69 26.99 -14.64
C4 EPJ M . 20.36 26.58 -14.02
C5 EPJ M . 20.80 25.58 -12.91
C6 EPJ M . 22.31 25.78 -12.91
N1 EPJ M . 22.57 25.84 -14.36
C7 EPJ M . 23.97 27.39 -11.75
C8 EPJ M . 24.89 28.39 -12.07
C9 EPJ M . 26.09 28.47 -11.39
C10 EPJ M . 26.32 27.56 -10.40
CL EPJ M . 27.81 27.62 -9.52
N2 EPJ M . 25.49 26.60 -10.07
C11 EPJ M . 24.32 26.53 -10.73
H1 EPJ M . 21.95 27.53 -11.78
H2C1 EPJ M . 21.80 28.81 -13.59
H2C2 EPJ M . 23.21 28.35 -14.16
H3 EPJ M . 21.65 27.23 -15.61
H4C1 EPJ M . 19.77 26.14 -14.68
H4C2 EPJ M . 19.88 27.35 -13.64
H5C1 EPJ M . 20.41 25.79 -12.03
H5C2 EPJ M . 20.56 24.64 -13.15
H6 EPJ M . 22.84 25.06 -12.45
HA EPJ M . 22.38 25.10 -14.80
H8 EPJ M . 24.71 29.00 -12.75
H9 EPJ M . 26.71 29.13 -11.60
H11 EPJ M . 23.71 25.85 -10.48
CA CA N . 1.35 3.22 -14.14
C1 NAG O . 47.48 42.69 -13.23
C2 NAG O . 47.92 44.02 -12.60
C3 NAG O . 48.70 44.87 -13.59
C4 NAG O . 49.80 44.06 -14.28
C5 NAG O . 49.21 42.79 -14.87
C6 NAG O . 50.24 41.90 -15.50
C7 NAG O . 46.47 44.88 -10.81
C8 NAG O . 45.22 45.68 -10.50
N2 NAG O . 46.77 44.75 -12.11
O3 NAG O . 49.29 45.97 -12.92
O4 NAG O . 50.39 44.82 -15.32
O5 NAG O . 48.59 42.04 -13.82
O6 NAG O . 51.12 41.36 -14.53
O7 NAG O . 47.16 44.38 -9.92
H2 NAG O . 48.50 43.82 -11.84
H3 NAG O . 48.09 45.20 -14.28
H4 NAG O . 50.49 43.83 -13.62
H5 NAG O . 48.53 43.04 -15.54
H61 NAG O . 50.76 42.41 -16.15
H62 NAG O . 49.78 41.17 -15.97
H81 NAG O . 44.59 45.11 -10.03
H82 NAG O . 45.46 46.44 -9.94
H83 NAG O . 44.83 45.98 -11.34
HN2 NAG O . 46.22 45.14 -12.72
HO3 NAG O . 48.64 46.52 -12.64
HO4 NAG O . 50.85 45.50 -14.99
HO6 NAG O . 50.68 41.24 -13.77
C1 NAG P . 38.76 44.16 12.57
C2 NAG P . 39.51 45.46 12.27
C3 NAG P . 39.71 46.25 13.56
C4 NAG P . 38.38 46.46 14.26
C5 NAG P . 37.68 45.13 14.46
C6 NAG P . 36.29 45.28 15.05
C7 NAG P . 41.73 44.43 12.18
C8 NAG P . 42.99 44.26 11.37
N2 NAG P . 40.78 45.19 11.63
O3 NAG P . 40.31 47.50 13.25
O4 NAG P . 38.59 47.08 15.52
O5 NAG P . 37.52 44.45 13.21
O6 NAG P . 35.38 45.78 14.09
O7 NAG P . 41.59 43.89 13.28
H2 NAG P . 38.96 45.99 11.66
H3 NAG P . 40.31 45.75 14.15
H4 NAG P . 37.82 47.03 13.71
H5 NAG P . 38.21 44.57 15.06
H61 NAG P . 36.33 45.90 15.81
H62 NAG P . 35.98 44.40 15.36
H81 NAG P . 43.62 43.71 11.88
H82 NAG P . 43.38 45.13 11.21
H83 NAG P . 42.77 43.83 10.52
HN2 NAG P . 40.94 45.56 10.81
HO3 NAG P . 41.13 47.38 12.96
HO4 NAG P . 39.00 47.86 15.41
HO6 NAG P . 35.18 45.15 13.51
C1 EPJ Q . 22.39 24.94 16.97
C2 EPJ Q . 21.94 26.37 17.36
C3 EPJ Q . 20.95 26.70 16.25
C4 EPJ Q . 19.75 25.75 16.32
C5 EPJ Q . 20.31 24.46 15.65
C6 EPJ Q . 21.81 24.80 15.54
N1 EPJ Q . 21.72 26.20 15.09
C7 EPJ Q . 23.87 24.59 17.07
C8 EPJ Q . 24.82 25.39 17.72
C9 EPJ Q . 26.14 25.00 17.76
C10 EPJ Q . 26.47 23.82 17.17
CL EPJ Q . 28.14 23.28 17.21
N2 EPJ Q . 25.63 23.03 16.56
C11 EPJ Q . 24.34 23.41 16.52
H1 EPJ Q . 21.93 24.30 17.59
H2C1 EPJ Q . 21.53 26.39 18.24
H2C2 EPJ Q . 22.70 27.00 17.35
H3 EPJ Q . 20.71 27.68 16.17
H4C1 EPJ Q . 18.97 26.11 15.83
H4C2 EPJ Q . 19.48 25.59 17.26
H5C1 EPJ Q . 20.16 23.66 16.21
H5C2 EPJ Q . 19.92 24.31 14.76
H6 EPJ Q . 22.33 24.23 14.92
HA EPJ Q . 21.34 26.33 14.30
H8 EPJ Q . 24.55 26.20 18.11
H9 EPJ Q . 26.77 25.54 18.18
H11 EPJ Q . 23.73 22.84 16.09
CA CA R . -1.58 14.37 -1.62
C1 NAG S . 48.14 35.33 26.11
C2 NAG S . 48.88 35.28 27.46
C3 NAG S . 49.51 36.65 27.78
C4 NAG S . 50.31 37.18 26.60
C5 NAG S . 49.44 37.19 25.35
C6 NAG S . 50.17 37.65 24.12
C7 NAG S . 48.00 33.69 29.11
C8 NAG S . 46.99 33.46 30.18
N2 NAG S . 47.98 34.89 28.53
O3 NAG S . 50.37 36.50 28.91
O4 NAG S . 50.73 38.51 26.87
O5 NAG S . 48.99 35.86 25.10
O6 NAG S . 51.17 36.71 23.75
O7 NAG S . 48.81 32.82 28.79
H2 NAG S . 49.59 34.63 27.39
H3 NAG S . 48.81 37.29 28.00
H4 NAG S . 51.09 36.62 26.45
H5 NAG S . 48.67 37.77 25.52
H61 NAG S . 50.59 38.51 24.30
H62 NAG S . 49.53 37.74 23.39
H81 NAG S . 46.41 32.72 29.93
H82 NAG S . 47.43 33.25 31.03
H83 NAG S . 46.45 34.26 30.29
HN2 NAG S . 47.36 35.49 28.81
HO3 NAG S . 49.89 36.32 29.64
HO4 NAG S . 51.34 38.52 27.52
HO6 NAG S . 50.91 35.89 23.97
C1 NAG T . 45.93 10.55 37.25
C2 NAG T . 46.74 11.40 38.22
C3 NAG T . 47.34 10.52 39.32
C4 NAG T . 46.25 9.72 40.00
C5 NAG T . 45.44 8.94 38.96
C6 NAG T . 44.27 8.20 39.56
C7 NAG T . 48.73 11.51 36.80
C8 NAG T . 49.73 12.42 36.13
N2 NAG T . 47.79 12.12 37.51
O3 NAG T . 48.00 11.35 40.27
O4 NAG T . 46.82 8.80 40.93
O5 NAG T . 44.91 9.83 37.98
O6 NAG T . 43.23 9.10 39.91
O7 NAG T . 48.78 10.29 36.67
H2 NAG T . 46.15 12.04 38.64
H3 NAG T . 47.98 9.91 38.93
H4 NAG T . 45.65 10.32 40.47
H5 NAG T . 46.03 8.30 38.52
H61 NAG T . 44.55 7.73 40.36
H62 NAG T . 43.92 7.56 38.90
H81 NAG T . 50.38 11.88 35.65
H82 NAG T . 50.18 12.94 36.82
H83 NAG T . 49.28 13.02 35.52
HN2 NAG T . 47.80 13.02 37.58
HO3 NAG T . 48.71 11.72 39.90
HO4 NAG T . 47.28 9.25 41.54
HO6 NAG T . 42.82 9.38 39.17
C1 EPJ U . 28.71 -3.07 24.01
C2 EPJ U . 28.56 -3.01 25.56
C3 EPJ U . 27.38 -2.04 25.72
C4 EPJ U . 26.12 -2.65 25.10
C5 EPJ U . 26.33 -2.38 23.58
C6 EPJ U . 27.78 -1.91 23.56
N1 EPJ U . 27.78 -1.02 24.74
C7 EPJ U . 30.11 -3.02 23.43
C8 EPJ U . 31.28 -3.16 24.19
C9 EPJ U . 32.52 -3.11 23.59
C10 EPJ U . 32.55 -2.92 22.24
CL EPJ U . 34.08 -2.85 21.41
N2 EPJ U . 31.49 -2.78 21.47
C11 EPJ U . 30.28 -2.83 22.07
H1 EPJ U . 28.33 -3.93 23.71
H2C1 EPJ U . 28.35 -3.89 25.93
H2C2 EPJ U . 29.35 -2.64 25.99
H3 EPJ U . 27.26 -1.67 26.64
H4C1 EPJ U . 25.30 -2.21 25.43
H4C2 EPJ U . 26.05 -3.62 25.29
H5C1 EPJ U . 26.22 -3.19 23.03
H5C2 EPJ U . 25.73 -1.68 23.24
H6 EPJ U . 28.08 -1.43 22.73
HA EPJ U . 27.24 -0.31 24.68
H8 EPJ U . 31.22 -3.30 25.11
H9 EPJ U . 33.29 -3.20 24.09
H11 EPJ U . 29.52 -2.74 21.53
CA CA V . -0.09 6.17 13.16
C1 NAG W . 57.06 -3.33 31.35
C2 NAG W . 58.09 -4.46 31.58
C3 NAG W . 58.95 -4.18 32.81
C4 NAG W . 59.51 -2.75 32.79
C5 NAG W . 58.39 -1.76 32.58
C6 NAG W . 58.86 -0.34 32.48
C7 NAG W . 57.43 -6.68 30.77
C8 NAG W . 56.68 -7.93 31.09
N2 NAG W . 57.42 -5.73 31.71
O3 NAG W . 60.03 -5.11 32.85
O4 NAG W . 60.16 -2.46 34.02
O5 NAG W . 57.72 -2.07 31.35
O6 NAG W . 59.61 -0.13 31.30
O7 NAG W . 58.02 -6.53 29.71
H2 NAG W . 58.68 -4.49 30.79
H3 NAG W . 58.41 -4.28 33.61
H4 NAG W . 60.16 -2.67 32.06
H5 NAG W . 57.75 -1.85 33.32
H61 NAG W . 59.42 -0.12 33.25
H62 NAG W . 58.08 0.26 32.47
H81 NAG W . 55.97 -8.06 30.44
H82 NAG W . 57.28 -8.70 31.07
H83 NAG W . 56.28 -7.85 31.98
HN2 NAG W . 56.97 -5.90 32.48
HO3 NAG W . 59.70 -5.92 33.01
HO4 NAG W . 60.89 -2.96 34.10
HO6 NAG W . 59.31 -0.67 30.65
C1 NAG X . 54.37 -22.52 12.16
C2 NAG X . 55.49 -22.97 13.09
C3 NAG X . 56.21 -24.17 12.50
C4 NAG X . 55.21 -25.28 12.18
C5 NAG X . 54.10 -24.73 11.29
C6 NAG X . 53.01 -25.75 11.03
C7 NAG X . 57.09 -21.25 12.36
C8 NAG X . 58.02 -20.16 12.80
N2 NAG X . 56.42 -21.89 13.34
O3 NAG X . 57.18 -24.65 13.43
O4 NAG X . 55.86 -26.34 11.49
O5 NAG X . 53.47 -23.61 11.92
O6 NAG X . 52.20 -25.94 12.18
O7 NAG X . 56.94 -21.55 11.18
H2 NAG X . 55.09 -23.24 13.94
H3 NAG X . 56.66 -23.90 11.68
H4 NAG X . 54.83 -25.61 13.01
H5 NAG X . 54.48 -24.45 10.44
H61 NAG X . 53.42 -26.59 10.77
H62 NAG X . 52.45 -25.42 10.29
H81 NAG X . 58.46 -19.79 12.02
H82 NAG X . 58.68 -20.53 13.41
H83 NAG X . 57.51 -19.46 13.25
HN2 NAG X . 56.57 -21.62 14.20
HO3 NAG X . 57.82 -24.05 13.52
HO4 NAG X . 56.51 -26.66 12.01
HO6 NAG X . 51.68 -25.24 12.29
C1 EPJ Y . 32.92 -18.07 -1.16
C2 EPJ Y . 33.15 -19.49 -0.59
C3 EPJ Y . 32.17 -19.52 0.59
C4 EPJ Y . 30.73 -19.38 0.08
C5 EPJ Y . 30.63 -17.85 -0.18
C6 EPJ Y . 32.08 -17.41 -0.03
N1 EPJ Y . 32.46 -18.20 1.16
C7 EPJ Y . 34.15 -17.26 -1.56
C8 EPJ Y . 35.42 -17.80 -1.70
C9 EPJ Y . 36.48 -17.00 -2.09
C10 EPJ Y . 36.22 -15.68 -2.33
CL EPJ Y . 37.53 -14.63 -2.82
N2 EPJ Y . 35.04 -15.13 -2.22
C11 EPJ Y . 34.02 -15.91 -1.85
H1 EPJ Y . 32.38 -18.15 -1.99
H2C1 EPJ Y . 32.93 -20.18 -1.26
H2C2 EPJ Y . 34.07 -19.62 -0.28
H3 EPJ Y . 32.32 -20.27 1.25
H4C1 EPJ Y . 30.09 -19.68 0.76
H4C2 EPJ Y . 30.59 -19.90 -0.74
H5C1 EPJ Y . 30.28 -17.66 -1.09
H5C2 EPJ Y . 30.04 -17.41 0.50
H6 EPJ Y . 32.22 -16.43 0.10
HA EPJ Y . 32.03 -18.00 1.91
H8 EPJ Y . 35.57 -18.71 -1.53
H9 EPJ Y . 37.34 -17.36 -2.17
H11 EPJ Y . 33.16 -15.52 -1.78
CA CA Z . 3.82 -10.03 9.83
C1 NAG AA . 61.89 -19.96 -4.78
C2 NAG AA . 62.79 -20.37 -5.96
C3 NAG AA . 63.94 -21.26 -5.48
C4 NAG AA . 64.66 -20.66 -4.29
C5 NAG AA . 63.65 -20.33 -3.20
C6 NAG AA . 64.27 -19.66 -2.00
C7 NAG AA . 61.68 -20.51 -8.15
C8 NAG AA . 60.87 -21.37 -9.06
N2 NAG AA . 62.01 -21.05 -6.97
O3 NAG AA . 64.87 -21.43 -6.55
O4 NAG AA . 65.61 -21.58 -3.76
O5 NAG AA . 62.69 -19.41 -3.73
O6 NAG AA . 64.75 -18.35 -2.33
O7 NAG AA . 62.01 -19.37 -8.45
H2 NAG AA . 63.18 -19.56 -6.35
H3 NAG AA . 63.59 -22.13 -5.24
H4 NAG AA . 65.13 -19.84 -4.56
H5 NAG AA . 63.20 -21.14 -2.92
H61 NAG AA . 65.01 -20.20 -1.67
H62 NAG AA . 63.60 -19.58 -1.30
H81 NAG AA . 60.01 -20.94 -9.24
H82 NAG AA . 61.34 -21.51 -9.90
H83 NAG AA . 60.70 -22.24 -8.63
HN2 NAG AA . 61.73 -21.90 -6.80
HO3 NAG AA . 64.49 -21.92 -7.20
HO4 NAG AA . 66.27 -21.69 -4.33
HO6 NAG AA . 64.24 -18.01 -2.95
C1 NAG BA . 52.35 -9.35 -28.01
C2 NAG BA . 53.59 -10.15 -28.36
C3 NAG BA . 53.98 -9.89 -29.81
C4 NAG BA . 52.81 -10.15 -30.74
C5 NAG BA . 51.60 -9.35 -30.28
C6 NAG BA . 50.35 -9.64 -31.08
C7 NAG BA . 55.18 -8.61 -27.31
C8 NAG BA . 56.31 -8.47 -26.35
N2 NAG BA . 54.68 -9.85 -27.46
O3 NAG BA . 55.07 -10.74 -30.16
O4 NAG BA . 53.14 -9.77 -32.07
O5 NAG BA . 51.30 -9.66 -28.91
O6 NAG BA . 49.82 -10.92 -30.76
O7 NAG BA . 54.72 -7.65 -27.92
H2 NAG BA . 53.36 -11.10 -28.28
H3 NAG BA . 54.26 -8.96 -29.90
H4 NAG BA . 52.59 -11.10 -30.71
H5 NAG BA . 51.81 -8.40 -30.35
H61 NAG BA . 50.58 -9.63 -32.03
H62 NAG BA . 49.68 -8.96 -30.91
H81 NAG BA . 56.61 -7.55 -26.32
H82 NAG BA . 57.05 -9.05 -26.63
H83 NAG BA . 56.01 -8.74 -25.46
HN2 NAG BA . 55.06 -10.53 -26.99
HO3 NAG BA . 55.79 -10.50 -29.71
HO4 NAG BA . 53.85 -10.25 -32.34
HO6 NAG BA . 49.43 -10.87 -29.96
C1 EPJ CA . 29.15 0.68 -23.71
C2 EPJ CA . 29.31 -0.30 -24.91
C3 EPJ CA . 28.65 -1.57 -24.37
C4 EPJ CA . 27.15 -1.31 -24.12
C5 EPJ CA . 27.19 -0.56 -22.74
C6 EPJ CA . 28.68 -0.29 -22.58
N1 EPJ CA . 29.22 -1.59 -23.02
C7 EPJ CA . 30.34 1.54 -23.33
C8 EPJ CA . 31.47 1.71 -24.12
C9 EPJ CA . 32.50 2.53 -23.72
C10 EPJ CA . 32.36 3.16 -22.51
CL EPJ CA . 33.63 4.20 -21.94
N2 EPJ CA . 31.32 3.04 -21.72
C11 EPJ CA . 30.31 2.25 -22.13
H1 EPJ CA . 28.41 1.31 -23.93
H2C1 EPJ CA . 28.85 0.04 -25.70
H2C2 EPJ CA . 30.25 -0.46 -25.12
H3 EPJ CA . 28.84 -2.40 -24.90
H4C1 EPJ CA . 26.65 -2.15 -24.05
H4C2 EPJ CA . 26.75 -0.75 -24.82
H5C1 EPJ CA . 26.66 0.28 -22.77
H5C2 EPJ CA . 26.84 -1.13 -22.01
H6 EPJ CA . 28.97 -0.05 -21.66
HA EPJ CA . 29.00 -2.28 -22.52
H8 EPJ CA . 31.53 1.26 -24.94
H9 EPJ CA . 33.26 2.63 -24.24
H11 EPJ CA . 29.56 2.17 -21.57
CA CA DA . 4.69 -11.84 -7.05
#